data_6B76
#
_entry.id   6B76
#
_cell.length_a   89.870
_cell.length_b   96.830
_cell.length_c   248.300
_cell.angle_alpha   90.00
_cell.angle_beta   90.00
_cell.angle_gamma   90.00
#
_symmetry.space_group_name_H-M   'P 21 21 21'
#
loop_
_entity.id
_entity.type
_entity.pdbx_description
1 polymer 'Nicotinamide phosphoribosyltransferase'
2 non-polymer (1S,2S)-N-{4-[(1S)-1-(propanoylamino)ethyl]phenyl}-2-(pyridin-3-yl)cyclopropane-1-carboxamide
3 non-polymer 'PHOSPHATE ION'
4 water water
#
_entity_poly.entity_id   1
_entity_poly.type   'polypeptide(L)'
_entity_poly.pdbx_seq_one_letter_code
;MNPAAEAEFNILLATDSYKVTHYKQYPPNTSKVYSYFECREKKTENSKLRKVKYEETVFYGLQYILNKYLKGKVVTKEKI
QEAKDVYKEHFQDDVFNEKGWNYILEKYDGHLPIEIKAVPEGFVIPRGNVLFTVENTDPECYWLTNWIETILVQSWYPIT
VATNSREQKKILAKYLLETSGNLDGLEYKLHDFGYRGVSSQETAGIGASAHLVNFKGTDTVAGLALIKKYYGTKDPVPGY
SVPAAEHSTITAWGKDHEKDAFEHIVTQFSSVPVSVVSDSYDIYNACEKIWGEDLRHLIVSRSTQAPLIIRPDSGNPLDT
VLKVLEILGKKFPVTENSKGYKLLPPYLRVIQGDGVDINTLQEIVEGMKQKMWSIENIAFGSGGGLLQKLTRDLLNCSFK
CSYVVTNGLGINVFKDPVADPNKRSKKGRLSLHRTPAGNFVTLEEGKGDLEEYGQDLLHTVFKNGKVTKSYSFDEIRKNA
QLNIELEAAHHLEHHHHHHHH
;
_entity_poly.pdbx_strand_id   A,B,C,D
#
loop_
_chem_comp.id
_chem_comp.type
_chem_comp.name
_chem_comp.formula
CVJ non-polymer (1S,2S)-N-{4-[(1S)-1-(propanoylamino)ethyl]phenyl}-2-(pyridin-3-yl)cyclopropane-1-carboxamide 'C20 H23 N3 O2'
PO4 non-polymer 'PHOSPHATE ION' 'O4 P -3'
#
# COMPACT_ATOMS: atom_id res chain seq x y z
N GLU A 8 -0.97 11.07 -0.49
CA GLU A 8 -1.71 11.25 0.76
C GLU A 8 -1.87 12.75 1.15
N PHE A 9 -2.82 13.03 2.08
CA PHE A 9 -3.20 14.38 2.55
C PHE A 9 -2.12 15.15 3.29
N ASN A 10 -1.94 16.41 2.87
CA ASN A 10 -1.00 17.34 3.45
C ASN A 10 -1.72 18.66 3.73
N ILE A 11 -1.99 18.95 5.02
CA ILE A 11 -2.66 20.17 5.50
C ILE A 11 -1.99 21.44 4.98
N LEU A 12 -0.68 21.40 4.74
CA LEU A 12 0.12 22.53 4.26
C LEU A 12 -0.22 22.89 2.81
N LEU A 13 -0.88 21.97 2.08
CA LEU A 13 -1.33 22.13 0.69
C LEU A 13 -2.89 22.08 0.57
N ALA A 14 -3.60 22.23 1.72
CA ALA A 14 -5.05 22.17 1.82
C ALA A 14 -5.66 23.52 2.25
N THR A 15 -5.14 24.61 1.68
CA THR A 15 -5.62 25.97 1.93
C THR A 15 -5.69 26.72 0.60
N ASP A 16 -6.31 27.93 0.60
CA ASP A 16 -6.33 28.82 -0.56
C ASP A 16 -4.93 29.40 -0.66
N SER A 17 -4.33 29.46 -1.87
CA SER A 17 -2.95 29.93 -2.04
C SER A 17 -2.63 31.21 -1.31
N TYR A 18 -3.52 32.19 -1.38
CA TYR A 18 -3.25 33.47 -0.77
C TYR A 18 -3.03 33.41 0.75
N LYS A 19 -3.58 32.37 1.42
CA LYS A 19 -3.46 32.23 2.87
C LYS A 19 -2.03 31.93 3.33
N VAL A 20 -1.21 31.39 2.43
CA VAL A 20 0.21 31.06 2.60
C VAL A 20 0.99 32.30 2.90
N THR A 21 0.48 33.46 2.39
CA THR A 21 1.08 34.80 2.48
C THR A 21 0.54 35.66 3.65
N HIS A 22 -0.55 35.25 4.30
CA HIS A 22 -1.25 36.04 5.32
C HIS A 22 -0.51 36.30 6.64
N TYR A 23 0.42 35.42 7.05
CA TYR A 23 1.20 35.63 8.29
C TYR A 23 1.97 36.98 8.31
N LYS A 24 2.34 37.44 7.09
CA LYS A 24 3.06 38.68 6.81
C LYS A 24 2.13 39.88 6.71
N GLN A 25 0.80 39.67 6.79
CA GLN A 25 -0.18 40.75 6.65
C GLN A 25 -0.90 41.19 7.92
N TYR A 26 -0.86 40.38 9.01
CA TYR A 26 -1.53 40.74 10.25
C TYR A 26 -0.75 41.84 10.98
N PRO A 27 -1.35 42.66 11.89
CA PRO A 27 -0.53 43.66 12.60
C PRO A 27 0.64 43.01 13.30
N PRO A 28 1.81 43.66 13.31
CA PRO A 28 2.96 43.10 14.05
C PRO A 28 2.55 42.81 15.50
N ASN A 29 3.02 41.68 16.06
CA ASN A 29 2.83 41.23 17.45
C ASN A 29 1.39 40.76 17.79
N THR A 30 0.69 40.17 16.79
CA THR A 30 -0.63 39.55 16.91
C THR A 30 -0.42 38.19 17.57
N SER A 31 -1.07 37.97 18.70
CA SER A 31 -0.93 36.71 19.45
C SER A 31 -2.17 35.82 19.37
N LYS A 32 -3.28 36.38 18.89
CA LYS A 32 -4.56 35.70 18.79
C LYS A 32 -5.35 36.26 17.62
N VAL A 33 -5.82 35.34 16.78
CA VAL A 33 -6.75 35.55 15.70
C VAL A 33 -7.85 34.56 16.09
N TYR A 34 -9.05 35.08 16.37
CA TYR A 34 -10.24 34.34 16.76
C TYR A 34 -11.29 34.59 15.72
N SER A 35 -11.84 33.49 15.20
CA SER A 35 -12.80 33.49 14.11
C SER A 35 -13.98 32.58 14.41
N TYR A 36 -15.08 32.81 13.69
CA TYR A 36 -16.33 32.08 13.83
C TYR A 36 -16.96 31.75 12.48
N PHE A 37 -17.86 30.77 12.49
CA PHE A 37 -18.65 30.36 11.33
C PHE A 37 -20.11 30.58 11.62
N GLU A 38 -20.86 30.99 10.60
CA GLU A 38 -22.32 31.13 10.68
C GLU A 38 -22.98 30.93 9.31
N CYS A 39 -24.29 30.78 9.34
CA CYS A 39 -25.14 30.77 8.17
C CYS A 39 -25.84 32.11 8.25
N ARG A 40 -25.27 33.10 7.59
CA ARG A 40 -25.76 34.49 7.64
C ARG A 40 -27.21 34.63 7.22
N GLU A 41 -27.91 35.60 7.80
CA GLU A 41 -29.30 35.92 7.47
C GLU A 41 -29.33 36.58 6.08
N LYS A 42 -30.16 36.05 5.14
CA LYS A 42 -30.28 36.53 3.76
C LYS A 42 -30.94 37.90 3.69
N LYS A 51 -37.33 30.56 -3.48
CA LYS A 51 -38.64 30.71 -2.85
C LYS A 51 -38.77 29.97 -1.49
N VAL A 52 -37.79 29.06 -1.17
CA VAL A 52 -37.68 28.32 0.09
C VAL A 52 -36.76 29.18 0.97
N LYS A 53 -37.20 29.49 2.20
CA LYS A 53 -36.49 30.41 3.09
C LYS A 53 -35.30 29.80 3.83
N TYR A 54 -35.43 28.52 4.33
CA TYR A 54 -34.40 27.84 5.13
C TYR A 54 -34.05 28.75 6.34
N GLU A 55 -35.01 28.98 7.23
CA GLU A 55 -34.83 29.87 8.37
C GLU A 55 -33.97 29.26 9.48
N GLU A 56 -33.94 27.92 9.55
CA GLU A 56 -33.18 27.12 10.49
C GLU A 56 -32.33 26.08 9.77
N THR A 57 -31.13 25.83 10.29
CA THR A 57 -30.14 24.94 9.71
C THR A 57 -29.78 23.80 10.68
N VAL A 58 -29.42 22.63 10.13
CA VAL A 58 -28.95 21.48 10.89
C VAL A 58 -27.40 21.57 10.95
N PHE A 59 -26.82 21.64 12.15
CA PHE A 59 -25.36 21.67 12.23
C PHE A 59 -24.82 20.25 12.17
N TYR A 60 -24.11 19.90 11.08
CA TYR A 60 -23.60 18.56 10.87
C TYR A 60 -22.41 18.55 9.94
N GLY A 61 -21.43 17.68 10.22
CA GLY A 61 -20.28 17.45 9.35
C GLY A 61 -18.90 17.80 9.86
N LEU A 62 -18.81 18.67 10.86
CA LEU A 62 -17.54 19.11 11.43
C LEU A 62 -16.68 17.97 12.00
N GLN A 63 -17.32 17.03 12.71
CA GLN A 63 -16.67 15.88 13.31
C GLN A 63 -15.95 15.08 12.22
N TYR A 64 -16.56 14.94 11.02
CA TYR A 64 -15.85 14.28 9.93
C TYR A 64 -14.54 15.02 9.60
N ILE A 65 -14.60 16.38 9.47
CA ILE A 65 -13.41 17.21 9.17
C ILE A 65 -12.37 17.11 10.29
N LEU A 66 -12.80 17.20 11.55
CA LEU A 66 -11.91 17.10 12.72
C LEU A 66 -11.05 15.84 12.71
N ASN A 67 -11.67 14.69 12.47
CA ASN A 67 -11.03 13.37 12.44
C ASN A 67 -10.22 13.09 11.24
N LYS A 68 -10.78 13.33 10.08
CA LYS A 68 -10.07 13.03 8.84
C LYS A 68 -8.90 13.96 8.58
N TYR A 69 -9.00 15.25 8.98
CA TYR A 69 -7.94 16.15 8.55
C TYR A 69 -7.19 16.95 9.59
N LEU A 70 -7.76 17.17 10.75
CA LEU A 70 -7.11 18.06 11.72
C LEU A 70 -6.49 17.37 12.93
N LYS A 71 -6.95 16.17 13.30
CA LYS A 71 -6.45 15.46 14.49
C LYS A 71 -5.12 14.74 14.26
N GLY A 72 -4.32 14.65 15.34
CA GLY A 72 -3.05 13.94 15.39
C GLY A 72 -1.86 14.68 14.83
N LYS A 73 -0.85 13.91 14.37
CA LYS A 73 0.37 14.42 13.79
C LYS A 73 0.07 14.70 12.34
N VAL A 74 -0.23 15.97 12.06
CA VAL A 74 -0.61 16.41 10.71
C VAL A 74 0.53 17.20 10.05
N VAL A 75 1.58 17.54 10.82
CA VAL A 75 2.75 18.21 10.26
C VAL A 75 3.91 17.21 10.35
N THR A 76 4.66 17.04 9.26
CA THR A 76 5.87 16.19 9.23
C THR A 76 6.93 16.94 8.44
N LYS A 77 8.21 16.53 8.54
CA LYS A 77 9.29 17.19 7.80
C LYS A 77 9.12 16.98 6.28
N GLU A 78 8.63 15.80 5.87
CA GLU A 78 8.33 15.48 4.47
C GLU A 78 7.19 16.42 3.94
N LYS A 79 6.15 16.66 4.77
CA LYS A 79 5.01 17.52 4.41
C LYS A 79 5.42 18.99 4.23
N ILE A 80 6.30 19.52 5.14
CA ILE A 80 6.88 20.87 5.11
C ILE A 80 7.73 21.06 3.85
N GLN A 81 8.60 20.10 3.53
CA GLN A 81 9.47 20.09 2.37
C GLN A 81 8.65 20.04 1.06
N GLU A 82 7.64 19.15 0.98
CA GLU A 82 6.73 19.00 -0.15
C GLU A 82 6.01 20.32 -0.43
N ALA A 83 5.55 21.03 0.63
CA ALA A 83 4.85 22.31 0.49
C ALA A 83 5.77 23.42 0.03
N LYS A 84 6.99 23.47 0.61
CA LYS A 84 8.02 24.46 0.30
C LYS A 84 8.33 24.50 -1.19
N ASP A 85 8.64 23.34 -1.77
CA ASP A 85 8.99 23.17 -3.20
C ASP A 85 7.83 23.51 -4.12
N VAL A 86 6.61 23.13 -3.72
CA VAL A 86 5.38 23.42 -4.47
C VAL A 86 5.10 24.93 -4.50
N TYR A 87 5.09 25.63 -3.35
CA TYR A 87 4.78 27.06 -3.28
C TYR A 87 5.86 27.97 -3.90
N LYS A 88 7.16 27.55 -3.86
CA LYS A 88 8.26 28.28 -4.51
C LYS A 88 7.99 28.37 -6.02
N GLU A 89 7.47 27.29 -6.61
CA GLU A 89 7.13 27.27 -8.03
C GLU A 89 5.79 27.96 -8.32
N HIS A 90 4.79 27.73 -7.46
CA HIS A 90 3.44 28.26 -7.56
C HIS A 90 3.38 29.78 -7.40
N PHE A 91 4.21 30.33 -6.51
CA PHE A 91 4.27 31.78 -6.30
C PHE A 91 5.42 32.44 -7.09
N GLN A 92 6.39 31.62 -7.59
CA GLN A 92 7.59 32.06 -8.32
C GLN A 92 8.35 33.05 -7.40
N ASP A 93 8.39 32.68 -6.09
CA ASP A 93 8.95 33.44 -4.98
C ASP A 93 8.87 32.61 -3.71
N ASP A 94 9.70 32.97 -2.71
CA ASP A 94 9.68 32.33 -1.42
C ASP A 94 8.84 33.18 -0.45
N VAL A 95 7.63 32.69 -0.14
CA VAL A 95 6.70 33.36 0.76
C VAL A 95 6.20 32.36 1.81
N PHE A 96 6.37 31.06 1.56
CA PHE A 96 5.97 30.01 2.48
C PHE A 96 6.63 30.15 3.89
N ASN A 97 5.82 30.01 4.96
CA ASN A 97 6.24 30.13 6.36
C ASN A 97 6.76 28.82 6.92
N GLU A 98 7.94 28.41 6.41
CA GLU A 98 8.64 27.20 6.82
C GLU A 98 8.94 27.20 8.32
N LYS A 99 9.29 28.37 8.87
CA LYS A 99 9.61 28.61 10.28
C LYS A 99 8.45 28.31 11.21
N GLY A 100 7.27 28.82 10.87
CA GLY A 100 6.02 28.65 11.61
C GLY A 100 5.51 27.22 11.67
N TRP A 101 5.61 26.50 10.54
CA TRP A 101 5.23 25.09 10.44
C TRP A 101 6.22 24.19 11.17
N ASN A 102 7.52 24.52 11.09
CA ASN A 102 8.57 23.80 11.81
C ASN A 102 8.39 23.97 13.32
N TYR A 103 7.88 25.14 13.74
CA TYR A 103 7.60 25.40 15.15
C TYR A 103 6.51 24.43 15.68
N ILE A 104 5.41 24.25 14.93
CA ILE A 104 4.35 23.33 15.29
C ILE A 104 4.94 21.90 15.41
N LEU A 105 5.75 21.49 14.43
CA LEU A 105 6.39 20.18 14.42
C LEU A 105 7.33 19.96 15.63
N GLU A 106 8.19 20.94 15.93
CA GLU A 106 9.13 20.79 17.06
C GLU A 106 8.47 20.93 18.41
N LYS A 107 7.65 21.98 18.61
CA LYS A 107 7.05 22.20 19.92
C LYS A 107 5.90 21.29 20.24
N TYR A 108 5.12 20.85 19.24
CA TYR A 108 3.91 20.06 19.48
C TYR A 108 3.82 18.69 18.80
N ASP A 109 4.93 18.18 18.23
CA ASP A 109 4.95 16.89 17.52
C ASP A 109 3.95 16.89 16.32
N GLY A 110 3.88 18.02 15.64
CA GLY A 110 3.01 18.21 14.49
C GLY A 110 1.52 18.29 14.73
N HIS A 111 1.10 18.48 15.99
CA HIS A 111 -0.30 18.61 16.44
C HIS A 111 -0.65 20.10 16.42
N LEU A 112 -1.84 20.47 15.89
CA LEU A 112 -2.24 21.86 15.75
C LEU A 112 -2.60 22.57 17.01
N PRO A 113 -1.89 23.66 17.36
CA PRO A 113 -2.29 24.43 18.55
C PRO A 113 -3.51 25.32 18.25
N ILE A 114 -4.66 24.65 18.08
CA ILE A 114 -5.96 25.23 17.77
C ILE A 114 -7.05 24.71 18.72
N GLU A 115 -8.01 25.58 19.08
CA GLU A 115 -9.17 25.20 19.87
C GLU A 115 -10.44 25.52 19.07
N ILE A 116 -11.29 24.51 18.86
CA ILE A 116 -12.56 24.65 18.17
C ILE A 116 -13.71 24.38 19.14
N LYS A 117 -14.66 25.32 19.22
CA LYS A 117 -15.89 25.21 20.02
C LYS A 117 -17.08 25.18 19.04
N ALA A 118 -18.03 24.26 19.25
CA ALA A 118 -19.15 24.14 18.34
C ALA A 118 -20.39 23.76 19.06
N VAL A 119 -21.52 24.03 18.44
CA VAL A 119 -22.84 23.67 18.95
C VAL A 119 -22.95 22.13 18.72
N PRO A 120 -23.66 21.34 19.56
CA PRO A 120 -23.71 19.88 19.28
C PRO A 120 -24.22 19.54 17.88
N GLU A 121 -23.60 18.50 17.24
CA GLU A 121 -24.04 18.09 15.90
C GLU A 121 -25.47 17.56 15.93
N GLY A 122 -26.23 17.95 14.90
CA GLY A 122 -27.63 17.64 14.72
C GLY A 122 -28.52 18.77 15.17
N PHE A 123 -27.97 19.72 15.97
CA PHE A 123 -28.74 20.85 16.47
C PHE A 123 -29.28 21.71 15.33
N VAL A 124 -30.53 22.11 15.48
CA VAL A 124 -31.29 22.93 14.54
C VAL A 124 -31.32 24.32 15.15
N ILE A 125 -30.61 25.23 14.49
CA ILE A 125 -30.40 26.60 14.93
C ILE A 125 -30.90 27.55 13.83
N PRO A 126 -31.57 28.65 14.23
CA PRO A 126 -31.97 29.69 13.26
C PRO A 126 -30.74 30.39 12.67
N ARG A 127 -30.89 30.92 11.46
CA ARG A 127 -29.90 31.66 10.71
C ARG A 127 -29.37 32.87 11.50
N GLY A 128 -28.08 33.14 11.31
CA GLY A 128 -27.37 34.25 11.93
C GLY A 128 -26.84 34.00 13.33
N ASN A 129 -26.57 32.75 13.68
CA ASN A 129 -26.03 32.43 15.00
C ASN A 129 -24.70 31.79 14.81
N VAL A 130 -23.81 31.95 15.79
CA VAL A 130 -22.50 31.31 15.78
C VAL A 130 -22.71 29.78 15.87
N LEU A 131 -22.07 29.01 14.99
CA LEU A 131 -22.14 27.54 14.97
C LEU A 131 -20.87 26.92 15.54
N PHE A 132 -19.72 27.53 15.18
CA PHE A 132 -18.45 27.16 15.73
C PHE A 132 -17.47 28.32 15.73
N THR A 133 -16.48 28.27 16.65
CA THR A 133 -15.40 29.23 16.77
C THR A 133 -14.05 28.51 16.63
N VAL A 134 -13.05 29.22 16.12
CA VAL A 134 -11.68 28.75 15.94
C VAL A 134 -10.75 29.82 16.52
N GLU A 135 -9.81 29.42 17.36
CA GLU A 135 -8.76 30.27 17.90
C GLU A 135 -7.48 29.43 18.08
N ASN A 136 -6.31 30.07 17.96
CA ASN A 136 -5.00 29.46 18.20
C ASN A 136 -4.70 29.52 19.72
N THR A 137 -4.15 28.42 20.26
CA THR A 137 -3.80 28.28 21.68
C THR A 137 -2.35 28.76 21.97
N ASP A 138 -1.51 28.88 20.92
CA ASP A 138 -0.14 29.36 21.01
C ASP A 138 -0.01 30.72 20.29
N PRO A 139 0.50 31.77 20.97
CA PRO A 139 0.68 33.09 20.31
C PRO A 139 1.44 33.12 18.98
N GLU A 140 2.36 32.16 18.79
CA GLU A 140 3.19 32.02 17.58
C GLU A 140 2.36 31.56 16.38
N CYS A 141 1.23 30.91 16.69
CA CYS A 141 0.37 30.31 15.68
C CYS A 141 -0.88 31.12 15.41
N TYR A 142 -0.79 32.46 15.56
CA TYR A 142 -1.87 33.42 15.31
C TYR A 142 -2.40 33.27 13.85
N TRP A 143 -1.50 32.89 12.91
CA TRP A 143 -1.73 32.70 11.48
C TRP A 143 -2.44 31.38 11.18
N LEU A 144 -2.37 30.41 12.11
CA LEU A 144 -2.98 29.10 11.87
C LEU A 144 -4.50 29.14 11.89
N THR A 145 -5.10 30.04 12.67
CA THR A 145 -6.58 30.14 12.72
C THR A 145 -7.22 30.22 11.33
N ASN A 146 -6.78 31.19 10.50
CA ASN A 146 -7.41 31.38 9.22
C ASN A 146 -6.80 30.54 8.13
N TRP A 147 -5.65 29.85 8.42
CA TRP A 147 -5.07 28.92 7.47
C TRP A 147 -6.12 27.82 7.17
N ILE A 148 -6.73 27.31 8.26
CA ILE A 148 -7.70 26.21 8.23
C ILE A 148 -9.14 26.69 7.96
N GLU A 149 -9.32 27.93 7.43
CA GLU A 149 -10.64 28.42 7.10
C GLU A 149 -11.25 27.54 5.99
N THR A 150 -10.48 27.33 4.91
CA THR A 150 -10.81 26.62 3.69
C THR A 150 -11.37 25.23 3.96
N ILE A 151 -10.65 24.45 4.76
CA ILE A 151 -11.02 23.07 5.12
C ILE A 151 -12.29 23.03 6.03
N LEU A 152 -12.43 24.03 6.91
CA LEU A 152 -13.54 24.15 7.85
C LEU A 152 -14.82 24.67 7.18
N VAL A 153 -14.72 25.66 6.28
CA VAL A 153 -15.83 26.27 5.53
C VAL A 153 -16.52 25.24 4.64
N GLN A 154 -15.82 24.15 4.26
CA GLN A 154 -16.39 23.04 3.50
C GLN A 154 -17.48 22.30 4.28
N SER A 155 -17.61 22.59 5.58
CA SER A 155 -18.69 22.04 6.41
C SER A 155 -20.05 22.59 5.94
N TRP A 156 -20.05 23.60 5.02
CA TRP A 156 -21.26 24.20 4.44
C TRP A 156 -22.05 23.09 3.75
N TYR A 157 -21.34 22.14 3.15
CA TYR A 157 -21.91 21.07 2.33
C TYR A 157 -22.69 20.11 3.19
N PRO A 158 -22.12 19.38 4.20
CA PRO A 158 -22.98 18.51 5.02
C PRO A 158 -24.09 19.31 5.72
N ILE A 159 -23.85 20.58 6.09
CA ILE A 159 -24.85 21.48 6.70
C ILE A 159 -26.03 21.71 5.79
N THR A 160 -25.77 22.11 4.52
CA THR A 160 -26.77 22.42 3.46
C THR A 160 -27.55 21.21 3.02
N VAL A 161 -26.90 20.03 2.86
CA VAL A 161 -27.56 18.77 2.51
C VAL A 161 -28.54 18.35 3.61
N ALA A 162 -28.07 18.35 4.88
CA ALA A 162 -28.89 17.98 6.03
C ALA A 162 -30.10 18.94 6.22
N THR A 163 -29.87 20.23 6.08
CA THR A 163 -30.86 21.30 6.16
C THR A 163 -31.92 21.16 5.04
N ASN A 164 -31.48 21.11 3.77
CA ASN A 164 -32.37 20.98 2.61
C ASN A 164 -33.16 19.65 2.59
N SER A 165 -32.56 18.56 3.12
CA SER A 165 -33.17 17.26 3.26
C SER A 165 -34.23 17.33 4.37
N ARG A 166 -33.94 18.07 5.49
CA ARG A 166 -34.89 18.21 6.60
C ARG A 166 -36.11 19.04 6.17
N GLU A 167 -35.89 20.07 5.37
CA GLU A 167 -36.92 20.94 4.79
C GLU A 167 -37.88 20.15 3.91
N GLN A 168 -37.36 19.18 3.13
CA GLN A 168 -38.16 18.29 2.29
C GLN A 168 -38.90 17.26 3.13
N LYS A 169 -38.39 16.98 4.35
CA LYS A 169 -39.06 16.07 5.30
C LYS A 169 -40.26 16.78 5.93
N LYS A 170 -40.19 18.13 6.04
CA LYS A 170 -41.24 19.00 6.57
C LYS A 170 -42.40 18.98 5.60
N ILE A 171 -42.12 19.17 4.30
CA ILE A 171 -43.06 19.13 3.17
C ILE A 171 -43.77 17.76 3.16
N LEU A 172 -43.01 16.63 3.10
CA LEU A 172 -43.56 15.27 3.10
C LEU A 172 -44.37 14.98 4.33
N ALA A 173 -43.95 15.47 5.50
CA ALA A 173 -44.63 15.25 6.78
C ALA A 173 -45.99 15.95 6.82
N LYS A 174 -46.06 17.16 6.23
CA LYS A 174 -47.29 17.94 6.15
C LYS A 174 -48.33 17.14 5.37
N TYR A 175 -48.01 16.82 4.10
CA TYR A 175 -48.90 16.12 3.16
C TYR A 175 -49.20 14.69 3.53
N LEU A 176 -48.26 13.97 4.18
CA LEU A 176 -48.53 12.61 4.64
C LEU A 176 -49.66 12.68 5.67
N LEU A 177 -49.49 13.47 6.74
CA LEU A 177 -50.50 13.69 7.80
C LEU A 177 -51.82 14.26 7.26
N GLU A 178 -51.77 15.25 6.36
CA GLU A 178 -52.93 15.90 5.73
C GLU A 178 -53.82 14.88 4.96
N THR A 179 -53.19 14.00 4.14
CA THR A 179 -53.84 12.99 3.30
C THR A 179 -53.91 11.59 3.90
N SER A 180 -53.43 11.36 5.13
CA SER A 180 -53.46 10.02 5.71
C SER A 180 -53.70 9.96 7.24
N GLY A 181 -53.46 11.07 7.94
CA GLY A 181 -53.62 11.16 9.37
C GLY A 181 -52.56 10.48 10.22
N ASN A 182 -51.38 10.17 9.62
CA ASN A 182 -50.22 9.53 10.28
C ASN A 182 -48.92 9.80 9.50
N LEU A 183 -47.75 9.55 10.15
CA LEU A 183 -46.43 9.72 9.55
C LEU A 183 -45.71 8.37 9.46
N ASP A 184 -46.44 7.30 9.11
CA ASP A 184 -45.85 5.98 9.01
C ASP A 184 -45.02 5.81 7.75
N GLY A 185 -43.76 5.44 7.97
CA GLY A 185 -42.77 5.23 6.92
C GLY A 185 -42.25 6.51 6.30
N LEU A 186 -42.34 7.65 7.05
CA LEU A 186 -41.85 8.97 6.59
C LEU A 186 -40.33 8.92 6.26
N GLU A 187 -39.57 8.11 7.04
CA GLU A 187 -38.13 7.86 6.91
C GLU A 187 -37.69 7.30 5.56
N TYR A 188 -38.64 6.76 4.78
CA TYR A 188 -38.31 6.13 3.50
C TYR A 188 -38.93 6.82 2.28
N LYS A 189 -39.61 7.97 2.50
CA LYS A 189 -40.29 8.72 1.43
C LYS A 189 -39.35 9.54 0.56
N LEU A 190 -38.12 9.79 1.01
CA LEU A 190 -37.13 10.52 0.21
C LEU A 190 -35.84 9.67 0.19
N HIS A 191 -35.55 9.12 -0.99
CA HIS A 191 -34.43 8.20 -1.19
C HIS A 191 -33.31 8.81 -1.96
N ASP A 192 -32.08 8.58 -1.47
CA ASP A 192 -30.88 9.07 -2.12
C ASP A 192 -30.57 8.15 -3.30
N PHE A 193 -30.53 8.76 -4.49
CA PHE A 193 -30.27 8.22 -5.84
C PHE A 193 -29.11 9.06 -6.45
N GLY A 194 -28.48 9.88 -5.61
CA GLY A 194 -27.46 10.85 -6.03
C GLY A 194 -26.04 10.42 -6.25
N TYR A 195 -25.68 9.17 -5.96
CA TYR A 195 -24.29 8.69 -6.11
C TYR A 195 -23.62 9.08 -7.44
N ARG A 196 -24.29 8.86 -8.59
CA ARG A 196 -23.67 9.21 -9.88
C ARG A 196 -23.59 10.70 -10.18
N GLY A 197 -24.55 11.47 -9.65
CA GLY A 197 -24.72 12.89 -9.94
C GLY A 197 -23.92 13.85 -9.08
N VAL A 198 -22.98 13.34 -8.28
CA VAL A 198 -22.12 14.20 -7.46
C VAL A 198 -20.78 14.32 -8.12
N SER A 199 -20.03 15.32 -7.67
CA SER A 199 -18.74 15.66 -8.18
C SER A 199 -17.62 14.66 -7.87
N SER A 200 -17.79 13.79 -6.82
CA SER A 200 -16.73 12.85 -6.44
C SER A 200 -17.19 11.84 -5.40
N GLN A 201 -16.37 10.78 -5.21
CA GLN A 201 -16.57 9.69 -4.25
C GLN A 201 -16.61 10.20 -2.82
N GLU A 202 -15.84 11.24 -2.49
CA GLU A 202 -15.83 11.80 -1.15
C GLU A 202 -17.08 12.65 -0.91
N THR A 203 -17.53 13.46 -1.90
CA THR A 203 -18.75 14.28 -1.82
C THR A 203 -19.93 13.35 -1.64
N ALA A 204 -19.89 12.18 -2.30
CA ALA A 204 -20.93 11.15 -2.23
C ALA A 204 -21.15 10.64 -0.82
N GLY A 205 -20.05 10.35 -0.11
CA GLY A 205 -20.09 9.87 1.26
C GLY A 205 -20.58 10.92 2.21
N ILE A 206 -20.08 12.17 2.05
CA ILE A 206 -20.43 13.30 2.92
C ILE A 206 -21.92 13.66 2.79
N GLY A 207 -22.37 13.83 1.54
CA GLY A 207 -23.75 14.16 1.18
C GLY A 207 -24.72 13.06 1.55
N ALA A 208 -24.39 11.80 1.20
CA ALA A 208 -25.25 10.68 1.59
C ALA A 208 -25.49 10.65 3.09
N SER A 209 -24.41 10.83 3.89
CA SER A 209 -24.44 10.78 5.34
C SER A 209 -25.32 11.87 5.94
N ALA A 210 -25.32 13.06 5.31
CA ALA A 210 -26.09 14.22 5.71
C ALA A 210 -27.59 14.03 5.46
N HIS A 211 -27.95 13.31 4.39
CA HIS A 211 -29.34 12.96 4.05
C HIS A 211 -29.82 11.93 5.09
N LEU A 212 -28.92 11.04 5.51
CA LEU A 212 -29.25 9.98 6.46
C LEU A 212 -29.50 10.49 7.92
N VAL A 213 -29.26 11.76 8.18
CA VAL A 213 -29.57 12.42 9.45
C VAL A 213 -31.12 12.54 9.54
N ASN A 214 -31.81 12.60 8.37
CA ASN A 214 -33.25 12.79 8.28
C ASN A 214 -34.04 11.58 7.80
N PHE A 215 -33.44 10.80 6.92
CA PHE A 215 -34.06 9.64 6.29
C PHE A 215 -33.26 8.34 6.47
N LYS A 216 -33.85 7.22 6.08
CA LYS A 216 -33.19 5.92 6.21
C LYS A 216 -33.03 5.22 4.87
N GLY A 217 -33.50 5.84 3.81
CA GLY A 217 -33.38 5.26 2.48
C GLY A 217 -32.25 5.88 1.70
N THR A 218 -31.29 5.03 1.28
CA THR A 218 -30.14 5.42 0.47
C THR A 218 -29.64 4.33 -0.45
N ASP A 219 -29.23 4.75 -1.65
CA ASP A 219 -28.58 3.92 -2.67
C ASP A 219 -27.11 4.33 -2.74
N THR A 220 -26.74 5.47 -2.09
CA THR A 220 -25.36 5.97 -2.02
C THR A 220 -24.62 5.23 -0.87
N VAL A 221 -24.05 4.07 -1.19
CA VAL A 221 -23.36 3.16 -0.24
C VAL A 221 -22.22 3.87 0.53
N ALA A 222 -21.48 4.76 -0.15
CA ALA A 222 -20.40 5.58 0.37
C ALA A 222 -20.74 6.20 1.75
N GLY A 223 -21.99 6.62 1.93
CA GLY A 223 -22.50 7.24 3.16
C GLY A 223 -22.47 6.35 4.37
N LEU A 224 -22.67 5.04 4.15
CA LEU A 224 -22.68 4.03 5.20
C LEU A 224 -21.31 3.87 5.93
N ALA A 225 -20.22 3.84 5.19
CA ALA A 225 -18.86 3.66 5.71
C ALA A 225 -18.37 4.90 6.44
N LEU A 226 -18.76 6.09 5.93
CA LEU A 226 -18.44 7.39 6.49
C LEU A 226 -19.10 7.52 7.87
N ILE A 227 -20.41 7.23 7.99
CA ILE A 227 -21.08 7.31 9.28
C ILE A 227 -20.44 6.34 10.26
N LYS A 228 -20.13 5.12 9.82
CA LYS A 228 -19.55 4.09 10.68
C LYS A 228 -18.19 4.46 11.24
N LYS A 229 -17.32 5.03 10.41
CA LYS A 229 -15.97 5.42 10.82
C LYS A 229 -15.88 6.74 11.59
N TYR A 230 -16.78 7.70 11.33
CA TYR A 230 -16.61 9.02 11.94
C TYR A 230 -17.62 9.38 13.05
N TYR A 231 -18.73 8.61 13.13
CA TYR A 231 -19.80 8.85 14.12
C TYR A 231 -20.16 7.60 14.86
N GLY A 232 -20.46 6.55 14.12
CA GLY A 232 -20.89 5.27 14.66
C GLY A 232 -22.36 5.25 14.99
N THR A 233 -22.93 4.05 15.01
CA THR A 233 -24.32 3.80 15.38
C THR A 233 -24.47 2.50 16.17
N LYS A 234 -25.53 2.41 17.00
CA LYS A 234 -25.89 1.19 17.72
C LYS A 234 -26.66 0.28 16.77
N ASP A 235 -27.10 0.81 15.64
CA ASP A 235 -27.89 0.08 14.64
C ASP A 235 -27.05 -0.75 13.70
N PRO A 236 -27.61 -1.80 13.06
CA PRO A 236 -26.80 -2.60 12.11
C PRO A 236 -26.22 -1.79 10.93
N VAL A 237 -27.03 -0.96 10.24
CA VAL A 237 -26.64 -0.07 9.13
C VAL A 237 -27.32 1.27 9.35
N PRO A 238 -26.71 2.39 8.89
CA PRO A 238 -27.41 3.69 8.98
C PRO A 238 -28.54 3.85 7.94
N GLY A 239 -28.43 3.19 6.81
CA GLY A 239 -29.41 3.28 5.73
C GLY A 239 -29.72 1.94 5.09
N TYR A 240 -30.86 1.88 4.39
CA TYR A 240 -31.50 0.71 3.78
C TYR A 240 -31.94 0.94 2.34
N SER A 241 -31.97 -0.12 1.55
CA SER A 241 -32.43 -0.10 0.17
C SER A 241 -33.22 -1.37 -0.17
N VAL A 242 -33.79 -1.45 -1.38
CA VAL A 242 -34.51 -2.63 -1.86
C VAL A 242 -33.98 -2.99 -3.25
N PRO A 243 -34.21 -4.25 -3.71
CA PRO A 243 -33.82 -4.62 -5.08
C PRO A 243 -34.60 -3.80 -6.09
N ALA A 244 -33.93 -3.36 -7.16
CA ALA A 244 -34.52 -2.48 -8.14
C ALA A 244 -33.89 -2.65 -9.48
N ALA A 245 -34.58 -2.22 -10.53
CA ALA A 245 -34.14 -2.35 -11.92
C ALA A 245 -33.67 -1.04 -12.56
N GLU A 246 -32.89 -1.17 -13.63
CA GLU A 246 -32.42 -0.06 -14.43
C GLU A 246 -32.74 -0.35 -15.90
N HIS A 247 -32.69 0.65 -16.76
CA HIS A 247 -32.95 0.51 -18.18
C HIS A 247 -32.19 -0.63 -18.79
N SER A 248 -30.90 -0.78 -18.42
CA SER A 248 -30.07 -1.88 -18.90
C SER A 248 -30.59 -3.27 -18.51
N THR A 249 -31.22 -3.43 -17.33
CA THR A 249 -31.71 -4.76 -16.98
C THR A 249 -33.10 -5.02 -17.58
N ILE A 250 -33.72 -4.00 -18.22
CA ILE A 250 -35.02 -4.12 -18.89
C ILE A 250 -34.79 -4.30 -20.40
N THR A 251 -34.06 -3.37 -21.00
CA THR A 251 -33.80 -3.29 -22.42
C THR A 251 -32.96 -4.45 -22.99
N ALA A 252 -32.05 -5.06 -22.18
CA ALA A 252 -31.19 -6.19 -22.60
C ALA A 252 -31.99 -7.43 -23.07
N TRP A 253 -33.31 -7.42 -22.83
CA TRP A 253 -34.22 -8.49 -23.20
C TRP A 253 -34.79 -8.26 -24.62
N GLY A 254 -34.70 -7.02 -25.12
CA GLY A 254 -35.24 -6.59 -26.41
C GLY A 254 -36.60 -5.95 -26.19
N LYS A 255 -37.00 -4.98 -27.03
CA LYS A 255 -38.28 -4.26 -26.88
C LYS A 255 -39.49 -5.15 -26.65
N ASP A 256 -39.62 -6.19 -27.50
CA ASP A 256 -40.71 -7.15 -27.54
C ASP A 256 -40.71 -8.14 -26.38
N HIS A 257 -39.72 -8.03 -25.47
CA HIS A 257 -39.60 -8.95 -24.33
C HIS A 257 -39.64 -8.21 -22.99
N GLU A 258 -40.09 -6.95 -23.03
CA GLU A 258 -40.26 -6.10 -21.84
C GLU A 258 -41.07 -6.84 -20.76
N LYS A 259 -42.16 -7.54 -21.20
CA LYS A 259 -43.03 -8.31 -20.31
C LYS A 259 -42.28 -9.40 -19.60
N ASP A 260 -41.36 -10.08 -20.30
CA ASP A 260 -40.55 -11.18 -19.74
C ASP A 260 -39.57 -10.64 -18.71
N ALA A 261 -38.92 -9.48 -19.01
CA ALA A 261 -37.98 -8.79 -18.11
C ALA A 261 -38.67 -8.54 -16.78
N PHE A 262 -39.88 -7.94 -16.84
CA PHE A 262 -40.74 -7.62 -15.70
C PHE A 262 -41.10 -8.88 -14.94
N GLU A 263 -41.46 -9.95 -15.67
CA GLU A 263 -41.87 -11.24 -15.11
C GLU A 263 -40.73 -11.92 -14.33
N HIS A 264 -39.51 -11.95 -14.91
CA HIS A 264 -38.30 -12.53 -14.31
C HIS A 264 -37.88 -11.73 -13.07
N ILE A 265 -37.87 -10.36 -13.16
CA ILE A 265 -37.46 -9.49 -12.05
C ILE A 265 -38.39 -9.64 -10.82
N VAL A 266 -39.71 -9.45 -10.99
CA VAL A 266 -40.70 -9.56 -9.90
C VAL A 266 -40.73 -10.98 -9.25
N THR A 267 -40.37 -12.03 -10.03
CA THR A 267 -40.33 -13.40 -9.50
C THR A 267 -39.05 -13.61 -8.68
N GLN A 268 -37.90 -13.09 -9.18
CA GLN A 268 -36.61 -13.18 -8.49
C GLN A 268 -36.69 -12.54 -7.11
N PHE A 269 -37.35 -11.38 -7.01
CA PHE A 269 -37.52 -10.69 -5.74
C PHE A 269 -39.01 -10.66 -5.38
N SER A 270 -39.46 -11.71 -4.69
CA SER A 270 -40.85 -11.91 -4.31
C SER A 270 -41.08 -11.81 -2.80
N SER A 271 -40.03 -11.99 -1.98
CA SER A 271 -40.13 -11.92 -0.52
C SER A 271 -39.78 -10.53 0.07
N VAL A 272 -39.37 -9.57 -0.80
CA VAL A 272 -38.95 -8.20 -0.48
C VAL A 272 -39.54 -7.22 -1.50
N PRO A 273 -39.66 -5.90 -1.19
CA PRO A 273 -40.19 -4.96 -2.21
C PRO A 273 -39.24 -4.85 -3.39
N VAL A 274 -39.76 -4.55 -4.59
CA VAL A 274 -38.95 -4.43 -5.80
C VAL A 274 -39.38 -3.22 -6.62
N SER A 275 -38.41 -2.41 -7.06
CA SER A 275 -38.70 -1.26 -7.89
C SER A 275 -38.37 -1.62 -9.31
N VAL A 276 -39.30 -1.39 -10.23
CA VAL A 276 -39.12 -1.75 -11.63
C VAL A 276 -39.41 -0.55 -12.43
N VAL A 277 -38.41 -0.07 -13.16
CA VAL A 277 -38.51 1.08 -14.05
C VAL A 277 -39.33 0.66 -15.32
N SER A 278 -40.52 1.29 -15.50
CA SER A 278 -41.47 0.93 -16.55
C SER A 278 -41.56 1.90 -17.72
N ASP A 279 -40.75 2.94 -17.73
CA ASP A 279 -40.77 3.98 -18.75
C ASP A 279 -39.87 3.71 -19.98
N SER A 280 -39.16 2.57 -19.98
CA SER A 280 -38.18 2.13 -20.97
C SER A 280 -38.55 2.40 -22.43
N TYR A 281 -39.85 2.20 -22.78
CA TYR A 281 -40.40 2.41 -24.14
C TYR A 281 -41.70 3.23 -24.08
N ASP A 282 -42.67 2.78 -23.24
CA ASP A 282 -43.97 3.40 -23.02
C ASP A 282 -44.44 3.07 -21.61
N ILE A 283 -44.37 4.09 -20.72
CA ILE A 283 -44.76 3.97 -19.32
C ILE A 283 -46.25 3.56 -19.18
N TYR A 284 -47.12 4.19 -19.98
CA TYR A 284 -48.58 4.02 -20.01
C TYR A 284 -48.98 2.61 -20.41
N ASN A 285 -48.36 2.07 -21.48
CA ASN A 285 -48.57 0.70 -21.97
C ASN A 285 -48.14 -0.30 -20.89
N ALA A 286 -46.97 -0.04 -20.25
CA ALA A 286 -46.45 -0.92 -19.20
C ALA A 286 -47.41 -1.01 -18.03
N CYS A 287 -48.02 0.11 -17.61
CA CYS A 287 -48.97 0.09 -16.49
C CYS A 287 -50.33 -0.50 -16.88
N GLU A 288 -50.90 -0.03 -18.02
CA GLU A 288 -52.20 -0.44 -18.57
C GLU A 288 -52.27 -1.91 -18.96
N LYS A 289 -51.35 -2.36 -19.85
CA LYS A 289 -51.33 -3.72 -20.39
C LYS A 289 -50.46 -4.70 -19.63
N ILE A 290 -49.16 -4.38 -19.44
CA ILE A 290 -48.18 -5.31 -18.85
C ILE A 290 -48.45 -5.57 -17.35
N TRP A 291 -48.52 -4.53 -16.49
CA TRP A 291 -48.79 -4.78 -15.05
C TRP A 291 -50.29 -4.95 -14.81
N GLY A 292 -51.10 -4.20 -15.56
CA GLY A 292 -52.56 -4.16 -15.47
C GLY A 292 -53.32 -5.35 -16.04
N GLU A 293 -52.81 -5.99 -17.11
CA GLU A 293 -53.46 -7.15 -17.72
C GLU A 293 -52.56 -8.41 -17.66
N ASP A 294 -51.53 -8.44 -18.53
CA ASP A 294 -50.58 -9.55 -18.72
C ASP A 294 -49.98 -10.17 -17.44
N LEU A 295 -49.46 -9.33 -16.51
CA LEU A 295 -48.77 -9.83 -15.30
C LEU A 295 -49.49 -9.57 -13.96
N ARG A 296 -50.75 -9.06 -14.02
CA ARG A 296 -51.60 -8.72 -12.87
C ARG A 296 -51.63 -9.77 -11.77
N HIS A 297 -51.66 -11.06 -12.17
CA HIS A 297 -51.70 -12.23 -11.30
C HIS A 297 -50.48 -12.37 -10.37
N LEU A 298 -49.33 -11.79 -10.78
CA LEU A 298 -48.09 -11.85 -10.01
C LEU A 298 -48.00 -10.69 -9.04
N ILE A 299 -48.65 -9.56 -9.39
CA ILE A 299 -48.74 -8.28 -8.67
C ILE A 299 -49.76 -8.36 -7.50
N VAL A 300 -51.01 -8.79 -7.79
CA VAL A 300 -52.10 -8.89 -6.80
C VAL A 300 -51.84 -9.93 -5.70
N SER A 301 -50.86 -10.83 -5.93
CA SER A 301 -50.48 -11.89 -4.99
C SER A 301 -49.46 -11.44 -3.93
N ARG A 302 -48.63 -10.43 -4.26
CA ARG A 302 -47.54 -9.86 -3.44
C ARG A 302 -47.94 -9.48 -2.01
N SER A 303 -46.99 -9.64 -1.05
CA SER A 303 -47.16 -9.30 0.37
C SER A 303 -47.26 -7.78 0.59
N THR A 304 -47.80 -7.36 1.77
CA THR A 304 -47.94 -5.94 2.13
C THR A 304 -46.55 -5.36 2.42
N GLN A 305 -45.67 -6.25 2.95
CA GLN A 305 -44.26 -6.03 3.29
C GLN A 305 -43.36 -6.15 2.04
N ALA A 306 -43.91 -6.60 0.89
CA ALA A 306 -43.14 -6.81 -0.35
C ALA A 306 -43.88 -6.30 -1.61
N PRO A 307 -44.20 -4.98 -1.73
CA PRO A 307 -44.95 -4.51 -2.91
C PRO A 307 -44.14 -4.34 -4.19
N LEU A 308 -44.85 -4.11 -5.29
CA LEU A 308 -44.22 -3.77 -6.55
C LEU A 308 -44.27 -2.25 -6.61
N ILE A 309 -43.08 -1.62 -6.65
CA ILE A 309 -42.97 -0.18 -6.73
C ILE A 309 -42.66 0.16 -8.17
N ILE A 310 -43.69 0.61 -8.88
CA ILE A 310 -43.62 1.04 -10.29
C ILE A 310 -42.87 2.37 -10.32
N ARG A 311 -41.90 2.48 -11.27
CA ARG A 311 -41.05 3.65 -11.42
C ARG A 311 -41.07 4.36 -12.81
N PRO A 312 -41.69 5.56 -12.93
CA PRO A 312 -41.50 6.35 -14.18
C PRO A 312 -40.15 7.08 -14.08
N ASP A 313 -39.58 7.55 -15.18
CA ASP A 313 -38.28 8.22 -15.13
C ASP A 313 -38.15 9.29 -16.20
N SER A 314 -39.26 9.63 -16.85
CA SER A 314 -39.27 10.62 -17.94
C SER A 314 -40.58 11.42 -17.99
N GLY A 315 -40.54 12.53 -18.73
CA GLY A 315 -41.63 13.47 -18.89
C GLY A 315 -41.72 14.43 -17.72
N ASN A 316 -42.87 15.17 -17.63
CA ASN A 316 -43.17 16.12 -16.55
C ASN A 316 -43.44 15.30 -15.29
N PRO A 317 -42.73 15.59 -14.16
CA PRO A 317 -42.91 14.78 -12.94
C PRO A 317 -44.33 14.68 -12.41
N LEU A 318 -45.08 15.79 -12.21
CA LEU A 318 -46.48 15.73 -11.71
C LEU A 318 -47.44 14.98 -12.68
N ASP A 319 -47.48 15.43 -13.95
CA ASP A 319 -48.37 14.87 -14.97
C ASP A 319 -48.21 13.35 -15.13
N THR A 320 -46.95 12.85 -15.24
CA THR A 320 -46.63 11.42 -15.35
C THR A 320 -47.09 10.67 -14.13
N VAL A 321 -46.82 11.19 -12.91
CA VAL A 321 -47.21 10.61 -11.62
C VAL A 321 -48.74 10.45 -11.58
N LEU A 322 -49.48 11.51 -11.99
CA LEU A 322 -50.94 11.53 -12.04
C LEU A 322 -51.47 10.48 -13.00
N LYS A 323 -51.01 10.55 -14.27
CA LYS A 323 -51.42 9.65 -15.34
C LYS A 323 -51.19 8.18 -14.98
N VAL A 324 -50.10 7.89 -14.24
CA VAL A 324 -49.79 6.51 -13.83
C VAL A 324 -50.81 5.99 -12.79
N LEU A 325 -51.12 6.83 -11.77
CA LEU A 325 -52.04 6.55 -10.65
C LEU A 325 -53.49 6.25 -11.10
N GLU A 326 -53.98 6.97 -12.13
CA GLU A 326 -55.32 6.76 -12.68
C GLU A 326 -55.34 5.50 -13.55
N ILE A 327 -54.32 5.33 -14.43
CA ILE A 327 -54.17 4.14 -15.28
C ILE A 327 -54.18 2.90 -14.38
N LEU A 328 -53.48 2.98 -13.22
CA LEU A 328 -53.43 1.90 -12.24
C LEU A 328 -54.72 1.76 -11.45
N GLY A 329 -55.41 2.88 -11.21
CA GLY A 329 -56.67 2.92 -10.49
C GLY A 329 -57.80 2.24 -11.26
N LYS A 330 -57.71 2.35 -12.60
CA LYS A 330 -58.62 1.76 -13.60
C LYS A 330 -58.29 0.28 -13.87
N LYS A 331 -57.25 -0.32 -13.23
CA LYS A 331 -56.86 -1.73 -13.43
C LYS A 331 -56.61 -2.48 -12.12
N PHE A 332 -56.74 -1.79 -10.98
CA PHE A 332 -56.52 -2.35 -9.64
C PHE A 332 -57.52 -1.76 -8.65
N PRO A 333 -57.86 -2.46 -7.53
CA PRO A 333 -58.82 -1.90 -6.56
C PRO A 333 -58.26 -0.73 -5.71
N VAL A 334 -58.71 0.51 -6.02
CA VAL A 334 -58.29 1.74 -5.32
C VAL A 334 -59.31 2.13 -4.18
N THR A 335 -58.92 1.83 -2.92
CA THR A 335 -59.67 2.09 -1.68
C THR A 335 -59.67 3.60 -1.30
N GLU A 336 -60.51 4.01 -0.33
CA GLU A 336 -60.58 5.38 0.18
C GLU A 336 -60.31 5.38 1.68
N ASN A 337 -59.47 6.33 2.17
CA ASN A 337 -59.08 6.37 3.58
C ASN A 337 -59.93 7.31 4.44
N SER A 338 -59.51 7.43 5.74
CA SER A 338 -60.09 8.26 6.81
C SER A 338 -60.11 9.75 6.48
N LYS A 339 -59.23 10.21 5.58
CA LYS A 339 -59.18 11.61 5.17
C LYS A 339 -59.94 11.82 3.83
N GLY A 340 -60.37 10.72 3.23
CA GLY A 340 -61.10 10.68 1.96
C GLY A 340 -60.21 10.68 0.74
N TYR A 341 -58.99 10.13 0.89
CA TYR A 341 -57.99 10.12 -0.17
C TYR A 341 -57.83 8.76 -0.79
N LYS A 342 -57.68 8.77 -2.13
CA LYS A 342 -57.53 7.57 -2.95
C LYS A 342 -56.24 6.87 -2.63
N LEU A 343 -56.34 5.58 -2.34
CA LEU A 343 -55.21 4.74 -1.96
C LEU A 343 -55.19 3.44 -2.77
N LEU A 344 -54.04 3.18 -3.42
CA LEU A 344 -53.77 1.96 -4.19
C LEU A 344 -53.70 0.75 -3.24
N PRO A 345 -53.91 -0.51 -3.71
CA PRO A 345 -53.78 -1.68 -2.81
C PRO A 345 -52.35 -1.78 -2.25
N PRO A 346 -52.10 -2.41 -1.05
CA PRO A 346 -50.75 -2.38 -0.47
C PRO A 346 -49.65 -3.05 -1.28
N TYR A 347 -49.99 -4.12 -2.04
CA TYR A 347 -49.07 -4.86 -2.90
C TYR A 347 -48.59 -4.04 -4.12
N LEU A 348 -49.07 -2.79 -4.24
CA LEU A 348 -48.71 -1.89 -5.32
C LEU A 348 -48.37 -0.49 -4.84
N ARG A 349 -47.11 -0.03 -5.12
CA ARG A 349 -46.63 1.32 -4.77
C ARG A 349 -45.97 2.03 -5.95
N VAL A 350 -45.64 3.32 -5.77
CA VAL A 350 -45.05 4.16 -6.83
C VAL A 350 -43.79 4.91 -6.29
N ILE A 351 -42.82 5.22 -7.20
CA ILE A 351 -41.60 5.97 -6.89
C ILE A 351 -41.32 6.99 -8.02
N GLN A 352 -41.37 8.29 -7.72
CA GLN A 352 -40.99 9.31 -8.69
C GLN A 352 -39.56 9.75 -8.33
N GLY A 353 -38.63 9.28 -9.13
CA GLY A 353 -37.21 9.54 -8.94
C GLY A 353 -36.64 10.41 -10.03
N ASP A 354 -37.51 11.11 -10.77
CA ASP A 354 -37.06 11.96 -11.85
C ASP A 354 -37.45 13.40 -11.64
N GLY A 355 -36.46 14.26 -11.85
CA GLY A 355 -36.54 15.71 -11.73
C GLY A 355 -36.98 16.17 -10.36
N VAL A 356 -36.66 15.37 -9.33
CA VAL A 356 -37.07 15.70 -7.96
C VAL A 356 -36.01 16.54 -7.25
N ASP A 357 -36.45 17.71 -6.79
CA ASP A 357 -35.74 18.66 -5.94
C ASP A 357 -36.76 19.19 -4.91
N ILE A 358 -36.38 20.18 -4.05
CA ILE A 358 -37.27 20.73 -3.01
C ILE A 358 -38.54 21.37 -3.65
N ASN A 359 -38.37 22.05 -4.79
CA ASN A 359 -39.43 22.76 -5.51
C ASN A 359 -40.46 21.82 -6.13
N THR A 360 -40.02 20.92 -7.01
CA THR A 360 -40.87 19.95 -7.71
C THR A 360 -41.47 18.93 -6.73
N LEU A 361 -40.78 18.63 -5.61
CA LEU A 361 -41.33 17.70 -4.62
C LEU A 361 -42.60 18.30 -4.02
N GLN A 362 -42.55 19.60 -3.66
CA GLN A 362 -43.67 20.41 -3.13
C GLN A 362 -44.87 20.39 -4.11
N GLU A 363 -44.59 20.66 -5.42
CA GLU A 363 -45.53 20.64 -6.53
C GLU A 363 -46.20 19.27 -6.72
N ILE A 364 -45.44 18.15 -6.66
CA ILE A 364 -46.02 16.81 -6.85
C ILE A 364 -46.97 16.47 -5.73
N VAL A 365 -46.56 16.65 -4.46
CA VAL A 365 -47.40 16.32 -3.32
C VAL A 365 -48.67 17.22 -3.25
N GLU A 366 -48.57 18.54 -3.62
CA GLU A 366 -49.73 19.45 -3.65
C GLU A 366 -50.69 19.05 -4.79
N GLY A 367 -50.14 18.75 -5.97
CA GLY A 367 -50.89 18.28 -7.13
C GLY A 367 -51.54 16.92 -6.89
N MET A 368 -50.92 16.07 -6.03
CA MET A 368 -51.47 14.78 -5.66
C MET A 368 -52.65 15.01 -4.71
N LYS A 369 -52.51 15.97 -3.76
CA LYS A 369 -53.53 16.34 -2.77
C LYS A 369 -54.78 16.88 -3.47
N GLN A 370 -54.60 17.72 -4.52
CA GLN A 370 -55.64 18.32 -5.36
C GLN A 370 -56.45 17.28 -6.13
N LYS A 371 -55.80 16.23 -6.68
CA LYS A 371 -56.46 15.12 -7.40
C LYS A 371 -56.87 14.01 -6.44
N MET A 372 -56.92 14.33 -5.13
CA MET A 372 -57.32 13.49 -3.99
C MET A 372 -56.60 12.15 -3.92
N TRP A 373 -55.30 12.17 -4.22
CA TRP A 373 -54.45 10.98 -4.14
C TRP A 373 -53.61 11.04 -2.86
N SER A 374 -53.66 9.98 -2.04
CA SER A 374 -52.89 9.93 -0.79
C SER A 374 -51.37 9.87 -1.04
N ILE A 375 -50.60 10.47 -0.12
CA ILE A 375 -49.13 10.50 -0.18
C ILE A 375 -48.58 9.12 0.24
N GLU A 376 -49.44 8.23 0.79
CA GLU A 376 -49.08 6.86 1.15
C GLU A 376 -48.73 6.02 -0.11
N ASN A 377 -49.17 6.47 -1.29
CA ASN A 377 -49.02 5.80 -2.59
C ASN A 377 -47.66 5.98 -3.27
N ILE A 378 -46.94 7.02 -2.86
CA ILE A 378 -45.68 7.40 -3.45
C ILE A 378 -44.54 7.51 -2.44
N ALA A 379 -43.33 7.34 -2.96
CA ALA A 379 -42.04 7.54 -2.34
C ALA A 379 -41.32 8.35 -3.40
N PHE A 380 -40.33 9.15 -3.00
CA PHE A 380 -39.54 9.98 -3.91
C PHE A 380 -38.09 9.62 -3.87
N GLY A 381 -37.46 9.70 -5.03
CA GLY A 381 -36.04 9.50 -5.20
C GLY A 381 -35.44 10.78 -5.72
N SER A 382 -34.32 11.18 -5.17
CA SER A 382 -33.65 12.40 -5.58
C SER A 382 -32.15 12.16 -5.68
N GLY A 383 -31.56 12.60 -6.78
CA GLY A 383 -30.14 12.49 -7.05
C GLY A 383 -29.48 13.83 -6.92
N GLY A 384 -29.22 14.46 -8.07
CA GLY A 384 -28.60 15.78 -8.21
C GLY A 384 -29.19 16.87 -7.34
N GLY A 385 -30.52 17.02 -7.33
CA GLY A 385 -31.22 18.03 -6.54
C GLY A 385 -31.05 17.84 -5.04
N LEU A 386 -30.67 16.63 -4.62
CA LEU A 386 -30.46 16.30 -3.21
C LEU A 386 -28.99 16.53 -2.78
N LEU A 387 -28.01 16.05 -3.57
CA LEU A 387 -26.60 16.11 -3.19
C LEU A 387 -25.70 17.03 -3.99
N GLN A 388 -26.14 17.48 -5.18
CA GLN A 388 -25.30 18.30 -6.04
C GLN A 388 -25.77 19.73 -6.28
N LYS A 389 -27.06 19.95 -6.48
CA LYS A 389 -27.62 21.26 -6.81
C LYS A 389 -27.79 22.16 -5.59
N LEU A 390 -26.68 22.42 -4.89
CA LEU A 390 -26.60 23.23 -3.67
C LEU A 390 -25.26 23.97 -3.70
N THR A 391 -25.22 25.21 -3.21
CA THR A 391 -24.00 26.00 -3.12
C THR A 391 -23.84 26.57 -1.71
N ARG A 392 -22.71 27.23 -1.48
CA ARG A 392 -22.39 27.88 -0.22
C ARG A 392 -23.21 29.14 0.01
N ASP A 393 -23.79 29.71 -1.06
CA ASP A 393 -24.66 30.89 -1.04
C ASP A 393 -26.00 30.55 -0.44
N LEU A 394 -26.50 29.31 -0.69
CA LEU A 394 -27.84 28.89 -0.24
C LEU A 394 -28.15 29.25 1.19
N LEU A 395 -27.17 29.06 2.10
CA LEU A 395 -27.34 29.40 3.50
C LEU A 395 -26.42 30.51 3.92
N ASN A 396 -25.64 31.11 2.99
CA ASN A 396 -24.62 32.16 3.27
C ASN A 396 -23.67 31.70 4.38
N CYS A 397 -23.13 30.47 4.19
CA CYS A 397 -22.19 29.81 5.08
C CYS A 397 -20.91 30.57 4.98
N SER A 398 -20.48 31.18 6.10
CA SER A 398 -19.34 32.09 6.07
C SER A 398 -18.46 31.94 7.29
N PHE A 399 -17.14 32.21 7.14
CA PHE A 399 -16.15 32.16 8.24
C PHE A 399 -15.44 33.50 8.27
N LYS A 400 -15.52 34.20 9.39
CA LYS A 400 -14.92 35.54 9.55
C LYS A 400 -14.18 35.69 10.86
N CYS A 401 -13.23 36.63 10.90
CA CYS A 401 -12.49 36.95 12.09
C CYS A 401 -13.27 37.99 12.87
N SER A 402 -13.51 37.74 14.18
CA SER A 402 -14.30 38.66 15.02
C SER A 402 -13.51 39.29 16.16
N TYR A 403 -12.34 38.77 16.44
CA TYR A 403 -11.53 39.18 17.57
C TYR A 403 -10.06 38.90 17.34
N VAL A 404 -9.22 39.85 17.74
CA VAL A 404 -7.76 39.78 17.59
C VAL A 404 -7.09 40.32 18.86
N VAL A 405 -5.97 39.75 19.24
CA VAL A 405 -5.12 40.24 20.32
C VAL A 405 -3.80 40.59 19.67
N THR A 406 -3.39 41.86 19.76
CA THR A 406 -2.16 42.41 19.21
C THR A 406 -1.48 43.17 20.33
N ASN A 407 -0.23 42.79 20.63
CA ASN A 407 0.58 43.48 21.65
C ASN A 407 -0.19 43.73 22.98
N GLY A 408 -0.71 42.64 23.52
CA GLY A 408 -1.43 42.64 24.79
C GLY A 408 -2.84 43.22 24.77
N LEU A 409 -3.26 43.81 23.65
CA LEU A 409 -4.56 44.44 23.45
C LEU A 409 -5.52 43.59 22.55
N GLY A 410 -6.70 43.29 23.08
CA GLY A 410 -7.75 42.58 22.36
C GLY A 410 -8.71 43.58 21.74
N ILE A 411 -9.09 43.37 20.46
CA ILE A 411 -10.05 44.26 19.80
C ILE A 411 -11.11 43.47 19.02
N ASN A 412 -12.31 44.03 19.00
CA ASN A 412 -13.47 43.48 18.34
C ASN A 412 -13.43 43.98 16.92
N VAL A 413 -13.24 43.04 15.97
CA VAL A 413 -13.11 43.33 14.54
C VAL A 413 -14.27 42.69 13.72
N PHE A 414 -14.56 43.29 12.55
CA PHE A 414 -15.66 42.91 11.66
C PHE A 414 -15.53 43.60 10.32
N LYS A 415 -16.23 43.08 9.31
CA LYS A 415 -16.35 43.69 8.00
C LYS A 415 -17.76 44.31 7.95
N ASP A 416 -17.91 45.45 7.25
CA ASP A 416 -19.18 46.17 7.12
C ASP A 416 -19.21 46.93 5.77
N PRO A 417 -19.25 46.17 4.64
CA PRO A 417 -19.21 46.85 3.32
C PRO A 417 -20.41 47.74 3.08
N VAL A 418 -20.18 48.96 2.58
CA VAL A 418 -21.23 49.96 2.33
C VAL A 418 -22.38 49.46 1.41
N ALA A 419 -22.04 48.75 0.32
CA ALA A 419 -22.99 48.28 -0.70
C ALA A 419 -23.76 47.01 -0.35
N ASP A 420 -23.34 46.26 0.69
CA ASP A 420 -24.02 45.04 1.13
C ASP A 420 -24.05 44.93 2.66
N PRO A 421 -25.13 45.44 3.30
CA PRO A 421 -25.23 45.34 4.77
C PRO A 421 -25.41 43.90 5.29
N ASN A 422 -25.80 42.96 4.41
CA ASN A 422 -25.96 41.53 4.75
C ASN A 422 -24.60 40.87 4.95
N LYS A 423 -23.54 41.46 4.39
CA LYS A 423 -22.18 40.94 4.51
C LYS A 423 -21.50 41.41 5.81
N ARG A 424 -22.20 42.20 6.62
CA ARG A 424 -21.67 42.66 7.91
C ARG A 424 -21.55 41.44 8.87
N SER A 425 -20.36 41.23 9.43
CA SER A 425 -20.05 40.13 10.32
C SER A 425 -20.20 40.57 11.79
N LYS A 426 -20.15 39.60 12.72
CA LYS A 426 -20.26 39.83 14.17
C LYS A 426 -18.94 40.31 14.81
N LYS A 427 -19.03 40.99 16.01
CA LYS A 427 -17.90 41.57 16.77
C LYS A 427 -17.51 40.83 18.03
N GLY A 428 -16.21 40.75 18.28
CA GLY A 428 -15.64 40.18 19.49
C GLY A 428 -15.81 38.70 19.70
N ARG A 429 -15.57 38.28 20.95
CA ARG A 429 -15.70 36.91 21.40
C ARG A 429 -17.18 36.59 21.47
N LEU A 430 -17.58 35.44 20.89
CA LEU A 430 -18.98 35.06 20.78
C LEU A 430 -19.38 33.82 21.56
N SER A 431 -20.69 33.72 21.88
CA SER A 431 -21.28 32.58 22.54
C SER A 431 -22.78 32.45 22.15
N LEU A 432 -23.29 31.20 22.20
CA LEU A 432 -24.66 30.87 21.85
C LEU A 432 -25.36 30.49 23.11
N HIS A 433 -26.52 31.06 23.36
CA HIS A 433 -27.22 30.82 24.61
C HIS A 433 -28.68 30.45 24.44
N ARG A 434 -29.21 29.70 25.40
CA ARG A 434 -30.63 29.35 25.42
C ARG A 434 -31.34 30.49 26.17
N THR A 435 -32.35 31.05 25.53
CA THR A 435 -33.10 32.15 26.09
C THR A 435 -34.16 31.61 27.05
N PRO A 436 -34.67 32.45 28.00
CA PRO A 436 -35.76 31.98 28.90
C PRO A 436 -36.99 31.41 28.16
N ALA A 437 -37.32 31.93 26.95
CA ALA A 437 -38.42 31.42 26.13
C ALA A 437 -38.07 30.15 25.30
N GLY A 438 -36.88 29.57 25.55
CA GLY A 438 -36.43 28.35 24.87
C GLY A 438 -35.87 28.49 23.47
N ASN A 439 -35.42 29.70 23.11
CA ASN A 439 -34.81 29.99 21.81
C ASN A 439 -33.31 30.23 21.91
N PHE A 440 -32.69 30.68 20.82
CA PHE A 440 -31.25 30.93 20.75
C PHE A 440 -30.93 32.37 20.55
N VAL A 441 -29.84 32.81 21.17
CA VAL A 441 -29.29 34.14 21.00
C VAL A 441 -27.78 34.03 20.92
N THR A 442 -27.17 34.76 19.97
CA THR A 442 -25.72 34.85 19.85
C THR A 442 -25.29 36.12 20.55
N LEU A 443 -24.44 35.98 21.58
CA LEU A 443 -23.90 37.14 22.25
C LEU A 443 -22.53 37.51 21.71
N GLU A 444 -22.35 38.78 21.44
CA GLU A 444 -21.14 39.40 20.91
C GLU A 444 -20.33 40.11 22.00
N GLU A 445 -19.12 40.55 21.66
CA GLU A 445 -18.21 41.34 22.51
C GLU A 445 -17.91 40.75 23.91
N GLY A 446 -17.87 39.42 24.01
CA GLY A 446 -17.58 38.72 25.26
C GLY A 446 -18.66 38.80 26.31
N LYS A 447 -19.86 39.24 25.94
CA LYS A 447 -20.96 39.38 26.89
C LYS A 447 -21.45 38.06 27.44
N GLY A 448 -21.02 36.96 26.85
CA GLY A 448 -21.39 35.62 27.27
C GLY A 448 -20.81 35.23 28.61
N ASP A 449 -19.67 35.87 28.98
CA ASP A 449 -18.97 35.68 30.27
C ASP A 449 -19.86 35.99 31.48
N LEU A 450 -20.87 36.88 31.27
CA LEU A 450 -21.79 37.28 32.34
C LEU A 450 -22.85 36.23 32.61
N GLU A 451 -23.04 35.29 31.67
CA GLU A 451 -24.02 34.19 31.68
C GLU A 451 -25.43 34.67 32.10
N GLU A 452 -25.92 35.76 31.48
CA GLU A 452 -27.24 36.28 31.75
C GLU A 452 -28.30 35.26 31.35
N TYR A 453 -28.07 34.57 30.22
CA TYR A 453 -28.94 33.53 29.69
C TYR A 453 -28.26 32.16 29.83
N GLY A 454 -27.66 31.90 30.99
CA GLY A 454 -26.99 30.65 31.30
C GLY A 454 -25.70 30.43 30.54
N GLN A 455 -25.21 29.19 30.57
CA GLN A 455 -23.99 28.80 29.91
C GLN A 455 -24.07 28.79 28.37
N ASP A 456 -22.91 29.02 27.76
CA ASP A 456 -22.61 28.92 26.33
C ASP A 456 -22.99 27.49 25.87
N LEU A 457 -23.78 27.38 24.81
CA LEU A 457 -24.22 26.13 24.20
C LEU A 457 -23.09 25.49 23.33
N LEU A 458 -22.03 26.26 23.02
CA LEU A 458 -20.86 25.78 22.23
C LEU A 458 -19.94 25.00 23.16
N HIS A 459 -19.48 23.82 22.74
CA HIS A 459 -18.58 22.96 23.51
C HIS A 459 -17.24 22.89 22.81
N THR A 460 -16.18 22.55 23.52
CA THR A 460 -14.86 22.33 22.93
C THR A 460 -14.92 20.94 22.28
N VAL A 461 -14.72 20.87 20.93
CA VAL A 461 -14.77 19.63 20.15
C VAL A 461 -13.40 19.23 19.66
N PHE A 462 -12.49 20.21 19.65
CA PHE A 462 -11.10 20.05 19.22
C PHE A 462 -10.23 20.97 20.04
N LYS A 463 -9.07 20.44 20.49
CA LYS A 463 -8.06 21.19 21.27
C LYS A 463 -6.67 20.56 21.17
N ASN A 464 -5.73 21.26 20.55
CA ASN A 464 -4.31 20.89 20.39
C ASN A 464 -4.06 19.54 19.77
N GLY A 465 -4.68 19.27 18.64
CA GLY A 465 -4.56 18.01 17.90
C GLY A 465 -5.43 16.87 18.42
N LYS A 466 -6.29 17.17 19.40
CA LYS A 466 -7.15 16.15 20.00
C LYS A 466 -8.62 16.51 19.84
N VAL A 467 -9.46 15.50 19.44
CA VAL A 467 -10.91 15.56 19.34
C VAL A 467 -11.37 15.27 20.76
N THR A 468 -11.87 16.29 21.46
CA THR A 468 -12.22 16.25 22.88
C THR A 468 -13.67 15.89 23.17
N LYS A 469 -14.52 15.87 22.15
CA LYS A 469 -15.95 15.60 22.26
C LYS A 469 -16.42 15.06 20.91
N SER A 470 -17.08 13.87 20.92
CA SER A 470 -17.66 13.18 19.77
C SER A 470 -19.11 12.90 20.00
N TYR A 471 -19.87 12.83 18.94
CA TYR A 471 -21.29 12.58 18.95
C TYR A 471 -21.54 11.33 18.14
N SER A 472 -22.52 10.57 18.57
CA SER A 472 -22.91 9.37 17.85
C SER A 472 -23.89 9.86 16.79
N PHE A 473 -24.08 9.08 15.73
CA PHE A 473 -25.00 9.46 14.67
C PHE A 473 -26.43 9.41 15.20
N ASP A 474 -26.64 8.57 16.23
CA ASP A 474 -27.93 8.36 16.88
C ASP A 474 -28.34 9.60 17.64
N GLU A 475 -27.38 10.24 18.33
CA GLU A 475 -27.58 11.50 19.05
C GLU A 475 -27.94 12.61 18.03
N ILE A 476 -27.17 12.67 16.92
CA ILE A 476 -27.33 13.62 15.84
C ILE A 476 -28.72 13.55 15.25
N ARG A 477 -29.20 12.33 14.95
CA ARG A 477 -30.53 12.07 14.38
C ARG A 477 -31.62 12.57 15.31
N LYS A 478 -31.46 12.34 16.61
CA LYS A 478 -32.39 12.77 17.64
C LYS A 478 -32.44 14.29 17.78
N ASN A 479 -31.26 14.94 17.77
CA ASN A 479 -31.13 16.38 17.84
C ASN A 479 -31.80 17.09 16.64
N ALA A 480 -31.75 16.43 15.46
CA ALA A 480 -32.27 16.89 14.17
C ALA A 480 -33.74 16.55 13.89
N GLN A 481 -34.43 15.96 14.87
CA GLN A 481 -35.86 15.61 14.73
C GLN A 481 -36.76 16.80 14.42
N LEU A 482 -37.91 16.52 13.73
CA LEU A 482 -38.92 17.55 13.41
C LEU A 482 -39.78 17.82 14.63
N ASN A 483 -40.12 19.09 14.88
CA ASN A 483 -40.99 19.53 16.00
C ASN A 483 -42.30 18.75 15.94
N ILE A 484 -42.90 18.75 14.73
CA ILE A 484 -44.10 18.07 14.24
C ILE A 484 -45.26 17.95 15.32
N GLU A 485 -45.73 19.12 15.83
CA GLU A 485 -46.83 19.17 16.80
C GLU A 485 -47.91 20.17 16.37
N ALA B 7 -10.85 0.52 6.13
CA ALA B 7 -11.09 1.96 6.06
C ALA B 7 -10.48 2.66 4.81
N GLU B 8 -10.17 1.85 3.75
CA GLU B 8 -9.66 2.30 2.45
C GLU B 8 -10.75 2.06 1.38
N PHE B 9 -10.48 2.47 0.11
CA PHE B 9 -11.43 2.36 -0.99
C PHE B 9 -11.76 0.91 -1.39
N ASN B 10 -13.05 0.60 -1.40
CA ASN B 10 -13.58 -0.70 -1.77
C ASN B 10 -14.59 -0.51 -2.89
N ILE B 11 -14.25 -0.96 -4.11
CA ILE B 11 -15.09 -0.92 -5.31
C ILE B 11 -16.41 -1.72 -5.17
N LEU B 12 -16.44 -2.74 -4.29
CA LEU B 12 -17.66 -3.53 -4.05
C LEU B 12 -18.69 -2.68 -3.30
N LEU B 13 -18.24 -1.63 -2.60
CA LEU B 13 -19.11 -0.69 -1.89
C LEU B 13 -19.19 0.66 -2.64
N ALA B 14 -18.68 0.71 -3.88
CA ALA B 14 -18.65 1.94 -4.65
C ALA B 14 -19.64 1.97 -5.81
N THR B 15 -20.85 1.53 -5.55
CA THR B 15 -21.87 1.54 -6.59
C THR B 15 -23.21 1.90 -5.97
N ASP B 16 -24.24 2.15 -6.81
CA ASP B 16 -25.62 2.36 -6.36
C ASP B 16 -26.11 1.01 -5.88
N SER B 17 -26.73 0.94 -4.69
CA SER B 17 -27.25 -0.27 -4.05
C SER B 17 -27.99 -1.23 -4.97
N TYR B 18 -28.85 -0.71 -5.84
CA TYR B 18 -29.65 -1.56 -6.72
C TYR B 18 -28.80 -2.33 -7.73
N LYS B 19 -27.64 -1.80 -8.12
CA LYS B 19 -26.72 -2.48 -9.03
C LYS B 19 -26.22 -3.81 -8.45
N VAL B 20 -26.16 -3.91 -7.11
CA VAL B 20 -25.81 -5.12 -6.35
C VAL B 20 -26.83 -6.24 -6.69
N THR B 21 -28.05 -5.88 -7.14
CA THR B 21 -29.11 -6.84 -7.42
C THR B 21 -29.26 -7.22 -8.89
N HIS B 22 -28.70 -6.42 -9.81
CA HIS B 22 -28.82 -6.60 -11.25
C HIS B 22 -28.27 -7.92 -11.82
N TYR B 23 -27.31 -8.59 -11.16
CA TYR B 23 -26.79 -9.87 -11.66
C TYR B 23 -27.90 -10.92 -11.82
N LYS B 24 -28.94 -10.84 -10.94
CA LYS B 24 -30.16 -11.67 -10.93
C LYS B 24 -31.29 -11.16 -11.91
N GLN B 25 -31.04 -10.06 -12.66
CA GLN B 25 -32.07 -9.41 -13.52
C GLN B 25 -31.84 -9.47 -15.03
N TYR B 26 -30.60 -9.63 -15.45
CA TYR B 26 -30.28 -9.70 -16.88
C TYR B 26 -30.81 -11.01 -17.49
N PRO B 27 -31.11 -11.06 -18.83
CA PRO B 27 -31.60 -12.31 -19.43
C PRO B 27 -30.67 -13.49 -19.17
N PRO B 28 -31.22 -14.68 -18.88
CA PRO B 28 -30.36 -15.88 -18.70
C PRO B 28 -29.41 -16.07 -19.88
N ASN B 29 -28.19 -16.58 -19.60
CA ASN B 29 -27.15 -16.81 -20.61
C ASN B 29 -26.70 -15.50 -21.35
N THR B 30 -26.53 -14.37 -20.60
CA THR B 30 -25.99 -13.12 -21.12
C THR B 30 -24.48 -13.23 -20.87
N SER B 31 -23.70 -13.01 -21.94
CA SER B 31 -22.25 -13.17 -21.90
C SER B 31 -21.52 -11.84 -22.01
N LYS B 32 -22.20 -10.86 -22.61
CA LYS B 32 -21.68 -9.54 -22.79
C LYS B 32 -22.77 -8.48 -22.56
N VAL B 33 -22.38 -7.40 -21.86
CA VAL B 33 -23.11 -6.16 -21.62
C VAL B 33 -22.10 -5.10 -22.05
N TYR B 34 -22.46 -4.33 -23.09
CA TYR B 34 -21.67 -3.26 -23.68
C TYR B 34 -22.44 -1.96 -23.45
N SER B 35 -21.74 -0.95 -22.94
CA SER B 35 -22.32 0.34 -22.58
C SER B 35 -21.45 1.47 -23.02
N TYR B 36 -22.02 2.67 -23.14
CA TYR B 36 -21.26 3.83 -23.56
C TYR B 36 -21.68 5.08 -22.78
N PHE B 37 -20.87 6.16 -22.93
CA PHE B 37 -21.10 7.47 -22.32
C PHE B 37 -21.19 8.53 -23.41
N GLU B 38 -22.04 9.51 -23.17
CA GLU B 38 -22.26 10.66 -24.04
C GLU B 38 -22.79 11.84 -23.22
N CYS B 39 -22.60 13.04 -23.75
CA CYS B 39 -23.17 14.26 -23.25
C CYS B 39 -24.31 14.51 -24.23
N ARG B 40 -25.46 13.87 -23.98
CA ARG B 40 -26.68 13.95 -24.80
C ARG B 40 -27.02 15.37 -25.22
N GLU B 41 -27.51 15.49 -26.46
CA GLU B 41 -28.00 16.71 -27.12
C GLU B 41 -29.26 17.25 -26.43
N LYS B 42 -29.50 18.58 -26.52
CA LYS B 42 -30.69 19.24 -25.96
C LYS B 42 -31.89 19.10 -26.92
N LYS B 53 -25.80 27.26 -26.38
CA LYS B 53 -25.19 27.05 -25.08
C LYS B 53 -24.57 25.62 -24.93
N TYR B 54 -23.23 25.55 -24.82
CA TYR B 54 -22.45 24.33 -24.64
C TYR B 54 -22.63 23.30 -25.76
N GLU B 55 -22.29 23.73 -26.98
CA GLU B 55 -22.38 22.94 -28.21
C GLU B 55 -21.40 21.77 -28.19
N GLU B 56 -20.17 22.05 -27.74
CA GLU B 56 -19.06 21.11 -27.67
C GLU B 56 -18.55 20.93 -26.24
N THR B 57 -18.01 19.74 -25.93
CA THR B 57 -17.50 19.41 -24.59
C THR B 57 -16.04 18.98 -24.58
N VAL B 58 -15.31 19.32 -23.50
CA VAL B 58 -13.94 18.88 -23.30
C VAL B 58 -14.03 17.51 -22.60
N PHE B 59 -13.41 16.46 -23.19
CA PHE B 59 -13.43 15.15 -22.55
C PHE B 59 -12.25 15.11 -21.60
N TYR B 60 -12.52 15.16 -20.29
CA TYR B 60 -11.49 15.20 -19.28
C TYR B 60 -11.85 14.46 -17.98
N GLY B 61 -10.84 13.82 -17.36
CA GLY B 61 -10.99 13.21 -16.05
C GLY B 61 -11.11 11.71 -15.92
N LEU B 62 -11.24 10.98 -17.00
CA LEU B 62 -11.32 9.52 -16.92
C LEU B 62 -10.02 8.87 -16.42
N GLN B 63 -8.87 9.41 -16.83
CA GLN B 63 -7.53 8.91 -16.47
C GLN B 63 -7.31 8.97 -14.96
N TYR B 64 -7.97 9.94 -14.31
CA TYR B 64 -7.94 10.08 -12.87
C TYR B 64 -8.68 8.89 -12.22
N ILE B 65 -9.92 8.63 -12.71
CA ILE B 65 -10.80 7.54 -12.27
C ILE B 65 -10.13 6.15 -12.45
N LEU B 66 -9.62 5.82 -13.66
CA LEU B 66 -8.96 4.54 -13.96
C LEU B 66 -7.81 4.24 -13.02
N ASN B 67 -6.93 5.23 -12.81
CA ASN B 67 -5.74 5.07 -12.00
C ASN B 67 -6.02 5.01 -10.54
N LYS B 68 -6.91 5.90 -10.08
CA LYS B 68 -7.22 5.96 -8.65
C LYS B 68 -8.14 4.85 -8.17
N TYR B 69 -9.14 4.51 -8.99
CA TYR B 69 -10.20 3.62 -8.57
C TYR B 69 -10.37 2.28 -9.31
N LEU B 70 -9.87 2.13 -10.55
CA LEU B 70 -10.09 0.89 -11.29
C LEU B 70 -8.86 -0.06 -11.50
N LYS B 71 -7.62 0.47 -11.72
CA LYS B 71 -6.42 -0.34 -12.00
C LYS B 71 -5.96 -1.21 -10.79
N GLY B 72 -5.37 -2.36 -11.12
CA GLY B 72 -4.79 -3.33 -10.20
C GLY B 72 -5.75 -4.27 -9.50
N LYS B 73 -5.27 -4.81 -8.38
CA LYS B 73 -6.03 -5.70 -7.51
C LYS B 73 -7.01 -4.83 -6.65
N VAL B 74 -8.21 -4.64 -7.19
CA VAL B 74 -9.30 -3.88 -6.57
C VAL B 74 -10.20 -4.81 -5.77
N VAL B 75 -9.95 -6.14 -5.85
CA VAL B 75 -10.71 -7.15 -5.12
C VAL B 75 -9.80 -7.90 -4.17
N THR B 76 -10.21 -8.03 -2.91
CA THR B 76 -9.48 -8.81 -1.93
C THR B 76 -10.51 -9.62 -1.17
N LYS B 77 -10.05 -10.66 -0.49
CA LYS B 77 -10.87 -11.55 0.33
C LYS B 77 -11.61 -10.71 1.39
N GLU B 78 -10.86 -9.82 2.08
CA GLU B 78 -11.37 -8.94 3.13
C GLU B 78 -12.43 -7.97 2.59
N LYS B 79 -12.22 -7.44 1.36
CA LYS B 79 -13.15 -6.54 0.66
C LYS B 79 -14.48 -7.22 0.36
N ILE B 80 -14.46 -8.48 -0.14
CA ILE B 80 -15.67 -9.31 -0.40
C ILE B 80 -16.45 -9.50 0.93
N GLN B 81 -15.74 -9.86 2.01
CA GLN B 81 -16.33 -10.06 3.33
C GLN B 81 -16.91 -8.76 3.94
N GLU B 82 -16.27 -7.60 3.68
CA GLU B 82 -16.71 -6.28 4.13
C GLU B 82 -18.06 -5.99 3.48
N ALA B 83 -18.12 -6.11 2.13
CA ALA B 83 -19.31 -5.86 1.32
C ALA B 83 -20.46 -6.80 1.66
N LYS B 84 -20.17 -8.08 1.89
CA LYS B 84 -21.17 -9.09 2.26
C LYS B 84 -21.90 -8.70 3.56
N ASP B 85 -21.15 -8.34 4.61
CA ASP B 85 -21.70 -8.00 5.92
C ASP B 85 -22.62 -6.76 5.86
N VAL B 86 -22.18 -5.76 5.09
CA VAL B 86 -22.90 -4.51 4.88
C VAL B 86 -24.15 -4.80 4.10
N TYR B 87 -24.04 -5.39 2.91
CA TYR B 87 -25.23 -5.57 2.08
C TYR B 87 -26.31 -6.45 2.72
N LYS B 88 -25.91 -7.48 3.51
CA LYS B 88 -26.86 -8.33 4.23
C LYS B 88 -27.80 -7.42 5.05
N GLU B 89 -27.22 -6.51 5.85
CA GLU B 89 -27.96 -5.55 6.69
C GLU B 89 -28.66 -4.44 5.88
N HIS B 90 -28.00 -3.91 4.83
CA HIS B 90 -28.50 -2.86 3.95
C HIS B 90 -29.79 -3.26 3.20
N PHE B 91 -29.84 -4.52 2.73
CA PHE B 91 -30.99 -5.06 2.01
C PHE B 91 -31.91 -5.92 2.90
N GLN B 92 -31.43 -6.35 4.09
CA GLN B 92 -32.18 -7.20 5.04
C GLN B 92 -32.56 -8.54 4.35
N ASP B 93 -31.71 -8.94 3.40
CA ASP B 93 -31.79 -10.13 2.56
C ASP B 93 -30.41 -10.34 1.91
N ASP B 94 -30.09 -11.58 1.55
CA ASP B 94 -28.84 -11.95 0.90
C ASP B 94 -29.02 -11.95 -0.60
N VAL B 95 -28.55 -10.88 -1.25
CA VAL B 95 -28.63 -10.68 -2.71
C VAL B 95 -27.29 -10.33 -3.27
N PHE B 96 -26.22 -10.54 -2.51
CA PHE B 96 -24.87 -10.18 -2.91
C PHE B 96 -24.19 -11.28 -3.73
N ASN B 97 -23.45 -10.90 -4.80
CA ASN B 97 -22.73 -11.81 -5.71
C ASN B 97 -21.35 -12.19 -5.20
N GLU B 98 -21.31 -12.94 -4.07
CA GLU B 98 -20.09 -13.43 -3.43
C GLU B 98 -19.31 -14.28 -4.43
N LYS B 99 -20.01 -15.26 -5.07
CA LYS B 99 -19.46 -16.18 -6.09
C LYS B 99 -18.88 -15.44 -7.29
N GLY B 100 -19.59 -14.42 -7.76
CA GLY B 100 -19.18 -13.62 -8.91
C GLY B 100 -17.97 -12.75 -8.66
N TRP B 101 -17.84 -12.23 -7.42
CA TRP B 101 -16.70 -11.40 -7.02
C TRP B 101 -15.49 -12.30 -6.64
N ASN B 102 -15.75 -13.47 -6.01
CA ASN B 102 -14.69 -14.46 -5.72
C ASN B 102 -14.12 -14.98 -7.04
N TYR B 103 -14.96 -15.07 -8.11
CA TYR B 103 -14.49 -15.49 -9.42
C TYR B 103 -13.42 -14.53 -9.94
N ILE B 104 -13.65 -13.21 -9.88
CA ILE B 104 -12.68 -12.17 -10.29
C ILE B 104 -11.43 -12.25 -9.39
N LEU B 105 -11.60 -12.67 -8.12
CA LEU B 105 -10.48 -12.77 -7.18
C LEU B 105 -9.53 -13.96 -7.49
N GLU B 106 -10.09 -15.16 -7.67
CA GLU B 106 -9.33 -16.39 -7.94
C GLU B 106 -8.73 -16.41 -9.36
N LYS B 107 -9.56 -16.09 -10.39
CA LYS B 107 -9.23 -16.10 -11.82
C LYS B 107 -8.29 -15.04 -12.29
N TYR B 108 -8.54 -13.78 -11.90
CA TYR B 108 -7.79 -12.61 -12.36
C TYR B 108 -6.96 -11.91 -11.29
N ASP B 109 -6.90 -12.50 -10.09
CA ASP B 109 -6.17 -11.95 -8.94
C ASP B 109 -6.69 -10.53 -8.67
N GLY B 110 -8.00 -10.43 -8.52
CA GLY B 110 -8.70 -9.17 -8.27
C GLY B 110 -8.57 -8.07 -9.32
N HIS B 111 -8.14 -8.41 -10.55
CA HIS B 111 -8.04 -7.42 -11.65
C HIS B 111 -9.37 -7.42 -12.41
N LEU B 112 -9.83 -6.26 -12.93
CA LEU B 112 -11.14 -6.17 -13.57
C LEU B 112 -11.17 -6.58 -15.02
N PRO B 113 -11.89 -7.70 -15.32
CA PRO B 113 -12.03 -8.12 -16.73
C PRO B 113 -13.06 -7.26 -17.45
N ILE B 114 -12.61 -6.04 -17.76
CA ILE B 114 -13.29 -4.93 -18.40
C ILE B 114 -12.35 -4.31 -19.42
N GLU B 115 -12.88 -3.82 -20.54
CA GLU B 115 -12.12 -3.08 -21.54
C GLU B 115 -12.87 -1.75 -21.73
N ILE B 116 -12.12 -0.63 -21.65
CA ILE B 116 -12.61 0.73 -21.81
C ILE B 116 -11.78 1.36 -22.91
N LYS B 117 -12.51 1.93 -23.86
CA LYS B 117 -11.99 2.62 -25.04
C LYS B 117 -12.55 4.02 -24.96
N ALA B 118 -11.68 5.03 -24.97
CA ALA B 118 -12.11 6.41 -24.85
C ALA B 118 -11.50 7.30 -25.90
N VAL B 119 -12.18 8.42 -26.19
CA VAL B 119 -11.70 9.48 -27.08
C VAL B 119 -10.52 10.16 -26.32
N PRO B 120 -9.45 10.64 -26.99
CA PRO B 120 -8.35 11.27 -26.24
C PRO B 120 -8.76 12.39 -25.29
N GLU B 121 -8.11 12.42 -24.13
CA GLU B 121 -8.36 13.43 -23.10
C GLU B 121 -7.95 14.81 -23.62
N GLY B 122 -8.84 15.79 -23.41
CA GLY B 122 -8.71 17.15 -23.88
C GLY B 122 -9.51 17.43 -25.14
N PHE B 123 -9.83 16.38 -25.92
CA PHE B 123 -10.59 16.46 -27.18
C PHE B 123 -11.89 17.16 -27.00
N VAL B 124 -12.15 18.12 -27.89
CA VAL B 124 -13.35 18.93 -27.88
C VAL B 124 -14.29 18.24 -28.86
N ILE B 125 -15.39 17.67 -28.34
CA ILE B 125 -16.35 16.88 -29.11
C ILE B 125 -17.75 17.52 -29.05
N PRO B 126 -18.53 17.59 -30.18
CA PRO B 126 -19.91 18.13 -30.07
C PRO B 126 -20.80 17.15 -29.31
N ARG B 127 -21.96 17.63 -28.81
CA ARG B 127 -22.92 16.85 -28.02
C ARG B 127 -23.51 15.67 -28.77
N GLY B 128 -23.89 14.64 -28.01
CA GLY B 128 -24.53 13.44 -28.56
C GLY B 128 -23.58 12.48 -29.26
N ASN B 129 -22.26 12.58 -29.00
CA ASN B 129 -21.26 11.67 -29.55
C ASN B 129 -20.74 10.76 -28.48
N VAL B 130 -20.39 9.51 -28.84
CA VAL B 130 -19.84 8.50 -27.94
C VAL B 130 -18.47 9.02 -27.44
N LEU B 131 -18.29 9.11 -26.11
CA LEU B 131 -17.04 9.59 -25.51
C LEU B 131 -16.22 8.45 -24.99
N PHE B 132 -16.88 7.39 -24.49
CA PHE B 132 -16.17 6.20 -24.04
C PHE B 132 -17.11 5.02 -23.97
N THR B 133 -16.57 3.79 -24.12
CA THR B 133 -17.39 2.57 -24.07
C THR B 133 -16.81 1.62 -23.05
N VAL B 134 -17.67 0.86 -22.41
CA VAL B 134 -17.28 -0.12 -21.41
C VAL B 134 -17.89 -1.47 -21.74
N GLU B 135 -17.10 -2.53 -21.64
CA GLU B 135 -17.58 -3.90 -21.86
C GLU B 135 -16.74 -4.89 -21.04
N ASN B 136 -17.35 -6.03 -20.72
CA ASN B 136 -16.69 -7.11 -20.01
C ASN B 136 -15.89 -7.96 -21.02
N THR B 137 -14.74 -8.48 -20.59
CA THR B 137 -13.85 -9.30 -21.42
C THR B 137 -14.04 -10.79 -21.09
N ASP B 138 -14.74 -11.10 -19.97
CA ASP B 138 -15.06 -12.47 -19.56
C ASP B 138 -16.59 -12.67 -19.51
N PRO B 139 -17.11 -13.80 -20.07
CA PRO B 139 -18.58 -14.03 -20.07
C PRO B 139 -19.24 -14.21 -18.70
N GLU B 140 -18.45 -14.58 -17.67
CA GLU B 140 -18.93 -14.75 -16.31
C GLU B 140 -19.21 -13.39 -15.66
N CYS B 141 -18.57 -12.34 -16.20
CA CYS B 141 -18.60 -10.97 -15.69
C CYS B 141 -19.44 -10.01 -16.52
N TYR B 142 -20.58 -10.51 -17.07
CA TYR B 142 -21.54 -9.70 -17.87
C TYR B 142 -22.08 -8.51 -17.00
N TRP B 143 -22.23 -8.75 -15.68
CA TRP B 143 -22.76 -7.86 -14.65
C TRP B 143 -21.79 -6.71 -14.24
N LEU B 144 -20.49 -6.87 -14.53
CA LEU B 144 -19.42 -5.96 -14.15
C LEU B 144 -19.46 -4.60 -14.84
N THR B 145 -19.83 -4.58 -16.13
CA THR B 145 -19.90 -3.37 -16.96
C THR B 145 -20.66 -2.21 -16.31
N ASN B 146 -21.89 -2.49 -15.86
CA ASN B 146 -22.75 -1.45 -15.30
C ASN B 146 -22.63 -1.32 -13.79
N TRP B 147 -21.87 -2.21 -13.14
CA TRP B 147 -21.63 -2.10 -11.71
C TRP B 147 -20.78 -0.85 -11.52
N ILE B 148 -19.84 -0.62 -12.46
CA ILE B 148 -18.90 0.49 -12.44
C ILE B 148 -19.45 1.71 -13.21
N GLU B 149 -20.77 1.79 -13.47
CA GLU B 149 -21.39 2.94 -14.15
C GLU B 149 -21.30 4.13 -13.22
N THR B 150 -21.67 3.92 -11.94
CA THR B 150 -21.69 4.97 -10.93
C THR B 150 -20.38 5.73 -10.80
N ILE B 151 -19.25 5.00 -10.78
CA ILE B 151 -17.90 5.54 -10.65
C ILE B 151 -17.47 6.27 -11.95
N LEU B 152 -17.80 5.72 -13.13
CA LEU B 152 -17.47 6.31 -14.44
C LEU B 152 -18.31 7.54 -14.76
N VAL B 153 -19.62 7.52 -14.45
CA VAL B 153 -20.55 8.65 -14.69
C VAL B 153 -20.07 9.91 -13.96
N GLN B 154 -19.39 9.73 -12.81
CA GLN B 154 -18.80 10.83 -12.01
C GLN B 154 -17.81 11.66 -12.81
N SER B 155 -17.38 11.14 -14.02
CA SER B 155 -16.54 11.86 -15.00
C SER B 155 -17.29 13.07 -15.57
N TRP B 156 -18.62 13.18 -15.30
CA TRP B 156 -19.44 14.33 -15.70
C TRP B 156 -18.85 15.59 -15.15
N TYR B 157 -18.40 15.57 -13.86
CA TYR B 157 -17.87 16.70 -13.14
C TYR B 157 -16.61 17.27 -13.80
N PRO B 158 -15.49 16.51 -13.93
CA PRO B 158 -14.34 17.10 -14.66
C PRO B 158 -14.71 17.57 -16.09
N ILE B 159 -15.53 16.80 -16.85
CA ILE B 159 -16.01 17.20 -18.20
C ILE B 159 -16.71 18.56 -18.15
N THR B 160 -17.73 18.73 -17.27
CA THR B 160 -18.55 19.95 -17.13
C THR B 160 -17.72 21.18 -16.67
N VAL B 161 -16.78 21.02 -15.72
CA VAL B 161 -15.92 22.11 -15.23
C VAL B 161 -15.02 22.53 -16.38
N ALA B 162 -14.37 21.54 -17.03
CA ALA B 162 -13.50 21.82 -18.19
C ALA B 162 -14.24 22.49 -19.37
N THR B 163 -15.50 22.11 -19.62
CA THR B 163 -16.35 22.65 -20.69
C THR B 163 -16.82 24.06 -20.38
N ASN B 164 -17.36 24.29 -19.16
CA ASN B 164 -17.85 25.60 -18.70
C ASN B 164 -16.72 26.62 -18.58
N SER B 165 -15.54 26.17 -18.09
CA SER B 165 -14.33 27.00 -17.97
C SER B 165 -13.80 27.41 -19.37
N ARG B 166 -13.80 26.48 -20.37
CA ARG B 166 -13.38 26.76 -21.76
C ARG B 166 -14.34 27.75 -22.40
N GLU B 167 -15.65 27.66 -22.03
CA GLU B 167 -16.70 28.57 -22.51
C GLU B 167 -16.52 29.97 -22.02
N GLN B 168 -15.99 30.13 -20.81
CA GLN B 168 -15.71 31.46 -20.25
C GLN B 168 -14.42 32.01 -20.87
N LYS B 169 -13.53 31.11 -21.34
CA LYS B 169 -12.29 31.48 -22.02
C LYS B 169 -12.65 32.03 -23.38
N LYS B 170 -13.73 31.52 -24.01
CA LYS B 170 -14.25 31.99 -25.29
C LYS B 170 -14.73 33.44 -25.15
N ILE B 171 -15.56 33.73 -24.11
CA ILE B 171 -16.10 35.06 -23.78
C ILE B 171 -14.96 36.05 -23.48
N LEU B 172 -14.01 35.64 -22.63
CA LEU B 172 -12.88 36.47 -22.27
C LEU B 172 -12.01 36.80 -23.45
N ALA B 173 -11.72 35.80 -24.33
CA ALA B 173 -10.88 35.97 -25.55
C ALA B 173 -11.52 36.93 -26.54
N LYS B 174 -12.83 36.79 -26.79
CA LYS B 174 -13.57 37.65 -27.72
C LYS B 174 -13.39 39.13 -27.37
N TYR B 175 -13.69 39.49 -26.10
CA TYR B 175 -13.62 40.86 -25.60
C TYR B 175 -12.20 41.36 -25.33
N LEU B 176 -11.22 40.49 -25.02
CA LEU B 176 -9.86 40.98 -24.84
C LEU B 176 -9.25 41.36 -26.19
N LEU B 177 -9.53 40.56 -27.25
CA LEU B 177 -9.09 40.79 -28.64
C LEU B 177 -9.77 42.07 -29.18
N GLU B 178 -11.07 42.24 -28.89
CA GLU B 178 -11.90 43.39 -29.28
C GLU B 178 -11.47 44.72 -28.65
N THR B 179 -11.00 44.69 -27.38
CA THR B 179 -10.65 45.92 -26.65
C THR B 179 -9.13 46.16 -26.55
N SER B 180 -8.28 45.23 -27.06
CA SER B 180 -6.83 45.39 -26.98
C SER B 180 -6.05 44.96 -28.24
N GLY B 181 -6.70 44.19 -29.11
CA GLY B 181 -6.09 43.70 -30.35
C GLY B 181 -5.25 42.46 -30.19
N ASN B 182 -5.05 41.99 -28.94
CA ASN B 182 -4.27 40.80 -28.62
C ASN B 182 -5.00 39.88 -27.61
N LEU B 183 -4.38 38.73 -27.30
CA LEU B 183 -4.86 37.72 -26.36
C LEU B 183 -3.80 37.48 -25.26
N ASP B 184 -3.05 38.54 -24.92
CA ASP B 184 -1.96 38.45 -23.96
C ASP B 184 -2.44 38.30 -22.53
N GLY B 185 -1.98 37.22 -21.91
CA GLY B 185 -2.28 36.90 -20.53
C GLY B 185 -3.70 36.44 -20.27
N LEU B 186 -4.36 35.90 -21.32
CA LEU B 186 -5.71 35.36 -21.32
C LEU B 186 -5.83 34.21 -20.31
N GLU B 187 -4.76 33.39 -20.18
CA GLU B 187 -4.73 32.23 -19.29
C GLU B 187 -4.74 32.61 -17.79
N TYR B 188 -4.58 33.91 -17.48
CA TYR B 188 -4.56 34.50 -16.14
C TYR B 188 -5.79 35.36 -15.85
N LYS B 189 -6.76 35.42 -16.78
CA LYS B 189 -7.94 36.26 -16.68
C LYS B 189 -9.10 35.65 -15.90
N LEU B 190 -9.06 34.33 -15.66
CA LEU B 190 -10.07 33.64 -14.86
C LEU B 190 -9.32 32.76 -13.86
N HIS B 191 -9.34 33.20 -12.60
CA HIS B 191 -8.63 32.60 -11.48
C HIS B 191 -9.57 31.78 -10.60
N ASP B 192 -9.15 30.54 -10.22
CA ASP B 192 -9.95 29.66 -9.35
C ASP B 192 -9.94 30.13 -7.89
N PHE B 193 -11.13 30.46 -7.34
CA PHE B 193 -11.35 30.90 -5.94
C PHE B 193 -12.28 29.91 -5.22
N GLY B 194 -12.58 28.79 -5.87
CA GLY B 194 -13.58 27.83 -5.41
C GLY B 194 -13.27 26.79 -4.36
N TYR B 195 -12.03 26.73 -3.83
CA TYR B 195 -11.62 25.73 -2.82
C TYR B 195 -12.60 25.62 -1.62
N ARG B 196 -13.04 26.75 -1.01
CA ARG B 196 -14.00 26.71 0.12
C ARG B 196 -15.45 26.44 -0.30
N GLY B 197 -15.79 26.82 -1.54
CA GLY B 197 -17.13 26.71 -2.09
C GLY B 197 -17.54 25.36 -2.63
N VAL B 198 -16.58 24.41 -2.72
CA VAL B 198 -16.84 23.03 -3.16
C VAL B 198 -17.29 22.13 -2.01
N SER B 199 -17.76 20.93 -2.35
CA SER B 199 -18.34 20.00 -1.42
C SER B 199 -17.35 19.09 -0.63
N SER B 200 -16.10 18.93 -1.13
CA SER B 200 -15.09 18.08 -0.50
C SER B 200 -13.73 18.42 -0.98
N GLN B 201 -12.72 17.87 -0.30
CA GLN B 201 -11.29 18.00 -0.65
C GLN B 201 -11.02 17.32 -1.96
N GLU B 202 -11.65 16.18 -2.25
CA GLU B 202 -11.46 15.45 -3.50
C GLU B 202 -12.02 16.23 -4.68
N THR B 203 -13.24 16.83 -4.52
CA THR B 203 -13.88 17.67 -5.55
C THR B 203 -13.01 18.87 -5.93
N ALA B 204 -12.40 19.53 -4.94
CA ALA B 204 -11.52 20.68 -5.14
C ALA B 204 -10.37 20.35 -6.10
N GLY B 205 -9.73 19.20 -5.94
CA GLY B 205 -8.63 18.77 -6.79
C GLY B 205 -9.05 18.42 -8.20
N ILE B 206 -10.18 17.69 -8.37
CA ILE B 206 -10.74 17.30 -9.67
C ILE B 206 -11.17 18.56 -10.42
N GLY B 207 -11.93 19.42 -9.73
CA GLY B 207 -12.45 20.67 -10.28
C GLY B 207 -11.34 21.66 -10.62
N ALA B 208 -10.41 21.92 -9.66
CA ALA B 208 -9.27 22.82 -9.90
C ALA B 208 -8.42 22.35 -11.09
N SER B 209 -8.19 21.04 -11.21
CA SER B 209 -7.43 20.45 -12.32
C SER B 209 -8.14 20.62 -13.65
N ALA B 210 -9.49 20.58 -13.64
CA ALA B 210 -10.35 20.74 -14.83
C ALA B 210 -10.38 22.18 -15.36
N HIS B 211 -10.30 23.18 -14.47
CA HIS B 211 -10.21 24.60 -14.86
C HIS B 211 -8.81 24.89 -15.43
N LEU B 212 -7.77 24.20 -14.92
CA LEU B 212 -6.38 24.36 -15.35
C LEU B 212 -6.07 23.81 -16.75
N VAL B 213 -7.06 23.15 -17.41
CA VAL B 213 -6.97 22.63 -18.79
C VAL B 213 -7.01 23.85 -19.78
N ASN B 214 -7.67 24.94 -19.34
CA ASN B 214 -7.86 26.20 -20.06
C ASN B 214 -7.07 27.37 -19.47
N PHE B 215 -6.93 27.41 -18.14
CA PHE B 215 -6.28 28.53 -17.47
C PHE B 215 -5.07 28.10 -16.62
N LYS B 216 -4.32 29.09 -16.12
CA LYS B 216 -3.12 28.88 -15.32
C LYS B 216 -3.12 29.64 -13.97
N GLY B 217 -4.27 30.22 -13.65
CA GLY B 217 -4.46 30.94 -12.41
C GLY B 217 -5.34 30.16 -11.45
N THR B 218 -4.79 29.80 -10.29
CA THR B 218 -5.55 29.03 -9.29
C THR B 218 -5.11 29.30 -7.86
N ASP B 219 -6.10 29.32 -6.95
CA ASP B 219 -5.88 29.40 -5.51
C ASP B 219 -6.25 28.05 -4.86
N THR B 220 -6.76 27.10 -5.67
CA THR B 220 -7.15 25.76 -5.27
C THR B 220 -5.95 24.83 -5.46
N VAL B 221 -5.04 24.85 -4.47
CA VAL B 221 -3.76 24.13 -4.42
C VAL B 221 -3.92 22.64 -4.71
N ALA B 222 -5.02 22.04 -4.20
CA ALA B 222 -5.39 20.63 -4.36
C ALA B 222 -5.30 20.12 -5.81
N GLY B 223 -5.52 21.01 -6.77
CA GLY B 223 -5.43 20.75 -8.20
C GLY B 223 -4.03 20.42 -8.71
N LEU B 224 -2.98 21.06 -8.12
CA LEU B 224 -1.58 20.85 -8.54
C LEU B 224 -1.11 19.39 -8.31
N ALA B 225 -1.36 18.86 -7.10
CA ALA B 225 -0.98 17.50 -6.73
C ALA B 225 -1.62 16.44 -7.63
N LEU B 226 -2.91 16.63 -7.97
CA LEU B 226 -3.68 15.73 -8.83
C LEU B 226 -3.06 15.65 -10.23
N ILE B 227 -2.67 16.83 -10.77
CA ILE B 227 -2.08 16.93 -12.09
C ILE B 227 -0.74 16.23 -12.14
N LYS B 228 0.16 16.58 -11.19
CA LYS B 228 1.49 16.00 -11.03
C LYS B 228 1.44 14.47 -10.95
N LYS B 229 0.51 13.94 -10.11
CA LYS B 229 0.32 12.52 -9.82
C LYS B 229 -0.38 11.70 -10.92
N TYR B 230 -1.43 12.26 -11.58
CA TYR B 230 -2.21 11.47 -12.54
C TYR B 230 -2.00 11.81 -14.03
N TYR B 231 -1.47 13.02 -14.34
CA TYR B 231 -1.27 13.48 -15.73
C TYR B 231 0.18 13.90 -16.02
N GLY B 232 0.65 14.96 -15.35
CA GLY B 232 2.01 15.46 -15.47
C GLY B 232 2.21 16.59 -16.47
N THR B 233 3.15 17.49 -16.17
CA THR B 233 3.53 18.63 -17.01
C THR B 233 5.06 18.77 -17.12
N LYS B 234 5.53 19.31 -18.26
CA LYS B 234 6.95 19.61 -18.51
C LYS B 234 7.41 20.65 -17.44
N ASP B 235 6.58 21.69 -17.24
CA ASP B 235 6.76 22.77 -16.27
C ASP B 235 6.65 22.22 -14.82
N PRO B 236 7.30 22.86 -13.81
CA PRO B 236 7.20 22.34 -12.44
C PRO B 236 5.78 22.38 -11.83
N VAL B 237 5.00 23.45 -12.12
CA VAL B 237 3.61 23.55 -11.67
C VAL B 237 2.65 23.90 -12.83
N PRO B 238 1.44 23.31 -12.89
CA PRO B 238 0.48 23.73 -13.93
C PRO B 238 -0.26 25.04 -13.61
N GLY B 239 -0.27 25.45 -12.34
CA GLY B 239 -1.02 26.62 -11.91
C GLY B 239 -0.23 27.52 -11.00
N TYR B 240 -0.53 28.83 -11.08
CA TYR B 240 0.17 29.94 -10.43
C TYR B 240 -0.77 30.87 -9.65
N SER B 241 -0.21 31.58 -8.66
CA SER B 241 -0.93 32.56 -7.84
C SER B 241 -0.01 33.66 -7.34
N VAL B 242 -0.59 34.73 -6.76
CA VAL B 242 0.09 35.89 -6.20
C VAL B 242 -0.33 36.15 -4.76
N PRO B 243 0.49 36.89 -3.96
CA PRO B 243 0.06 37.24 -2.60
C PRO B 243 -1.16 38.15 -2.65
N ALA B 244 -2.08 37.95 -1.69
CA ALA B 244 -3.34 38.66 -1.64
C ALA B 244 -3.85 38.76 -0.23
N ALA B 245 -4.58 39.83 0.09
CA ALA B 245 -5.17 40.07 1.39
C ALA B 245 -6.57 39.44 1.52
N GLU B 246 -7.06 39.31 2.75
CA GLU B 246 -8.41 38.85 3.02
C GLU B 246 -8.97 39.81 4.05
N HIS B 247 -10.29 39.85 4.20
CA HIS B 247 -10.89 40.75 5.20
C HIS B 247 -10.19 40.64 6.58
N SER B 248 -9.86 39.43 7.05
CA SER B 248 -9.19 39.25 8.34
C SER B 248 -7.84 39.95 8.42
N THR B 249 -7.06 39.99 7.30
CA THR B 249 -5.75 40.61 7.31
C THR B 249 -5.87 42.15 7.21
N ILE B 250 -7.07 42.66 6.84
CA ILE B 250 -7.36 44.09 6.78
C ILE B 250 -7.97 44.54 8.10
N THR B 251 -9.09 43.89 8.50
CA THR B 251 -9.93 44.20 9.66
C THR B 251 -9.23 44.03 10.98
N ALA B 252 -8.20 43.17 11.02
CA ALA B 252 -7.43 42.91 12.23
C ALA B 252 -6.71 44.15 12.80
N TRP B 253 -6.47 45.13 11.93
CA TRP B 253 -5.79 46.38 12.20
C TRP B 253 -6.68 47.41 12.83
N GLY B 254 -7.98 47.14 12.79
CA GLY B 254 -9.00 48.04 13.30
C GLY B 254 -9.61 48.85 12.17
N LYS B 255 -10.87 49.24 12.33
CA LYS B 255 -11.64 50.02 11.35
C LYS B 255 -10.99 51.36 10.94
N ASP B 256 -10.30 52.03 11.89
CA ASP B 256 -9.63 53.33 11.70
C ASP B 256 -8.25 53.20 11.06
N HIS B 257 -7.71 51.97 10.99
CA HIS B 257 -6.37 51.74 10.51
C HIS B 257 -6.29 50.95 9.20
N GLU B 258 -7.34 51.08 8.35
CA GLU B 258 -7.40 50.46 7.03
C GLU B 258 -6.19 50.89 6.16
N LYS B 259 -5.82 52.20 6.19
CA LYS B 259 -4.63 52.77 5.50
C LYS B 259 -3.29 52.10 5.95
N ASP B 260 -3.19 51.78 7.27
CA ASP B 260 -2.00 51.14 7.83
C ASP B 260 -1.84 49.68 7.40
N ALA B 261 -2.98 48.96 7.25
CA ALA B 261 -3.08 47.58 6.82
C ALA B 261 -2.59 47.53 5.41
N PHE B 262 -3.25 48.37 4.54
CA PHE B 262 -2.98 48.58 3.11
C PHE B 262 -1.51 48.85 2.88
N GLU B 263 -0.96 49.89 3.57
CA GLU B 263 0.45 50.29 3.49
C GLU B 263 1.38 49.16 3.80
N HIS B 264 1.13 48.45 4.91
CA HIS B 264 1.94 47.31 5.37
C HIS B 264 1.98 46.19 4.37
N ILE B 265 0.81 45.85 3.77
CA ILE B 265 0.65 44.76 2.78
C ILE B 265 1.34 45.09 1.44
N VAL B 266 1.09 46.29 0.88
CA VAL B 266 1.74 46.72 -0.37
C VAL B 266 3.27 46.85 -0.19
N THR B 267 3.73 47.12 1.05
CA THR B 267 5.16 47.25 1.33
C THR B 267 5.78 45.83 1.43
N GLN B 268 5.07 44.86 2.08
CA GLN B 268 5.51 43.48 2.21
C GLN B 268 5.65 42.81 0.86
N PHE B 269 4.78 43.17 -0.11
CA PHE B 269 4.80 42.57 -1.45
C PHE B 269 5.03 43.67 -2.51
N SER B 270 6.19 44.33 -2.34
CA SER B 270 6.68 45.47 -3.12
C SER B 270 7.21 45.11 -4.53
N SER B 271 7.77 43.89 -4.71
CA SER B 271 8.39 43.48 -5.96
C SER B 271 7.62 42.42 -6.74
N VAL B 272 6.42 42.02 -6.26
CA VAL B 272 5.53 41.05 -6.92
C VAL B 272 4.10 41.62 -7.03
N PRO B 273 3.20 41.12 -7.94
CA PRO B 273 1.81 41.64 -7.94
C PRO B 273 1.11 41.27 -6.62
N VAL B 274 0.27 42.17 -6.09
CA VAL B 274 -0.44 41.96 -4.83
C VAL B 274 -1.89 42.41 -4.92
N SER B 275 -2.81 41.53 -4.50
CA SER B 275 -4.25 41.77 -4.48
C SER B 275 -4.66 42.24 -3.07
N VAL B 276 -5.31 43.40 -2.98
CA VAL B 276 -5.73 43.93 -1.67
C VAL B 276 -7.25 44.17 -1.70
N VAL B 277 -8.00 43.38 -0.90
CA VAL B 277 -9.44 43.50 -0.75
C VAL B 277 -9.73 44.91 -0.16
N SER B 278 -10.51 45.71 -0.86
CA SER B 278 -10.66 47.11 -0.47
C SER B 278 -12.08 47.56 -0.09
N ASP B 279 -13.02 46.60 0.04
CA ASP B 279 -14.41 46.85 0.40
C ASP B 279 -14.78 46.63 1.87
N SER B 280 -13.81 46.33 2.77
CA SER B 280 -14.10 46.05 4.19
C SER B 280 -15.08 47.01 4.84
N TYR B 281 -14.97 48.32 4.55
CA TYR B 281 -15.87 49.34 5.13
C TYR B 281 -16.57 50.14 4.04
N ASP B 282 -15.79 50.72 3.10
CA ASP B 282 -16.25 51.54 1.97
C ASP B 282 -15.29 51.41 0.77
N ILE B 283 -15.68 50.59 -0.25
CA ILE B 283 -14.85 50.37 -1.44
C ILE B 283 -14.44 51.69 -2.12
N TYR B 284 -15.43 52.58 -2.36
CA TYR B 284 -15.32 53.88 -3.01
C TYR B 284 -14.38 54.83 -2.26
N ASN B 285 -14.47 54.87 -0.92
CA ASN B 285 -13.54 55.66 -0.08
C ASN B 285 -12.10 55.10 -0.08
N ALA B 286 -11.92 53.74 -0.14
CA ALA B 286 -10.57 53.15 -0.21
C ALA B 286 -9.92 53.49 -1.56
N CYS B 287 -10.72 53.59 -2.62
CA CYS B 287 -10.26 53.92 -3.97
C CYS B 287 -9.92 55.38 -4.14
N GLU B 288 -10.85 56.29 -3.78
CA GLU B 288 -10.63 57.73 -3.88
C GLU B 288 -9.65 58.28 -2.83
N LYS B 289 -9.93 58.09 -1.53
CA LYS B 289 -9.10 58.65 -0.45
C LYS B 289 -7.83 57.87 -0.10
N ILE B 290 -7.91 56.53 0.12
CA ILE B 290 -6.73 55.80 0.55
C ILE B 290 -5.78 55.53 -0.62
N TRP B 291 -6.18 54.73 -1.62
CA TRP B 291 -5.33 54.42 -2.77
C TRP B 291 -5.11 55.66 -3.68
N GLY B 292 -6.19 56.41 -3.91
CA GLY B 292 -6.17 57.56 -4.80
C GLY B 292 -5.43 58.79 -4.32
N GLU B 293 -5.17 58.90 -2.99
CA GLU B 293 -4.50 60.07 -2.40
C GLU B 293 -3.39 59.74 -1.39
N ASP B 294 -3.78 59.19 -0.23
CA ASP B 294 -2.91 58.92 0.92
C ASP B 294 -1.79 57.92 0.66
N LEU B 295 -2.07 56.89 -0.15
CA LEU B 295 -1.07 55.86 -0.45
C LEU B 295 -0.67 55.86 -1.93
N ARG B 296 -1.24 56.80 -2.73
CA ARG B 296 -1.02 57.00 -4.17
C ARG B 296 0.42 56.87 -4.59
N HIS B 297 1.33 57.48 -3.78
CA HIS B 297 2.79 57.48 -3.99
C HIS B 297 3.42 56.11 -3.95
N LEU B 298 2.76 55.14 -3.27
CA LEU B 298 3.23 53.75 -3.16
C LEU B 298 2.67 52.89 -4.29
N ILE B 299 1.75 53.46 -5.10
CA ILE B 299 1.12 52.77 -6.25
C ILE B 299 1.82 53.20 -7.53
N VAL B 300 1.95 54.53 -7.75
CA VAL B 300 2.62 55.16 -8.92
C VAL B 300 4.08 54.69 -9.10
N SER B 301 4.73 54.27 -7.99
CA SER B 301 6.13 53.80 -7.91
C SER B 301 6.35 52.31 -8.23
N ARG B 302 5.27 51.53 -8.41
CA ARG B 302 5.35 50.08 -8.59
C ARG B 302 5.73 49.64 -10.01
N SER B 303 6.44 48.49 -10.11
CA SER B 303 6.86 47.84 -11.36
C SER B 303 5.69 47.25 -12.15
N THR B 304 5.82 47.18 -13.48
CA THR B 304 4.80 46.66 -14.41
C THR B 304 4.54 45.16 -14.19
N GLN B 305 5.50 44.44 -13.61
CA GLN B 305 5.34 43.01 -13.32
C GLN B 305 5.06 42.80 -11.81
N ALA B 306 4.77 43.92 -11.11
CA ALA B 306 4.46 43.99 -9.69
C ALA B 306 3.37 45.07 -9.38
N PRO B 307 2.19 45.01 -10.07
CA PRO B 307 1.16 46.02 -9.83
C PRO B 307 0.33 45.79 -8.56
N LEU B 308 -0.46 46.82 -8.19
CA LEU B 308 -1.42 46.71 -7.11
C LEU B 308 -2.70 46.31 -7.82
N ILE B 309 -3.34 45.20 -7.36
CA ILE B 309 -4.58 44.73 -7.92
C ILE B 309 -5.67 44.96 -6.89
N ILE B 310 -6.51 45.96 -7.13
CA ILE B 310 -7.61 46.34 -6.24
C ILE B 310 -8.76 45.34 -6.35
N ARG B 311 -9.22 44.83 -5.19
CA ARG B 311 -10.29 43.86 -5.17
C ARG B 311 -11.58 44.35 -4.52
N PRO B 312 -12.58 44.72 -5.35
CA PRO B 312 -13.94 44.90 -4.80
C PRO B 312 -14.50 43.48 -4.50
N ASP B 313 -15.42 43.34 -3.49
CA ASP B 313 -15.94 42.03 -3.12
C ASP B 313 -17.42 42.04 -2.66
N SER B 314 -18.12 43.18 -2.83
CA SER B 314 -19.55 43.33 -2.50
C SER B 314 -20.21 44.31 -3.46
N GLY B 315 -21.54 44.37 -3.43
CA GLY B 315 -22.33 45.23 -4.31
C GLY B 315 -22.64 44.54 -5.63
N ASN B 316 -23.30 45.26 -6.56
CA ASN B 316 -23.63 44.76 -7.89
C ASN B 316 -22.32 44.62 -8.67
N PRO B 317 -22.00 43.39 -9.16
CA PRO B 317 -20.72 43.16 -9.84
C PRO B 317 -20.35 44.13 -10.95
N LEU B 318 -21.26 44.45 -11.89
CA LEU B 318 -20.92 45.40 -12.97
C LEU B 318 -20.83 46.84 -12.45
N ASP B 319 -21.88 47.35 -11.76
CA ASP B 319 -21.86 48.72 -11.21
C ASP B 319 -20.62 49.05 -10.40
N THR B 320 -20.18 48.13 -9.50
CA THR B 320 -19.00 48.27 -8.65
C THR B 320 -17.74 48.37 -9.49
N VAL B 321 -17.60 47.48 -10.51
CA VAL B 321 -16.43 47.46 -11.40
C VAL B 321 -16.27 48.83 -12.05
N LEU B 322 -17.34 49.32 -12.70
CA LEU B 322 -17.41 50.62 -13.37
C LEU B 322 -17.19 51.78 -12.42
N LYS B 323 -17.91 51.81 -11.26
CA LYS B 323 -17.73 52.92 -10.32
C LYS B 323 -16.30 52.98 -9.81
N VAL B 324 -15.67 51.80 -9.59
CA VAL B 324 -14.26 51.71 -9.14
C VAL B 324 -13.33 52.25 -10.23
N LEU B 325 -13.51 51.76 -11.49
CA LEU B 325 -12.72 52.16 -12.67
C LEU B 325 -12.83 53.67 -12.90
N GLU B 326 -14.05 54.23 -12.70
CA GLU B 326 -14.37 55.66 -12.80
C GLU B 326 -13.57 56.52 -11.83
N ILE B 327 -13.39 56.03 -10.58
CA ILE B 327 -12.66 56.67 -9.48
C ILE B 327 -11.14 56.63 -9.70
N LEU B 328 -10.59 55.45 -10.02
CA LEU B 328 -9.16 55.27 -10.29
C LEU B 328 -8.78 56.10 -11.52
N GLY B 329 -9.74 56.27 -12.45
CA GLY B 329 -9.60 57.07 -13.66
C GLY B 329 -9.38 58.55 -13.38
N LYS B 330 -9.97 59.05 -12.27
CA LYS B 330 -9.87 60.44 -11.82
C LYS B 330 -8.71 60.70 -10.86
N LYS B 331 -7.89 59.67 -10.55
CA LYS B 331 -6.74 59.77 -9.63
C LYS B 331 -5.47 59.22 -10.24
N PHE B 332 -5.61 58.48 -11.36
CA PHE B 332 -4.50 57.87 -12.05
C PHE B 332 -4.58 58.18 -13.56
N PRO B 333 -3.41 58.39 -14.22
CA PRO B 333 -3.41 58.73 -15.65
C PRO B 333 -3.97 57.64 -16.58
N VAL B 334 -5.20 57.85 -17.09
CA VAL B 334 -5.84 56.91 -18.03
C VAL B 334 -5.46 57.26 -19.48
N THR B 335 -4.97 56.26 -20.24
CA THR B 335 -4.57 56.43 -21.65
C THR B 335 -5.47 55.63 -22.60
N GLU B 336 -5.41 55.98 -23.89
CA GLU B 336 -6.18 55.31 -24.96
C GLU B 336 -5.25 54.30 -25.63
N ASN B 337 -5.75 53.08 -25.88
CA ASN B 337 -4.94 52.03 -26.50
C ASN B 337 -5.16 51.96 -28.02
N SER B 338 -4.41 51.05 -28.71
CA SER B 338 -4.47 50.80 -30.15
C SER B 338 -5.91 50.60 -30.71
N LYS B 339 -6.88 50.21 -29.84
CA LYS B 339 -8.29 49.99 -30.21
C LYS B 339 -9.21 51.14 -29.77
N GLY B 340 -8.62 52.12 -29.09
CA GLY B 340 -9.32 53.31 -28.60
C GLY B 340 -10.05 53.13 -27.29
N TYR B 341 -9.63 52.11 -26.49
CA TYR B 341 -10.23 51.77 -25.18
C TYR B 341 -9.35 52.22 -24.04
N LYS B 342 -9.99 52.77 -22.98
CA LYS B 342 -9.35 53.27 -21.75
C LYS B 342 -8.56 52.19 -21.03
N LEU B 343 -7.28 52.49 -20.78
CA LEU B 343 -6.33 51.61 -20.11
C LEU B 343 -5.64 52.36 -18.95
N LEU B 344 -5.68 51.74 -17.75
CA LEU B 344 -5.07 52.28 -16.53
C LEU B 344 -3.54 52.20 -16.60
N PRO B 345 -2.77 52.88 -15.70
CA PRO B 345 -1.30 52.75 -15.76
C PRO B 345 -0.82 51.31 -15.50
N PRO B 346 0.37 50.90 -15.98
CA PRO B 346 0.78 49.48 -15.84
C PRO B 346 0.92 48.94 -14.42
N TYR B 347 1.02 49.84 -13.44
CA TYR B 347 1.20 49.47 -12.03
C TYR B 347 -0.16 49.31 -11.30
N LEU B 348 -1.29 49.27 -12.06
CA LEU B 348 -2.61 49.21 -11.46
C LEU B 348 -3.64 48.36 -12.25
N ARG B 349 -4.21 47.34 -11.56
CA ARG B 349 -5.25 46.48 -12.10
C ARG B 349 -6.38 46.29 -11.08
N VAL B 350 -7.45 45.58 -11.49
CA VAL B 350 -8.66 45.31 -10.72
C VAL B 350 -8.97 43.82 -10.85
N ILE B 351 -9.37 43.16 -9.73
CA ILE B 351 -9.84 41.77 -9.73
C ILE B 351 -11.28 41.74 -9.29
N GLN B 352 -12.16 41.20 -10.13
CA GLN B 352 -13.55 41.01 -9.75
C GLN B 352 -13.80 39.53 -9.50
N GLY B 353 -13.92 39.20 -8.22
CA GLY B 353 -14.13 37.84 -7.77
C GLY B 353 -15.51 37.51 -7.23
N ASP B 354 -16.30 38.54 -6.83
CA ASP B 354 -17.62 38.31 -6.23
C ASP B 354 -18.74 38.17 -7.25
N GLY B 355 -19.53 37.12 -7.07
CA GLY B 355 -20.68 36.79 -7.91
C GLY B 355 -20.39 36.53 -9.38
N VAL B 356 -19.20 36.02 -9.69
CA VAL B 356 -18.77 35.69 -11.04
C VAL B 356 -19.15 34.25 -11.41
N ASP B 357 -19.92 34.12 -12.50
CA ASP B 357 -20.33 32.90 -13.15
C ASP B 357 -20.29 33.17 -14.69
N ILE B 358 -20.63 32.21 -15.54
CA ILE B 358 -20.56 32.36 -17.00
C ILE B 358 -21.40 33.58 -17.47
N ASN B 359 -22.63 33.71 -16.96
CA ASN B 359 -23.59 34.77 -17.24
C ASN B 359 -23.19 36.14 -16.78
N THR B 360 -22.66 36.29 -15.54
CA THR B 360 -22.28 37.58 -14.98
C THR B 360 -20.99 38.09 -15.56
N LEU B 361 -20.03 37.18 -15.84
CA LEU B 361 -18.74 37.51 -16.46
C LEU B 361 -19.01 38.15 -17.83
N GLN B 362 -20.02 37.62 -18.55
CA GLN B 362 -20.49 38.10 -19.86
C GLN B 362 -21.00 39.53 -19.67
N GLU B 363 -21.93 39.73 -18.72
CA GLU B 363 -22.50 41.03 -18.34
C GLU B 363 -21.40 42.04 -17.98
N ILE B 364 -20.33 41.62 -17.28
CA ILE B 364 -19.28 42.55 -16.85
C ILE B 364 -18.40 42.95 -18.04
N VAL B 365 -17.98 41.98 -18.90
CA VAL B 365 -17.16 42.30 -20.09
C VAL B 365 -18.03 43.12 -21.11
N GLU B 366 -19.30 42.72 -21.32
CA GLU B 366 -20.34 43.38 -22.15
C GLU B 366 -20.41 44.83 -21.68
N GLY B 367 -20.72 45.01 -20.40
CA GLY B 367 -20.86 46.30 -19.72
C GLY B 367 -19.65 47.20 -19.76
N MET B 368 -18.45 46.63 -19.57
CA MET B 368 -17.18 47.36 -19.60
C MET B 368 -16.89 47.89 -21.00
N LYS B 369 -17.23 47.09 -22.06
CA LYS B 369 -17.04 47.40 -23.49
C LYS B 369 -17.82 48.65 -23.88
N GLN B 370 -19.14 48.69 -23.59
CA GLN B 370 -20.04 49.82 -23.84
C GLN B 370 -19.51 51.09 -23.18
N LYS B 371 -18.77 50.95 -22.07
CA LYS B 371 -18.23 52.07 -21.30
C LYS B 371 -16.80 52.42 -21.67
N MET B 372 -16.29 51.79 -22.75
CA MET B 372 -14.98 52.00 -23.38
C MET B 372 -13.77 51.61 -22.50
N TRP B 373 -13.95 50.60 -21.63
CA TRP B 373 -12.85 50.12 -20.80
C TRP B 373 -12.28 48.85 -21.39
N SER B 374 -10.94 48.80 -21.53
CA SER B 374 -10.27 47.62 -22.05
C SER B 374 -10.33 46.47 -21.01
N ILE B 375 -10.55 45.22 -21.47
CA ILE B 375 -10.58 44.05 -20.60
C ILE B 375 -9.15 43.78 -20.06
N GLU B 376 -8.15 44.58 -20.49
CA GLU B 376 -6.77 44.48 -19.99
C GLU B 376 -6.72 44.89 -18.51
N ASN B 377 -7.56 45.87 -18.12
CA ASN B 377 -7.68 46.43 -16.76
C ASN B 377 -8.24 45.47 -15.68
N ILE B 378 -8.80 44.30 -16.07
CA ILE B 378 -9.46 43.39 -15.16
C ILE B 378 -9.11 41.92 -15.36
N ALA B 379 -9.10 41.17 -14.26
CA ALA B 379 -8.98 39.72 -14.20
C ALA B 379 -10.18 39.34 -13.34
N PHE B 380 -10.69 38.14 -13.54
CA PHE B 380 -11.84 37.64 -12.81
C PHE B 380 -11.47 36.47 -11.93
N GLY B 381 -12.16 36.39 -10.80
CA GLY B 381 -12.04 35.30 -9.86
C GLY B 381 -13.38 34.62 -9.74
N SER B 382 -13.41 33.30 -9.79
CA SER B 382 -14.68 32.58 -9.69
C SER B 382 -14.53 31.42 -8.73
N GLY B 383 -15.50 31.29 -7.83
CA GLY B 383 -15.50 30.24 -6.83
C GLY B 383 -16.54 29.19 -7.09
N GLY B 384 -17.69 29.35 -6.45
CA GLY B 384 -18.84 28.48 -6.56
C GLY B 384 -19.36 28.35 -7.99
N GLY B 385 -19.36 29.47 -8.73
CA GLY B 385 -19.80 29.51 -10.12
C GLY B 385 -18.99 28.60 -11.05
N LEU B 386 -17.68 28.56 -10.82
CA LEU B 386 -16.69 27.79 -11.56
C LEU B 386 -16.59 26.33 -11.17
N LEU B 387 -16.72 26.01 -9.85
CA LEU B 387 -16.52 24.63 -9.42
C LEU B 387 -17.67 23.96 -8.74
N GLN B 388 -18.68 24.71 -8.31
CA GLN B 388 -19.76 24.10 -7.55
C GLN B 388 -21.16 24.15 -8.21
N LYS B 389 -21.57 25.31 -8.74
CA LYS B 389 -22.89 25.55 -9.35
C LYS B 389 -22.93 24.94 -10.77
N LEU B 390 -22.72 23.60 -10.85
CA LEU B 390 -22.70 22.74 -12.05
C LEU B 390 -23.34 21.39 -11.73
N THR B 391 -24.09 20.79 -12.65
CA THR B 391 -24.79 19.50 -12.40
C THR B 391 -24.64 18.57 -13.58
N ARG B 392 -24.99 17.29 -13.39
CA ARG B 392 -24.90 16.27 -14.44
C ARG B 392 -25.80 16.62 -15.66
N ASP B 393 -26.93 17.32 -15.41
CA ASP B 393 -27.93 17.82 -16.36
C ASP B 393 -27.47 18.97 -17.28
N LEU B 394 -26.35 19.66 -16.97
CA LEU B 394 -25.85 20.78 -17.79
C LEU B 394 -25.48 20.34 -19.21
N LEU B 395 -24.89 19.17 -19.36
CA LEU B 395 -24.48 18.64 -20.66
C LEU B 395 -25.17 17.28 -20.86
N ASN B 396 -26.16 16.94 -20.01
CA ASN B 396 -26.91 15.67 -20.07
C ASN B 396 -26.02 14.43 -20.15
N CYS B 397 -25.00 14.38 -19.26
CA CYS B 397 -24.03 13.28 -19.17
C CYS B 397 -24.75 12.01 -18.77
N SER B 398 -24.74 11.00 -19.65
CA SER B 398 -25.46 9.76 -19.43
C SER B 398 -24.64 8.53 -19.82
N PHE B 399 -24.85 7.41 -19.11
CA PHE B 399 -24.20 6.13 -19.39
C PHE B 399 -25.28 5.10 -19.67
N LYS B 400 -25.23 4.46 -20.85
CA LYS B 400 -26.27 3.51 -21.27
C LYS B 400 -25.71 2.26 -21.92
N CYS B 401 -26.44 1.15 -21.79
CA CYS B 401 -26.13 -0.12 -22.45
C CYS B 401 -26.73 -0.04 -23.87
N SER B 402 -25.89 -0.25 -24.89
CA SER B 402 -26.30 -0.19 -26.31
C SER B 402 -26.27 -1.57 -26.98
N TYR B 403 -25.57 -2.53 -26.38
CA TYR B 403 -25.36 -3.83 -26.98
C TYR B 403 -25.21 -4.90 -25.91
N VAL B 404 -25.76 -6.10 -26.21
CA VAL B 404 -25.66 -7.31 -25.39
C VAL B 404 -25.48 -8.56 -26.27
N VAL B 405 -25.00 -9.63 -25.65
CA VAL B 405 -24.87 -10.95 -26.23
C VAL B 405 -25.59 -11.88 -25.27
N THR B 406 -26.66 -12.54 -25.74
CA THR B 406 -27.44 -13.54 -25.02
C THR B 406 -27.58 -14.75 -25.93
N ASN B 407 -27.29 -15.96 -25.41
CA ASN B 407 -27.32 -17.25 -26.13
C ASN B 407 -26.55 -17.15 -27.46
N GLY B 408 -25.35 -16.57 -27.41
CA GLY B 408 -24.50 -16.37 -28.58
C GLY B 408 -25.04 -15.45 -29.65
N LEU B 409 -26.12 -14.73 -29.35
CA LEU B 409 -26.74 -13.79 -30.30
C LEU B 409 -26.57 -12.38 -29.80
N GLY B 410 -25.95 -11.55 -30.61
CA GLY B 410 -25.69 -10.14 -30.34
C GLY B 410 -26.86 -9.28 -30.79
N ILE B 411 -27.61 -8.75 -29.82
CA ILE B 411 -28.79 -7.92 -30.08
C ILE B 411 -28.50 -6.46 -29.73
N ASN B 412 -28.94 -5.54 -30.58
CA ASN B 412 -28.76 -4.12 -30.37
C ASN B 412 -29.91 -3.60 -29.54
N VAL B 413 -29.61 -3.11 -28.31
CA VAL B 413 -30.56 -2.59 -27.31
C VAL B 413 -30.46 -1.06 -27.14
N PHE B 414 -31.58 -0.45 -26.72
CA PHE B 414 -31.72 0.99 -26.50
C PHE B 414 -33.00 1.27 -25.69
N LYS B 415 -33.15 2.51 -25.23
CA LYS B 415 -34.34 3.03 -24.55
C LYS B 415 -34.84 4.20 -25.39
N ASP B 416 -36.15 4.31 -25.48
CA ASP B 416 -36.81 5.36 -26.27
C ASP B 416 -38.10 5.68 -25.50
N PRO B 417 -38.02 6.56 -24.45
CA PRO B 417 -39.24 6.86 -23.67
C PRO B 417 -40.18 7.79 -24.42
N VAL B 418 -41.45 7.35 -24.58
CA VAL B 418 -42.51 8.04 -25.31
C VAL B 418 -42.64 9.51 -24.87
N ALA B 419 -42.53 9.75 -23.55
CA ALA B 419 -42.64 11.07 -22.95
C ALA B 419 -41.49 12.00 -23.33
N ASP B 420 -40.26 11.47 -23.48
CA ASP B 420 -39.10 12.31 -23.83
C ASP B 420 -38.21 11.69 -24.94
N PRO B 421 -38.28 12.25 -26.18
CA PRO B 421 -37.44 11.72 -27.26
C PRO B 421 -35.94 12.05 -27.10
N ASN B 422 -35.62 13.16 -26.40
CA ASN B 422 -34.24 13.59 -26.11
C ASN B 422 -33.48 12.57 -25.21
N LYS B 423 -34.22 11.66 -24.53
CA LYS B 423 -33.74 10.59 -23.66
C LYS B 423 -33.47 9.27 -24.43
N ARG B 424 -33.64 9.26 -25.77
CA ARG B 424 -33.41 8.08 -26.60
C ARG B 424 -31.90 7.82 -26.69
N SER B 425 -31.49 6.59 -26.38
CA SER B 425 -30.09 6.19 -26.44
C SER B 425 -29.75 5.46 -27.76
N LYS B 426 -28.46 5.39 -28.07
CA LYS B 426 -27.92 4.76 -29.26
C LYS B 426 -27.99 3.21 -29.21
N LYS B 427 -28.01 2.56 -30.38
CA LYS B 427 -28.11 1.10 -30.44
C LYS B 427 -26.89 0.42 -31.10
N GLY B 428 -26.52 -0.73 -30.56
CA GLY B 428 -25.39 -1.55 -31.02
C GLY B 428 -24.02 -0.99 -30.71
N ARG B 429 -22.99 -1.71 -31.16
CA ARG B 429 -21.57 -1.37 -30.99
C ARG B 429 -21.28 -0.05 -31.68
N LEU B 430 -20.67 0.88 -30.96
CA LEU B 430 -20.41 2.23 -31.45
C LEU B 430 -18.95 2.50 -31.75
N SER B 431 -18.70 3.62 -32.44
CA SER B 431 -17.38 4.09 -32.81
C SER B 431 -17.51 5.55 -33.19
N LEU B 432 -16.44 6.33 -32.98
CA LEU B 432 -16.44 7.76 -33.27
C LEU B 432 -15.50 8.11 -34.41
N HIS B 433 -16.00 8.93 -35.36
CA HIS B 433 -15.23 9.28 -36.56
C HIS B 433 -15.31 10.75 -36.94
N ARG B 434 -14.22 11.24 -37.53
CA ARG B 434 -14.19 12.60 -38.07
C ARG B 434 -14.57 12.44 -39.55
N THR B 435 -15.56 13.21 -40.00
CA THR B 435 -16.01 13.20 -41.39
C THR B 435 -14.98 14.00 -42.22
N PRO B 436 -14.95 13.97 -43.59
CA PRO B 436 -13.96 14.79 -44.32
C PRO B 436 -14.19 16.31 -44.16
N ALA B 437 -15.45 16.70 -43.85
CA ALA B 437 -15.85 18.08 -43.58
C ALA B 437 -15.19 18.62 -42.29
N GLY B 438 -14.72 17.69 -41.45
CA GLY B 438 -14.03 17.98 -40.20
C GLY B 438 -14.89 17.86 -38.97
N ASN B 439 -16.17 17.51 -39.16
CA ASN B 439 -17.13 17.37 -38.06
C ASN B 439 -17.01 15.96 -37.44
N PHE B 440 -17.94 15.55 -36.58
CA PHE B 440 -17.83 14.24 -35.94
C PHE B 440 -19.07 13.45 -36.11
N VAL B 441 -18.96 12.13 -36.06
CA VAL B 441 -20.12 11.26 -36.16
C VAL B 441 -19.91 9.96 -35.38
N THR B 442 -20.99 9.50 -34.74
CA THR B 442 -21.03 8.26 -34.00
C THR B 442 -21.77 7.23 -34.84
N LEU B 443 -21.08 6.12 -35.10
CA LEU B 443 -21.59 5.01 -35.90
C LEU B 443 -22.24 3.99 -34.98
N GLU B 444 -23.53 3.72 -35.21
CA GLU B 444 -24.31 2.75 -34.42
C GLU B 444 -24.47 1.42 -35.16
N GLU B 445 -25.05 0.42 -34.47
CA GLU B 445 -25.33 -0.93 -35.02
C GLU B 445 -24.10 -1.57 -35.70
N GLY B 446 -22.95 -1.48 -35.02
CA GLY B 446 -21.66 -2.02 -35.44
C GLY B 446 -21.17 -1.61 -36.82
N LYS B 447 -21.69 -0.48 -37.36
CA LYS B 447 -21.35 0.06 -38.68
C LYS B 447 -19.90 0.50 -38.82
N GLY B 448 -19.20 0.67 -37.69
CA GLY B 448 -17.79 1.03 -37.65
C GLY B 448 -16.95 0.08 -38.47
N ASP B 449 -17.28 -1.22 -38.35
CA ASP B 449 -16.68 -2.37 -39.04
C ASP B 449 -16.63 -2.25 -40.59
N LEU B 450 -17.47 -1.37 -41.20
CA LEU B 450 -17.53 -1.14 -42.65
C LEU B 450 -16.30 -0.33 -43.14
N GLU B 451 -15.68 0.46 -42.23
CA GLU B 451 -14.52 1.34 -42.46
C GLU B 451 -14.78 2.38 -43.58
N GLU B 452 -16.05 2.87 -43.68
CA GLU B 452 -16.54 3.85 -44.66
C GLU B 452 -15.60 5.02 -44.86
N TYR B 453 -15.22 5.70 -43.75
CA TYR B 453 -14.28 6.82 -43.75
C TYR B 453 -13.71 7.05 -42.35
N GLY B 454 -12.38 7.04 -42.29
CA GLY B 454 -11.61 7.27 -41.08
C GLY B 454 -11.60 6.13 -40.08
N GLN B 455 -10.54 6.09 -39.27
CA GLN B 455 -10.34 5.15 -38.17
C GLN B 455 -11.15 5.64 -36.97
N ASP B 456 -11.51 4.71 -36.07
CA ASP B 456 -12.23 5.00 -34.84
C ASP B 456 -11.33 5.85 -33.92
N LEU B 457 -11.88 6.98 -33.43
CA LEU B 457 -11.17 7.91 -32.54
C LEU B 457 -11.16 7.45 -31.07
N LEU B 458 -11.84 6.33 -30.74
CA LEU B 458 -11.87 5.75 -29.40
C LEU B 458 -10.74 4.76 -29.27
N HIS B 459 -9.77 5.07 -28.41
CA HIS B 459 -8.63 4.20 -28.17
C HIS B 459 -8.73 3.55 -26.81
N THR B 460 -8.32 2.27 -26.71
CA THR B 460 -8.31 1.49 -25.48
C THR B 460 -7.40 2.17 -24.42
N VAL B 461 -8.00 2.54 -23.27
CA VAL B 461 -7.34 3.22 -22.16
C VAL B 461 -7.26 2.27 -20.97
N PHE B 462 -8.13 1.24 -20.95
CA PHE B 462 -8.17 0.28 -19.85
C PHE B 462 -8.45 -1.11 -20.41
N LYS B 463 -7.75 -2.13 -19.88
CA LYS B 463 -7.96 -3.54 -20.25
C LYS B 463 -7.45 -4.47 -19.19
N ASN B 464 -8.35 -5.29 -18.65
CA ASN B 464 -8.08 -6.33 -17.66
C ASN B 464 -7.23 -5.87 -16.48
N GLY B 465 -7.60 -4.72 -15.90
CA GLY B 465 -6.96 -4.17 -14.71
C GLY B 465 -5.77 -3.29 -14.98
N LYS B 466 -5.56 -2.93 -16.25
CA LYS B 466 -4.42 -2.13 -16.62
C LYS B 466 -4.79 -0.92 -17.45
N VAL B 467 -4.20 0.24 -17.13
CA VAL B 467 -4.36 1.47 -17.90
C VAL B 467 -3.42 1.29 -19.08
N THR B 468 -4.00 1.11 -20.28
CA THR B 468 -3.28 0.84 -21.52
C THR B 468 -2.76 2.10 -22.22
N LYS B 469 -3.53 3.19 -22.23
CA LYS B 469 -3.09 4.46 -22.83
C LYS B 469 -3.28 5.62 -21.83
N SER B 470 -2.30 6.55 -21.80
CA SER B 470 -2.26 7.71 -20.92
C SER B 470 -1.91 8.94 -21.73
N TYR B 471 -2.24 10.10 -21.17
CA TYR B 471 -2.01 11.42 -21.74
C TYR B 471 -1.37 12.29 -20.68
N SER B 472 -0.45 13.17 -21.09
CA SER B 472 0.15 14.13 -20.19
C SER B 472 -0.86 15.31 -20.10
N PHE B 473 -0.76 16.16 -19.05
CA PHE B 473 -1.62 17.34 -18.91
C PHE B 473 -1.35 18.35 -20.04
N ASP B 474 -0.11 18.37 -20.56
CA ASP B 474 0.32 19.22 -21.68
C ASP B 474 -0.38 18.82 -23.00
N GLU B 475 -0.59 17.51 -23.21
CA GLU B 475 -1.32 16.92 -24.37
C GLU B 475 -2.78 17.34 -24.34
N ILE B 476 -3.41 17.30 -23.13
CA ILE B 476 -4.82 17.64 -22.87
C ILE B 476 -5.01 19.12 -23.08
N ARG B 477 -4.05 19.92 -22.62
CA ARG B 477 -4.06 21.36 -22.80
C ARG B 477 -4.07 21.71 -24.30
N LYS B 478 -3.29 20.97 -25.11
CA LYS B 478 -3.18 21.15 -26.56
C LYS B 478 -4.51 20.86 -27.23
N ASN B 479 -5.06 19.70 -26.97
CA ASN B 479 -6.35 19.27 -27.49
C ASN B 479 -7.47 20.26 -27.25
N ALA B 480 -7.60 20.79 -26.00
CA ALA B 480 -8.67 21.70 -25.57
C ALA B 480 -8.49 23.17 -25.95
N GLN B 481 -7.56 23.48 -26.86
CA GLN B 481 -7.30 24.86 -27.28
C GLN B 481 -8.44 25.41 -28.10
N LEU B 482 -8.69 26.73 -27.99
CA LEU B 482 -9.70 27.45 -28.78
C LEU B 482 -9.17 27.57 -30.23
N ASN B 483 -10.07 27.71 -31.22
CA ASN B 483 -9.71 27.85 -32.64
C ASN B 483 -8.74 29.04 -32.94
N ILE B 484 -9.12 30.27 -32.48
CA ILE B 484 -8.35 31.51 -32.64
C ILE B 484 -7.07 31.50 -31.78
N GLU C 8 41.33 -21.37 8.81
CA GLU C 8 41.83 -20.29 7.96
C GLU C 8 40.84 -19.10 7.85
N PHE C 9 40.02 -18.90 8.93
CA PHE C 9 39.07 -17.79 9.04
C PHE C 9 39.88 -16.51 9.30
N ASN C 10 39.70 -15.52 8.44
CA ASN C 10 40.40 -14.25 8.49
C ASN C 10 39.39 -13.11 8.75
N ILE C 11 39.37 -12.59 9.98
CA ILE C 11 38.48 -11.52 10.43
C ILE C 11 38.68 -10.26 9.57
N LEU C 12 39.86 -10.12 8.96
CA LEU C 12 40.21 -8.98 8.10
C LEU C 12 39.48 -9.07 6.77
N LEU C 13 38.92 -10.25 6.50
CA LEU C 13 38.13 -10.57 5.32
C LEU C 13 36.65 -10.88 5.69
N ALA C 14 36.28 -10.70 6.98
CA ALA C 14 34.94 -11.02 7.50
C ALA C 14 34.06 -9.78 7.78
N THR C 15 34.14 -8.79 6.88
CA THR C 15 33.37 -7.55 6.96
C THR C 15 32.83 -7.20 5.55
N ASP C 16 32.02 -6.16 5.48
CA ASP C 16 31.51 -5.63 4.22
C ASP C 16 32.66 -4.81 3.64
N SER C 17 32.89 -4.89 2.31
CA SER C 17 33.98 -4.19 1.62
C SER C 17 34.15 -2.71 1.99
N TYR C 18 33.07 -1.95 1.92
CA TYR C 18 33.07 -0.54 2.24
C TYR C 18 33.59 -0.24 3.66
N LYS C 19 33.47 -1.18 4.62
CA LYS C 19 33.96 -1.04 6.01
C LYS C 19 35.49 -0.88 6.10
N VAL C 20 36.24 -1.51 5.16
CA VAL C 20 37.71 -1.48 5.03
C VAL C 20 38.24 -0.04 4.87
N THR C 21 37.44 0.85 4.21
CA THR C 21 37.70 2.26 3.85
C THR C 21 37.18 3.32 4.88
N HIS C 22 36.65 2.89 6.03
CA HIS C 22 36.03 3.81 6.99
C HIS C 22 37.00 4.51 7.92
N TYR C 23 38.19 3.90 8.22
CA TYR C 23 39.22 4.50 9.07
C TYR C 23 39.67 5.88 8.54
N LYS C 24 39.47 6.11 7.22
CA LYS C 24 39.78 7.32 6.48
C LYS C 24 38.61 8.34 6.51
N GLN C 25 37.40 7.87 6.86
CA GLN C 25 36.15 8.65 6.86
C GLN C 25 35.77 9.31 8.20
N TYR C 26 36.07 8.67 9.34
CA TYR C 26 35.78 9.16 10.70
C TYR C 26 36.38 10.56 10.98
N PRO C 27 35.89 11.34 11.98
CA PRO C 27 36.49 12.66 12.22
C PRO C 27 37.88 12.57 12.87
N PRO C 28 38.82 13.46 12.47
CA PRO C 28 40.16 13.41 13.07
C PRO C 28 40.13 13.59 14.59
N ASN C 29 40.91 12.74 15.28
CA ASN C 29 41.12 12.64 16.74
C ASN C 29 39.94 11.97 17.49
N THR C 30 39.37 10.91 16.86
CA THR C 30 38.31 10.08 17.45
C THR C 30 38.99 8.99 18.27
N SER C 31 38.74 8.99 19.59
CA SER C 31 39.33 8.03 20.52
C SER C 31 38.39 6.84 20.89
N LYS C 32 37.07 7.01 20.64
CA LYS C 32 36.06 6.03 21.02
C LYS C 32 34.84 6.08 20.09
N VAL C 33 34.38 4.89 19.68
CA VAL C 33 33.16 4.63 18.89
C VAL C 33 32.33 3.63 19.74
N TYR C 34 31.08 4.03 20.10
CA TYR C 34 30.15 3.25 20.91
C TYR C 34 28.98 2.89 20.03
N SER C 35 28.79 1.59 19.83
CA SER C 35 27.69 1.09 19.01
C SER C 35 26.77 0.14 19.79
N TYR C 36 25.52 0.04 19.35
CA TYR C 36 24.54 -0.82 20.03
C TYR C 36 23.69 -1.58 19.05
N PHE C 37 23.15 -2.71 19.53
CA PHE C 37 22.20 -3.56 18.81
C PHE C 37 20.86 -3.55 19.52
N GLU C 38 19.81 -3.40 18.72
CA GLU C 38 18.42 -3.44 19.17
C GLU C 38 17.57 -4.13 18.10
N CYS C 39 16.45 -4.70 18.53
CA CYS C 39 15.45 -5.21 17.60
C CYS C 39 14.45 -4.06 17.55
N ARG C 40 14.55 -3.22 16.51
CA ARG C 40 13.79 -1.99 16.29
C ARG C 40 12.26 -2.14 16.28
N GLU C 41 11.54 -1.00 16.24
CA GLU C 41 10.08 -0.89 16.21
C GLU C 41 9.62 -0.09 14.99
N LYS C 51 -1.84 -11.80 11.43
CA LYS C 51 -0.47 -11.27 11.29
C LYS C 51 0.27 -11.36 12.62
N VAL C 52 1.51 -11.89 12.61
CA VAL C 52 2.33 -12.10 13.83
C VAL C 52 3.00 -10.81 14.29
N LYS C 53 2.76 -10.44 15.56
CA LYS C 53 3.29 -9.20 16.14
C LYS C 53 4.81 -9.23 16.28
N TYR C 54 5.34 -10.19 17.05
CA TYR C 54 6.76 -10.34 17.40
C TYR C 54 7.14 -9.14 18.29
N GLU C 55 6.47 -9.06 19.44
CA GLU C 55 6.54 -7.98 20.44
C GLU C 55 7.73 -8.13 21.44
N GLU C 56 8.22 -9.35 21.67
CA GLU C 56 9.37 -9.62 22.54
C GLU C 56 10.28 -10.62 21.87
N THR C 57 11.61 -10.46 22.05
CA THR C 57 12.64 -11.26 21.41
C THR C 57 13.53 -12.00 22.40
N VAL C 58 13.98 -13.19 22.01
CA VAL C 58 14.91 -13.99 22.80
C VAL C 58 16.30 -13.61 22.31
N PHE C 59 17.19 -13.26 23.27
CA PHE C 59 18.55 -12.91 22.95
C PHE C 59 19.40 -14.17 23.03
N TYR C 60 19.85 -14.63 21.85
CA TYR C 60 20.66 -15.85 21.72
C TYR C 60 21.59 -15.76 20.51
N GLY C 61 22.74 -16.42 20.64
CA GLY C 61 23.70 -16.59 19.56
C GLY C 61 25.05 -15.94 19.73
N LEU C 62 25.13 -14.80 20.45
CA LEU C 62 26.36 -13.98 20.61
C LEU C 62 27.57 -14.79 21.05
N GLN C 63 27.43 -15.62 22.10
CA GLN C 63 28.47 -16.46 22.71
C GLN C 63 29.18 -17.38 21.68
N TYR C 64 28.43 -17.81 20.65
CA TYR C 64 28.94 -18.58 19.50
C TYR C 64 29.90 -17.69 18.70
N ILE C 65 29.42 -16.52 18.26
CA ILE C 65 30.19 -15.52 17.49
C ILE C 65 31.50 -15.10 18.21
N LEU C 66 31.42 -14.86 19.54
CA LEU C 66 32.55 -14.45 20.37
C LEU C 66 33.63 -15.55 20.49
N ASN C 67 33.24 -16.79 20.83
CA ASN C 67 34.18 -17.89 20.99
C ASN C 67 34.78 -18.40 19.70
N LYS C 68 33.98 -18.36 18.61
CA LYS C 68 34.36 -18.83 17.28
C LYS C 68 35.13 -17.82 16.43
N TYR C 69 34.76 -16.53 16.48
CA TYR C 69 35.38 -15.55 15.59
C TYR C 69 36.12 -14.38 16.22
N LEU C 70 35.81 -14.01 17.48
CA LEU C 70 36.43 -12.78 18.00
C LEU C 70 37.41 -12.94 19.14
N LYS C 71 37.44 -14.10 19.79
CA LYS C 71 38.34 -14.28 20.93
C LYS C 71 39.77 -14.66 20.49
N GLY C 72 40.74 -14.43 21.40
CA GLY C 72 42.15 -14.75 21.23
C GLY C 72 42.86 -13.96 20.15
N LYS C 73 43.93 -14.57 19.60
CA LYS C 73 44.76 -13.99 18.52
C LYS C 73 44.00 -14.18 17.20
N VAL C 74 43.39 -13.10 16.70
CA VAL C 74 42.61 -13.14 15.45
C VAL C 74 43.39 -12.51 14.27
N VAL C 75 44.55 -11.94 14.60
CA VAL C 75 45.42 -11.26 13.67
C VAL C 75 46.77 -11.99 13.58
N THR C 76 47.26 -12.22 12.35
CA THR C 76 48.59 -12.78 12.06
C THR C 76 49.15 -12.01 10.88
N LYS C 77 50.51 -11.98 10.76
CA LYS C 77 51.29 -11.32 9.68
C LYS C 77 50.79 -11.77 8.31
N GLU C 78 50.49 -13.07 8.19
CA GLU C 78 49.99 -13.73 6.99
C GLU C 78 48.55 -13.29 6.73
N LYS C 79 47.72 -13.15 7.81
CA LYS C 79 46.33 -12.69 7.69
C LYS C 79 46.27 -11.25 7.18
N ILE C 80 47.19 -10.36 7.66
CA ILE C 80 47.28 -8.95 7.23
C ILE C 80 47.68 -8.85 5.75
N GLN C 81 48.62 -9.72 5.32
CA GLN C 81 49.13 -9.77 3.95
C GLN C 81 48.07 -10.26 2.99
N GLU C 82 47.31 -11.32 3.36
CA GLU C 82 46.28 -11.83 2.46
C GLU C 82 45.14 -10.82 2.24
N ALA C 83 44.78 -10.03 3.28
CA ALA C 83 43.75 -8.99 3.17
C ALA C 83 44.20 -7.84 2.23
N LYS C 84 45.49 -7.42 2.36
CA LYS C 84 46.13 -6.39 1.53
C LYS C 84 46.13 -6.82 0.04
N ASP C 85 46.55 -8.09 -0.23
CA ASP C 85 46.60 -8.69 -1.57
C ASP C 85 45.23 -8.67 -2.23
N VAL C 86 44.21 -9.10 -1.47
CA VAL C 86 42.80 -9.18 -1.88
C VAL C 86 42.22 -7.80 -2.16
N TYR C 87 42.31 -6.85 -1.19
CA TYR C 87 41.67 -5.52 -1.30
C TYR C 87 42.28 -4.59 -2.38
N LYS C 88 43.58 -4.77 -2.73
CA LYS C 88 44.25 -4.02 -3.81
C LYS C 88 43.62 -4.44 -5.17
N GLU C 89 43.12 -5.68 -5.22
CA GLU C 89 42.46 -6.25 -6.38
C GLU C 89 40.96 -5.98 -6.34
N HIS C 90 40.36 -6.04 -5.13
CA HIS C 90 38.93 -5.83 -4.87
C HIS C 90 38.45 -4.40 -5.21
N PHE C 91 39.12 -3.39 -4.67
CA PHE C 91 38.79 -2.00 -4.95
C PHE C 91 39.59 -1.41 -6.13
N GLN C 92 40.70 -2.08 -6.57
CA GLN C 92 41.64 -1.64 -7.63
C GLN C 92 42.31 -0.31 -7.19
N ASP C 93 42.73 -0.26 -5.90
CA ASP C 93 43.32 0.88 -5.18
C ASP C 93 43.77 0.45 -3.77
N ASP C 94 44.90 0.99 -3.27
CA ASP C 94 45.36 0.67 -1.91
C ASP C 94 44.67 1.54 -0.87
N VAL C 95 43.62 0.99 -0.26
CA VAL C 95 42.80 1.67 0.75
C VAL C 95 42.74 0.85 2.07
N PHE C 96 43.49 -0.25 2.16
CA PHE C 96 43.52 -1.10 3.35
C PHE C 96 44.46 -0.57 4.46
N ASN C 97 43.98 -0.62 5.72
CA ASN C 97 44.66 -0.16 6.92
C ASN C 97 45.66 -1.20 7.48
N GLU C 98 46.81 -1.34 6.79
CA GLU C 98 47.89 -2.23 7.18
C GLU C 98 48.50 -1.80 8.53
N LYS C 99 48.67 -0.48 8.73
CA LYS C 99 49.19 0.10 9.97
C LYS C 99 48.27 -0.16 11.18
N GLY C 100 46.96 0.06 10.99
CA GLY C 100 45.91 -0.18 11.98
C GLY C 100 45.81 -1.61 12.46
N TRP C 101 45.95 -2.57 11.53
CA TRP C 101 45.95 -4.00 11.86
C TRP C 101 47.29 -4.47 12.46
N ASN C 102 48.43 -3.97 11.93
CA ASN C 102 49.78 -4.24 12.45
C ASN C 102 49.93 -3.70 13.85
N TYR C 103 49.21 -2.60 14.18
CA TYR C 103 49.20 -2.02 15.53
C TYR C 103 48.60 -3.00 16.57
N ILE C 104 47.45 -3.66 16.22
CA ILE C 104 46.75 -4.63 17.06
C ILE C 104 47.69 -5.83 17.24
N LEU C 105 48.29 -6.29 16.14
CA LEU C 105 49.22 -7.41 16.11
C LEU C 105 50.45 -7.15 16.99
N GLU C 106 51.07 -5.97 16.86
CA GLU C 106 52.26 -5.61 17.64
C GLU C 106 51.97 -5.32 19.10
N LYS C 107 50.99 -4.43 19.41
CA LYS C 107 50.69 -4.04 20.80
C LYS C 107 49.87 -5.05 21.62
N TYR C 108 48.99 -5.81 20.96
CA TYR C 108 48.09 -6.73 21.66
C TYR C 108 48.22 -8.22 21.29
N ASP C 109 49.27 -8.60 20.52
CA ASP C 109 49.50 -9.96 20.01
C ASP C 109 48.24 -10.47 19.25
N GLY C 110 47.63 -9.59 18.48
CA GLY C 110 46.45 -9.95 17.70
C GLY C 110 45.10 -9.93 18.41
N HIS C 111 45.09 -9.90 19.77
CA HIS C 111 43.87 -9.84 20.60
C HIS C 111 43.14 -8.51 20.41
N LEU C 112 41.81 -8.57 20.12
CA LEU C 112 41.03 -7.36 19.84
C LEU C 112 40.78 -6.43 21.03
N PRO C 113 41.30 -5.15 20.96
CA PRO C 113 41.03 -4.18 22.06
C PRO C 113 39.60 -3.59 21.95
N ILE C 114 38.62 -4.47 22.26
CA ILE C 114 37.17 -4.26 22.22
C ILE C 114 36.54 -4.73 23.53
N GLU C 115 35.48 -4.04 23.94
CA GLU C 115 34.66 -4.40 25.07
C GLU C 115 33.22 -4.55 24.56
N ILE C 116 32.62 -5.76 24.75
CA ILE C 116 31.22 -6.02 24.40
C ILE C 116 30.42 -6.33 25.69
N LYS C 117 29.38 -5.50 25.95
CA LYS C 117 28.44 -5.65 27.08
C LYS C 117 27.14 -6.15 26.48
N ALA C 118 26.51 -7.14 27.12
CA ALA C 118 25.27 -7.69 26.56
C ALA C 118 24.32 -8.23 27.60
N VAL C 119 23.04 -8.29 27.23
CA VAL C 119 21.97 -8.85 28.06
C VAL C 119 22.17 -10.38 28.15
N PRO C 120 22.04 -11.03 29.34
CA PRO C 120 22.24 -12.48 29.40
C PRO C 120 21.45 -13.26 28.34
N GLU C 121 22.08 -14.32 27.78
CA GLU C 121 21.49 -15.21 26.76
C GLU C 121 20.21 -15.86 27.34
N GLY C 122 19.21 -16.02 26.47
CA GLY C 122 17.94 -16.61 26.86
C GLY C 122 16.93 -15.58 27.34
N PHE C 123 17.41 -14.39 27.77
CA PHE C 123 16.57 -13.30 28.24
C PHE C 123 15.64 -12.84 27.15
N VAL C 124 14.35 -12.78 27.50
CA VAL C 124 13.29 -12.34 26.58
C VAL C 124 13.03 -10.87 26.86
N ILE C 125 13.25 -10.01 25.85
CA ILE C 125 13.22 -8.55 25.94
C ILE C 125 12.27 -7.93 24.88
N PRO C 126 11.44 -6.91 25.30
CA PRO C 126 10.57 -6.23 24.31
C PRO C 126 11.35 -5.57 23.21
N ARG C 127 10.70 -5.29 22.09
CA ARG C 127 11.31 -4.62 20.96
C ARG C 127 11.74 -3.18 21.38
N GLY C 128 12.59 -2.56 20.56
CA GLY C 128 13.10 -1.21 20.76
C GLY C 128 13.97 -0.96 21.98
N ASN C 129 14.54 -2.02 22.57
CA ASN C 129 15.42 -1.96 23.71
C ASN C 129 16.85 -2.41 23.33
N VAL C 130 17.85 -1.93 24.08
CA VAL C 130 19.27 -2.26 23.87
C VAL C 130 19.56 -3.72 24.26
N LEU C 131 20.23 -4.50 23.37
CA LEU C 131 20.54 -5.92 23.63
C LEU C 131 22.02 -6.18 23.90
N PHE C 132 22.87 -5.54 23.10
CA PHE C 132 24.33 -5.58 23.27
C PHE C 132 24.96 -4.26 22.81
N THR C 133 26.07 -3.89 23.46
CA THR C 133 26.87 -2.68 23.16
C THR C 133 28.32 -3.05 22.92
N VAL C 134 28.92 -2.43 21.87
CA VAL C 134 30.31 -2.63 21.42
C VAL C 134 31.12 -1.31 21.46
N GLU C 135 32.29 -1.34 22.13
CA GLU C 135 33.19 -0.16 22.18
C GLU C 135 34.68 -0.57 22.15
N ASN C 136 35.55 0.34 21.71
CA ASN C 136 37.02 0.12 21.68
C ASN C 136 37.71 0.47 23.00
N THR C 137 38.83 -0.21 23.28
CA THR C 137 39.61 -0.02 24.52
C THR C 137 40.98 0.62 24.22
N ASP C 138 41.15 1.15 22.99
CA ASP C 138 42.35 1.83 22.52
C ASP C 138 41.95 2.93 21.51
N PRO C 139 42.30 4.21 21.83
CA PRO C 139 41.99 5.33 20.92
C PRO C 139 42.44 5.17 19.46
N GLU C 140 43.45 4.33 19.23
CA GLU C 140 43.98 4.02 17.90
C GLU C 140 42.93 3.23 17.12
N CYS C 141 42.26 2.30 17.84
CA CYS C 141 41.29 1.31 17.35
C CYS C 141 39.82 1.79 17.42
N TYR C 142 39.58 3.08 17.10
CA TYR C 142 38.26 3.72 17.04
C TYR C 142 37.42 3.05 15.92
N TRP C 143 38.10 2.67 14.81
CA TRP C 143 37.55 2.04 13.58
C TRP C 143 37.15 0.54 13.80
N LEU C 144 37.71 -0.10 14.83
CA LEU C 144 37.50 -1.53 15.15
C LEU C 144 36.08 -1.86 15.58
N THR C 145 35.45 -0.96 16.39
CA THR C 145 34.05 -1.10 16.87
C THR C 145 33.10 -1.43 15.70
N ASN C 146 33.23 -0.64 14.63
CA ASN C 146 32.50 -0.67 13.37
C ASN C 146 32.96 -1.75 12.41
N TRP C 147 34.22 -2.25 12.54
CA TRP C 147 34.71 -3.29 11.65
C TRP C 147 33.92 -4.59 11.90
N ILE C 148 33.85 -5.00 13.19
CA ILE C 148 33.19 -6.21 13.65
C ILE C 148 31.65 -6.12 13.65
N GLU C 149 31.05 -5.10 13.00
CA GLU C 149 29.59 -4.98 12.89
C GLU C 149 28.95 -6.18 12.20
N THR C 150 29.30 -6.41 10.89
CA THR C 150 28.78 -7.46 10.03
C THR C 150 28.67 -8.82 10.72
N ILE C 151 29.76 -9.28 11.37
CA ILE C 151 29.82 -10.55 12.08
C ILE C 151 28.90 -10.58 13.30
N LEU C 152 28.70 -9.43 13.99
CA LEU C 152 27.84 -9.37 15.16
C LEU C 152 26.36 -9.33 14.79
N VAL C 153 26.00 -8.55 13.76
CA VAL C 153 24.64 -8.35 13.24
C VAL C 153 24.02 -9.69 12.83
N GLN C 154 24.86 -10.62 12.30
CA GLN C 154 24.40 -11.94 11.89
C GLN C 154 23.75 -12.69 13.06
N SER C 155 23.93 -12.20 14.31
CA SER C 155 23.28 -12.77 15.49
C SER C 155 21.75 -12.58 15.40
N TRP C 156 21.28 -11.88 14.33
CA TRP C 156 19.87 -11.68 14.05
C TRP C 156 19.22 -13.06 13.88
N TYR C 157 19.92 -13.92 13.10
CA TYR C 157 19.49 -15.27 12.75
C TYR C 157 19.20 -16.10 14.02
N PRO C 158 20.16 -16.40 14.92
CA PRO C 158 19.78 -17.15 16.15
C PRO C 158 18.70 -16.49 17.04
N ILE C 159 18.67 -15.14 17.09
CA ILE C 159 17.67 -14.37 17.87
C ILE C 159 16.27 -14.64 17.27
N THR C 160 16.13 -14.45 15.92
CA THR C 160 14.93 -14.62 15.13
C THR C 160 14.41 -16.08 15.18
N VAL C 161 15.31 -17.08 14.99
CA VAL C 161 14.93 -18.50 15.08
C VAL C 161 14.41 -18.78 16.47
N ALA C 162 15.17 -18.41 17.54
CA ALA C 162 14.72 -18.64 18.92
C ALA C 162 13.41 -17.90 19.23
N THR C 163 13.24 -16.68 18.69
CA THR C 163 12.03 -15.88 18.91
C THR C 163 10.82 -16.51 18.19
N ASN C 164 10.94 -16.78 16.88
CA ASN C 164 9.86 -17.40 16.09
C ASN C 164 9.46 -18.77 16.65
N SER C 165 10.44 -19.52 17.15
CA SER C 165 10.26 -20.84 17.72
C SER C 165 9.52 -20.73 19.06
N ARG C 166 9.87 -19.69 19.85
CA ARG C 166 9.26 -19.38 21.15
C ARG C 166 7.80 -18.92 20.96
N GLU C 167 7.52 -18.27 19.84
CA GLU C 167 6.19 -17.80 19.48
C GLU C 167 5.27 -18.97 19.17
N GLN C 168 5.78 -19.96 18.42
CA GLN C 168 5.09 -21.23 18.12
C GLN C 168 4.91 -22.05 19.44
N LYS C 169 5.92 -22.01 20.35
CA LYS C 169 5.84 -22.65 21.69
C LYS C 169 4.66 -22.06 22.52
N LYS C 170 4.43 -20.71 22.42
CA LYS C 170 3.34 -20.01 23.12
C LYS C 170 1.97 -20.50 22.61
N ILE C 171 1.85 -20.68 21.27
CA ILE C 171 0.64 -21.17 20.58
C ILE C 171 0.37 -22.60 20.99
N LEU C 172 1.42 -23.45 20.96
CA LEU C 172 1.29 -24.85 21.34
C LEU C 172 0.95 -24.99 22.80
N ALA C 173 1.44 -24.09 23.67
CA ALA C 173 1.15 -24.18 25.11
C ALA C 173 -0.29 -23.75 25.43
N LYS C 174 -0.83 -22.83 24.64
CA LYS C 174 -2.17 -22.30 24.84
C LYS C 174 -3.16 -23.42 24.56
N TYR C 175 -3.04 -24.06 23.38
CA TYR C 175 -3.91 -25.14 22.98
C TYR C 175 -3.60 -26.45 23.70
N LEU C 176 -2.33 -26.74 24.05
CA LEU C 176 -2.11 -27.95 24.82
C LEU C 176 -2.79 -27.85 26.19
N LEU C 177 -2.58 -26.75 26.92
CA LEU C 177 -3.20 -26.57 28.22
C LEU C 177 -4.74 -26.46 28.17
N GLU C 178 -5.30 -25.78 27.13
CA GLU C 178 -6.75 -25.61 26.97
C GLU C 178 -7.48 -26.92 26.64
N THR C 179 -6.84 -27.81 25.86
CA THR C 179 -7.47 -29.05 25.42
C THR C 179 -7.14 -30.24 26.35
N SER C 180 -6.15 -30.09 27.26
CA SER C 180 -5.73 -31.20 28.12
C SER C 180 -5.52 -30.89 29.60
N GLY C 181 -5.35 -29.62 29.96
CA GLY C 181 -5.12 -29.20 31.35
C GLY C 181 -3.70 -29.40 31.85
N ASN C 182 -2.77 -29.71 30.93
CA ASN C 182 -1.34 -29.93 31.23
C ASN C 182 -0.48 -29.50 30.07
N LEU C 183 0.83 -29.49 30.28
CA LEU C 183 1.83 -29.09 29.29
C LEU C 183 2.80 -30.23 29.05
N ASP C 184 2.39 -31.44 29.38
CA ASP C 184 3.19 -32.64 29.21
C ASP C 184 3.50 -32.86 27.73
N GLY C 185 4.80 -33.00 27.46
CA GLY C 185 5.34 -33.24 26.13
C GLY C 185 5.54 -32.02 25.25
N LEU C 186 5.18 -30.82 25.76
CA LEU C 186 5.30 -29.53 25.05
C LEU C 186 6.64 -29.33 24.29
N GLU C 187 7.78 -29.70 24.91
CA GLU C 187 9.12 -29.55 24.31
C GLU C 187 9.38 -30.52 23.11
N TYR C 188 8.41 -31.41 22.83
CA TYR C 188 8.48 -32.31 21.68
C TYR C 188 7.40 -32.05 20.63
N LYS C 189 6.52 -31.03 20.83
CA LYS C 189 5.40 -30.73 19.89
C LYS C 189 5.82 -30.01 18.62
N LEU C 190 7.05 -29.52 18.58
CA LEU C 190 7.59 -28.88 17.37
C LEU C 190 9.00 -29.44 17.16
N HIS C 191 9.11 -30.24 16.12
CA HIS C 191 10.33 -30.94 15.75
C HIS C 191 10.96 -30.27 14.55
N ASP C 192 12.31 -30.13 14.59
CA ASP C 192 13.08 -29.52 13.53
C ASP C 192 13.29 -30.48 12.39
N PHE C 193 12.75 -30.13 11.18
CA PHE C 193 12.87 -30.87 9.90
C PHE C 193 13.61 -30.05 8.85
N GLY C 194 14.21 -28.94 9.27
CA GLY C 194 14.82 -27.98 8.36
C GLY C 194 16.22 -28.16 7.84
N TYR C 195 16.98 -29.13 8.33
CA TYR C 195 18.37 -29.39 7.92
C TYR C 195 18.61 -29.24 6.39
N ARG C 196 17.77 -29.84 5.53
CA ARG C 196 17.91 -29.76 4.07
C ARG C 196 17.46 -28.44 3.46
N GLY C 197 16.56 -27.74 4.18
CA GLY C 197 15.93 -26.51 3.73
C GLY C 197 16.68 -25.24 4.05
N VAL C 198 17.79 -25.35 4.79
CA VAL C 198 18.65 -24.21 5.10
C VAL C 198 19.70 -24.01 3.99
N SER C 199 20.35 -22.85 4.05
CA SER C 199 21.32 -22.33 3.08
C SER C 199 22.72 -23.00 3.11
N SER C 200 23.14 -23.49 4.30
CA SER C 200 24.44 -24.11 4.54
C SER C 200 24.45 -24.93 5.83
N GLN C 201 25.59 -25.64 6.04
CA GLN C 201 25.90 -26.49 7.17
C GLN C 201 26.06 -25.67 8.45
N GLU C 202 26.70 -24.49 8.34
CA GLU C 202 26.87 -23.59 9.47
C GLU C 202 25.52 -23.00 9.89
N THR C 203 24.67 -22.63 8.92
CA THR C 203 23.32 -22.12 9.21
C THR C 203 22.49 -23.16 9.98
N ALA C 204 22.59 -24.45 9.53
CA ALA C 204 21.90 -25.62 10.09
C ALA C 204 22.12 -25.73 11.57
N GLY C 205 23.38 -25.76 11.97
CA GLY C 205 23.76 -25.87 13.37
C GLY C 205 23.35 -24.67 14.18
N ILE C 206 23.52 -23.45 13.61
CA ILE C 206 23.18 -22.23 14.34
C ILE C 206 21.69 -22.29 14.64
N GLY C 207 20.88 -22.37 13.59
CA GLY C 207 19.41 -22.42 13.63
C GLY C 207 18.82 -23.49 14.51
N ALA C 208 19.32 -24.72 14.36
CA ALA C 208 18.85 -25.83 15.13
C ALA C 208 19.08 -25.61 16.62
N SER C 209 20.25 -25.04 16.98
CA SER C 209 20.58 -24.75 18.38
C SER C 209 19.63 -23.68 18.95
N ALA C 210 19.18 -22.71 18.11
CA ALA C 210 18.22 -21.67 18.52
C ALA C 210 16.85 -22.26 18.83
N HIS C 211 16.38 -23.20 18.00
CA HIS C 211 15.12 -23.90 18.19
C HIS C 211 15.17 -24.73 19.49
N LEU C 212 16.36 -25.28 19.82
CA LEU C 212 16.59 -26.11 21.02
C LEU C 212 16.59 -25.32 22.33
N VAL C 213 16.49 -23.98 22.27
CA VAL C 213 16.39 -23.10 23.46
C VAL C 213 14.96 -23.30 24.03
N ASN C 214 13.98 -23.52 23.14
CA ASN C 214 12.57 -23.69 23.50
C ASN C 214 12.08 -25.13 23.45
N PHE C 215 12.68 -25.96 22.60
CA PHE C 215 12.29 -27.35 22.34
C PHE C 215 13.46 -28.36 22.52
N LYS C 216 13.18 -29.69 22.37
CA LYS C 216 14.13 -30.80 22.56
C LYS C 216 14.07 -31.82 21.44
N GLY C 217 13.19 -31.58 20.46
CA GLY C 217 13.04 -32.44 19.30
C GLY C 217 13.69 -31.81 18.08
N THR C 218 14.65 -32.53 17.45
CA THR C 218 15.40 -32.08 16.27
C THR C 218 15.89 -33.23 15.35
N ASP C 219 15.87 -33.00 14.03
CA ASP C 219 16.46 -33.92 13.06
C ASP C 219 17.69 -33.23 12.44
N THR C 220 17.96 -31.96 12.87
CA THR C 220 19.13 -31.19 12.42
C THR C 220 20.27 -31.49 13.42
N VAL C 221 20.95 -32.63 13.17
CA VAL C 221 22.03 -33.19 13.97
C VAL C 221 23.10 -32.11 14.31
N ALA C 222 23.46 -31.27 13.32
CA ALA C 222 24.44 -30.18 13.39
C ALA C 222 24.34 -29.30 14.66
N GLY C 223 23.11 -29.01 15.07
CA GLY C 223 22.83 -28.20 16.25
C GLY C 223 23.34 -28.76 17.56
N LEU C 224 23.59 -30.11 17.60
CA LEU C 224 24.03 -30.79 18.84
C LEU C 224 25.47 -30.46 19.20
N ALA C 225 26.40 -30.58 18.21
CA ALA C 225 27.82 -30.32 18.40
C ALA C 225 28.10 -28.84 18.81
N LEU C 226 27.36 -27.88 18.21
CA LEU C 226 27.45 -26.44 18.47
C LEU C 226 27.15 -26.18 19.98
N ILE C 227 25.99 -26.66 20.47
CA ILE C 227 25.60 -26.54 21.88
C ILE C 227 26.72 -27.09 22.80
N LYS C 228 27.14 -28.37 22.63
CA LYS C 228 28.22 -29.00 23.42
C LYS C 228 29.52 -28.16 23.43
N LYS C 229 29.98 -27.71 22.26
CA LYS C 229 31.20 -26.95 22.12
C LYS C 229 31.17 -25.54 22.75
N TYR C 230 30.15 -24.71 22.40
CA TYR C 230 30.10 -23.30 22.82
C TYR C 230 29.26 -22.99 24.07
N TYR C 231 28.34 -23.89 24.44
CA TYR C 231 27.41 -23.67 25.55
C TYR C 231 27.44 -24.76 26.59
N GLY C 232 27.05 -25.97 26.20
CA GLY C 232 27.03 -27.16 27.03
C GLY C 232 25.76 -27.41 27.82
N THR C 233 25.45 -28.70 28.06
CA THR C 233 24.28 -29.11 28.83
C THR C 233 24.67 -30.10 29.92
N LYS C 234 23.87 -30.16 31.00
CA LYS C 234 24.00 -31.13 32.09
C LYS C 234 23.74 -32.55 31.48
N ASP C 235 22.67 -32.66 30.64
CA ASP C 235 22.23 -33.85 29.91
C ASP C 235 23.28 -34.24 28.85
N PRO C 236 23.38 -35.53 28.41
CA PRO C 236 24.41 -35.89 27.41
C PRO C 236 24.22 -35.27 26.02
N VAL C 237 22.96 -35.00 25.63
CA VAL C 237 22.58 -34.34 24.37
C VAL C 237 21.48 -33.30 24.61
N PRO C 238 21.47 -32.21 23.81
CA PRO C 238 20.40 -31.20 23.96
C PRO C 238 19.11 -31.50 23.16
N GLY C 239 19.23 -32.30 22.10
CA GLY C 239 18.15 -32.66 21.18
C GLY C 239 17.97 -34.15 21.02
N TYR C 240 16.73 -34.57 20.71
CA TYR C 240 16.33 -35.99 20.56
C TYR C 240 15.49 -36.26 19.33
N SER C 241 15.54 -37.51 18.83
CA SER C 241 14.70 -37.94 17.69
C SER C 241 14.19 -39.38 17.84
N VAL C 242 13.42 -39.83 16.86
CA VAL C 242 12.87 -41.18 16.80
C VAL C 242 13.16 -41.78 15.45
N PRO C 243 13.25 -43.13 15.32
CA PRO C 243 13.39 -43.73 13.98
C PRO C 243 12.17 -43.38 13.14
N ALA C 244 12.37 -43.01 11.88
CA ALA C 244 11.25 -42.60 11.05
C ALA C 244 11.48 -42.94 9.61
N ALA C 245 10.39 -43.17 8.85
CA ALA C 245 10.51 -43.48 7.42
C ALA C 245 10.49 -42.23 6.56
N GLU C 246 10.94 -42.37 5.29
CA GLU C 246 10.83 -41.36 4.25
C GLU C 246 10.13 -42.02 3.08
N HIS C 247 9.84 -41.27 2.01
CA HIS C 247 9.19 -41.84 0.82
C HIS C 247 10.04 -42.93 0.16
N SER C 248 11.38 -42.77 0.11
CA SER C 248 12.26 -43.76 -0.51
C SER C 248 12.16 -45.15 0.15
N THR C 249 12.12 -45.22 1.49
CA THR C 249 11.98 -46.48 2.25
C THR C 249 10.55 -47.05 2.20
N ILE C 250 9.55 -46.31 1.63
CA ILE C 250 8.19 -46.83 1.45
C ILE C 250 8.05 -47.26 -0.02
N THR C 251 8.22 -46.32 -0.95
CA THR C 251 8.09 -46.49 -2.40
C THR C 251 9.07 -47.54 -2.98
N ALA C 252 10.24 -47.79 -2.31
CA ALA C 252 11.28 -48.78 -2.70
C ALA C 252 10.73 -50.18 -2.84
N TRP C 253 9.68 -50.49 -2.07
CA TRP C 253 9.03 -51.79 -1.99
C TRP C 253 8.06 -52.05 -3.15
N GLY C 254 7.67 -51.01 -3.86
CA GLY C 254 6.72 -51.12 -4.94
C GLY C 254 5.37 -50.61 -4.50
N LYS C 255 4.63 -50.02 -5.45
CA LYS C 255 3.30 -49.45 -5.28
C LYS C 255 2.27 -50.42 -4.67
N ASP C 256 2.44 -51.73 -4.89
CA ASP C 256 1.48 -52.72 -4.42
C ASP C 256 1.88 -53.40 -3.12
N HIS C 257 3.06 -53.04 -2.60
CA HIS C 257 3.59 -53.60 -1.37
C HIS C 257 3.80 -52.52 -0.28
N GLU C 258 2.85 -51.56 -0.17
CA GLU C 258 2.89 -50.50 0.84
C GLU C 258 2.71 -51.09 2.23
N LYS C 259 1.75 -52.02 2.36
CA LYS C 259 1.45 -52.79 3.58
C LYS C 259 2.71 -53.49 4.04
N ASP C 260 3.42 -54.10 3.07
CA ASP C 260 4.69 -54.79 3.26
C ASP C 260 5.72 -53.84 3.91
N ALA C 261 5.95 -52.65 3.28
CA ALA C 261 6.87 -51.59 3.76
C ALA C 261 6.53 -51.16 5.19
N PHE C 262 5.24 -50.84 5.44
CA PHE C 262 4.70 -50.45 6.74
C PHE C 262 4.97 -51.53 7.79
N GLU C 263 4.57 -52.80 7.52
CA GLU C 263 4.74 -53.93 8.46
C GLU C 263 6.18 -54.14 8.90
N HIS C 264 7.14 -54.12 7.93
CA HIS C 264 8.58 -54.27 8.14
C HIS C 264 9.13 -53.15 9.04
N ILE C 265 8.75 -51.89 8.76
CA ILE C 265 9.23 -50.73 9.50
C ILE C 265 8.72 -50.76 10.94
N VAL C 266 7.41 -51.00 11.16
CA VAL C 266 6.85 -51.06 12.53
C VAL C 266 7.41 -52.25 13.33
N THR C 267 7.82 -53.33 12.63
CA THR C 267 8.39 -54.52 13.27
C THR C 267 9.87 -54.26 13.64
N GLN C 268 10.63 -53.56 12.76
CA GLN C 268 12.02 -53.22 13.03
C GLN C 268 12.16 -52.26 14.23
N PHE C 269 11.15 -51.39 14.44
CA PHE C 269 11.16 -50.42 15.54
C PHE C 269 9.89 -50.61 16.36
N SER C 270 9.86 -51.75 17.06
CA SER C 270 8.73 -52.19 17.85
C SER C 270 8.74 -51.70 19.30
N SER C 271 9.91 -51.33 19.86
CA SER C 271 10.03 -50.92 21.27
C SER C 271 10.33 -49.41 21.49
N VAL C 272 10.37 -48.63 20.41
CA VAL C 272 10.59 -47.18 20.38
C VAL C 272 9.46 -46.58 19.54
N PRO C 273 9.16 -45.26 19.60
CA PRO C 273 8.12 -44.73 18.70
C PRO C 273 8.67 -44.76 17.28
N VAL C 274 7.78 -44.94 16.31
CA VAL C 274 8.18 -44.89 14.91
C VAL C 274 7.20 -43.99 14.11
N SER C 275 7.78 -43.10 13.30
CA SER C 275 7.01 -42.24 12.42
C SER C 275 7.03 -42.83 11.01
N VAL C 276 5.85 -43.11 10.45
CA VAL C 276 5.75 -43.71 9.13
C VAL C 276 4.97 -42.80 8.23
N VAL C 277 5.64 -42.28 7.18
CA VAL C 277 4.99 -41.43 6.21
C VAL C 277 3.95 -42.28 5.47
N SER C 278 2.69 -41.82 5.47
CA SER C 278 1.63 -42.66 4.89
C SER C 278 0.91 -42.05 3.70
N ASP C 279 1.52 -41.06 3.05
CA ASP C 279 0.87 -40.34 1.95
C ASP C 279 1.39 -40.63 0.52
N SER C 280 2.35 -41.56 0.38
CA SER C 280 2.99 -41.91 -0.91
C SER C 280 2.04 -42.08 -2.10
N TYR C 281 0.83 -42.63 -1.87
CA TYR C 281 -0.15 -42.92 -2.91
C TYR C 281 -1.53 -42.41 -2.52
N ASP C 282 -1.98 -42.77 -1.32
CA ASP C 282 -3.28 -42.36 -0.79
C ASP C 282 -3.23 -42.45 0.76
N ILE C 283 -3.15 -41.29 1.42
CA ILE C 283 -3.11 -41.14 2.89
C ILE C 283 -4.35 -41.77 3.55
N TYR C 284 -5.51 -41.63 2.90
CA TYR C 284 -6.81 -42.05 3.40
C TYR C 284 -7.01 -43.54 3.35
N ASN C 285 -6.50 -44.17 2.29
CA ASN C 285 -6.51 -45.63 2.14
C ASN C 285 -5.52 -46.18 3.16
N ALA C 286 -4.27 -45.64 3.22
CA ALA C 286 -3.24 -46.09 4.18
C ALA C 286 -3.77 -46.11 5.59
N CYS C 287 -4.62 -45.13 5.94
CA CYS C 287 -5.18 -45.03 7.27
C CYS C 287 -6.33 -45.95 7.50
N GLU C 288 -7.32 -45.97 6.56
CA GLU C 288 -8.55 -46.78 6.69
C GLU C 288 -8.33 -48.26 6.49
N LYS C 289 -7.63 -48.65 5.40
CA LYS C 289 -7.35 -50.06 5.11
C LYS C 289 -6.05 -50.60 5.69
N ILE C 290 -4.90 -49.98 5.44
CA ILE C 290 -3.62 -50.54 5.86
C ILE C 290 -3.44 -50.45 7.37
N TRP C 291 -3.43 -49.24 7.96
CA TRP C 291 -3.27 -49.15 9.42
C TRP C 291 -4.52 -49.60 10.15
N GLY C 292 -5.67 -49.13 9.69
CA GLY C 292 -6.96 -49.39 10.30
C GLY C 292 -7.51 -50.82 10.23
N GLU C 293 -6.99 -51.66 9.31
CA GLU C 293 -7.48 -53.03 9.11
C GLU C 293 -6.35 -54.09 9.03
N ASP C 294 -5.64 -54.14 7.89
CA ASP C 294 -4.56 -55.10 7.59
C ASP C 294 -3.48 -55.17 8.66
N LEU C 295 -3.09 -54.03 9.27
CA LEU C 295 -2.02 -54.01 10.27
C LEU C 295 -2.45 -53.59 11.64
N ARG C 296 -3.77 -53.41 11.86
CA ARG C 296 -4.33 -52.96 13.14
C ARG C 296 -3.74 -53.73 14.31
N HIS C 297 -3.54 -55.06 14.13
CA HIS C 297 -3.00 -55.98 15.12
C HIS C 297 -1.57 -55.67 15.55
N LEU C 298 -0.80 -54.98 14.69
CA LEU C 298 0.56 -54.57 15.05
C LEU C 298 0.60 -53.19 15.77
N ILE C 299 -0.49 -52.41 15.65
CA ILE C 299 -0.61 -51.06 16.22
C ILE C 299 -1.14 -51.12 17.64
N VAL C 300 -2.27 -51.83 17.83
CA VAL C 300 -2.99 -51.95 19.13
C VAL C 300 -2.17 -52.71 20.19
N SER C 301 -1.07 -53.33 19.78
CA SER C 301 -0.15 -54.08 20.63
C SER C 301 0.96 -53.22 21.21
N ARG C 302 1.37 -52.17 20.51
CA ARG C 302 2.46 -51.26 20.87
C ARG C 302 2.28 -50.60 22.23
N SER C 303 3.40 -50.38 22.93
CA SER C 303 3.39 -49.78 24.26
C SER C 303 3.13 -48.27 24.15
N THR C 304 2.64 -47.65 25.25
CA THR C 304 2.38 -46.21 25.39
C THR C 304 3.67 -45.39 25.10
N GLN C 305 4.84 -45.95 25.44
CA GLN C 305 6.18 -45.38 25.25
C GLN C 305 6.69 -45.61 23.81
N ALA C 306 6.02 -46.47 23.02
CA ALA C 306 6.44 -46.79 21.64
C ALA C 306 5.27 -46.71 20.65
N PRO C 307 4.60 -45.53 20.54
CA PRO C 307 3.47 -45.43 19.62
C PRO C 307 3.83 -45.39 18.13
N LEU C 308 2.84 -45.67 17.27
CA LEU C 308 2.94 -45.52 15.83
C LEU C 308 2.57 -44.05 15.61
N ILE C 309 3.42 -43.30 14.90
CA ILE C 309 3.15 -41.91 14.61
C ILE C 309 2.91 -41.80 13.12
N ILE C 310 1.63 -41.63 12.73
CA ILE C 310 1.25 -41.54 11.32
C ILE C 310 1.63 -40.19 10.80
N ARG C 311 2.36 -40.11 9.66
CA ARG C 311 2.77 -38.87 9.06
C ARG C 311 2.14 -38.55 7.70
N PRO C 312 1.08 -37.69 7.65
CA PRO C 312 0.61 -37.19 6.35
C PRO C 312 1.68 -36.20 5.84
N ASP C 313 1.78 -35.96 4.53
CA ASP C 313 2.83 -35.03 4.11
C ASP C 313 2.42 -34.18 2.89
N SER C 314 1.13 -34.13 2.58
CA SER C 314 0.63 -33.37 1.42
C SER C 314 -0.86 -33.04 1.56
N GLY C 315 -1.31 -32.12 0.72
CA GLY C 315 -2.68 -31.61 0.70
C GLY C 315 -2.81 -30.43 1.65
N ASN C 316 -4.05 -30.00 1.96
CA ASN C 316 -4.25 -28.91 2.90
C ASN C 316 -3.86 -29.42 4.29
N PRO C 317 -2.87 -28.78 4.97
CA PRO C 317 -2.43 -29.30 6.29
C PRO C 317 -3.56 -29.59 7.30
N LEU C 318 -4.46 -28.62 7.54
CA LEU C 318 -5.58 -28.75 8.48
C LEU C 318 -6.58 -29.80 8.07
N ASP C 319 -7.08 -29.74 6.83
CA ASP C 319 -8.07 -30.69 6.29
C ASP C 319 -7.60 -32.13 6.32
N THR C 320 -6.32 -32.38 6.05
CA THR C 320 -5.77 -33.74 6.03
C THR C 320 -5.75 -34.28 7.44
N VAL C 321 -5.25 -33.49 8.40
CA VAL C 321 -5.20 -33.86 9.83
C VAL C 321 -6.61 -34.24 10.28
N LEU C 322 -7.60 -33.37 10.00
CA LEU C 322 -8.98 -33.59 10.43
C LEU C 322 -9.58 -34.87 9.84
N LYS C 323 -9.35 -35.12 8.54
CA LYS C 323 -9.85 -36.30 7.84
C LYS C 323 -9.16 -37.55 8.33
N VAL C 324 -7.84 -37.47 8.59
CA VAL C 324 -7.04 -38.59 9.10
C VAL C 324 -7.48 -38.99 10.53
N LEU C 325 -7.66 -37.99 11.43
CA LEU C 325 -8.16 -38.16 12.79
C LEU C 325 -9.57 -38.79 12.83
N GLU C 326 -10.42 -38.42 11.87
CA GLU C 326 -11.77 -38.92 11.69
C GLU C 326 -11.68 -40.42 11.37
N ILE C 327 -10.92 -40.77 10.33
CA ILE C 327 -10.66 -42.15 9.90
C ILE C 327 -10.08 -42.97 11.04
N LEU C 328 -9.04 -42.44 11.73
CA LEU C 328 -8.41 -43.17 12.85
C LEU C 328 -9.41 -43.47 13.98
N GLY C 329 -10.29 -42.51 14.28
CA GLY C 329 -11.37 -42.63 15.25
C GLY C 329 -12.40 -43.72 14.96
N LYS C 330 -12.64 -43.99 13.64
CA LYS C 330 -13.57 -45.03 13.17
C LYS C 330 -12.99 -46.41 13.35
N LYS C 331 -11.65 -46.52 13.41
CA LYS C 331 -10.97 -47.80 13.45
C LYS C 331 -10.28 -48.14 14.76
N PHE C 332 -10.04 -47.13 15.61
CA PHE C 332 -9.38 -47.28 16.90
C PHE C 332 -10.24 -46.70 18.01
N PRO C 333 -10.15 -47.20 19.26
CA PRO C 333 -10.98 -46.64 20.34
C PRO C 333 -10.52 -45.27 20.86
N VAL C 334 -11.38 -44.28 20.67
CA VAL C 334 -11.12 -42.91 21.09
C VAL C 334 -11.82 -42.72 22.43
N THR C 335 -11.09 -42.16 23.40
CA THR C 335 -11.60 -41.85 24.72
C THR C 335 -11.81 -40.33 24.77
N GLU C 336 -12.25 -39.84 25.91
CA GLU C 336 -12.43 -38.42 26.14
C GLU C 336 -11.59 -38.05 27.36
N ASN C 337 -10.72 -37.03 27.23
CA ASN C 337 -9.93 -36.56 28.37
C ASN C 337 -10.80 -35.76 29.37
N SER C 338 -10.21 -35.36 30.52
CA SER C 338 -10.87 -34.64 31.60
C SER C 338 -11.40 -33.25 31.22
N LYS C 339 -10.95 -32.74 30.05
CA LYS C 339 -11.35 -31.44 29.51
C LYS C 339 -12.47 -31.58 28.45
N GLY C 340 -12.88 -32.81 28.15
CA GLY C 340 -13.94 -33.12 27.20
C GLY C 340 -13.46 -33.27 25.78
N TYR C 341 -12.12 -33.31 25.59
CA TYR C 341 -11.54 -33.45 24.26
C TYR C 341 -11.19 -34.89 23.94
N LYS C 342 -11.46 -35.29 22.68
CA LYS C 342 -11.24 -36.64 22.13
C LYS C 342 -9.76 -36.99 22.17
N LEU C 343 -9.46 -38.25 22.44
CA LEU C 343 -8.07 -38.65 22.57
C LEU C 343 -7.86 -40.00 21.90
N LEU C 344 -6.86 -40.12 21.02
CA LEU C 344 -6.53 -41.38 20.36
C LEU C 344 -6.01 -42.40 21.41
N PRO C 345 -5.91 -43.71 21.07
CA PRO C 345 -5.32 -44.66 22.05
C PRO C 345 -3.83 -44.34 22.24
N PRO C 346 -3.21 -44.59 23.43
CA PRO C 346 -1.81 -44.11 23.63
C PRO C 346 -0.73 -44.70 22.75
N TYR C 347 -1.08 -45.73 21.96
CA TYR C 347 -0.18 -46.40 21.04
C TYR C 347 -0.27 -45.78 19.64
N LEU C 348 -1.17 -44.80 19.43
CA LEU C 348 -1.37 -44.16 18.13
C LEU C 348 -1.34 -42.62 18.26
N ARG C 349 -0.52 -41.95 17.38
CA ARG C 349 -0.33 -40.50 17.27
C ARG C 349 -0.13 -40.07 15.79
N VAL C 350 -0.14 -38.76 15.57
CA VAL C 350 0.04 -38.10 14.27
C VAL C 350 1.12 -37.00 14.38
N ILE C 351 1.85 -36.76 13.28
CA ILE C 351 2.82 -35.66 13.14
C ILE C 351 2.50 -34.93 11.85
N GLN C 352 2.20 -33.65 11.92
CA GLN C 352 2.00 -32.91 10.67
C GLN C 352 3.30 -32.16 10.43
N GLY C 353 4.02 -32.64 9.43
CA GLY C 353 5.32 -32.07 9.08
C GLY C 353 5.35 -31.32 7.79
N ASP C 354 4.22 -31.19 7.12
CA ASP C 354 4.16 -30.47 5.87
C ASP C 354 3.41 -29.15 5.97
N GLY C 355 4.05 -28.10 5.47
CA GLY C 355 3.49 -26.75 5.38
C GLY C 355 3.15 -26.12 6.70
N VAL C 356 4.04 -26.33 7.69
CA VAL C 356 3.89 -25.83 9.05
C VAL C 356 4.82 -24.67 9.24
N ASP C 357 4.24 -23.53 9.63
CA ASP C 357 4.92 -22.31 10.03
C ASP C 357 4.08 -21.62 11.09
N ILE C 358 4.56 -20.49 11.64
CA ILE C 358 3.88 -19.74 12.71
C ILE C 358 2.35 -19.55 12.39
N ASN C 359 2.02 -19.23 11.14
CA ASN C 359 0.64 -18.99 10.70
C ASN C 359 -0.23 -20.26 10.64
N THR C 360 0.21 -21.30 9.91
CA THR C 360 -0.56 -22.52 9.73
C THR C 360 -0.71 -23.33 11.01
N LEU C 361 0.33 -23.36 11.87
CA LEU C 361 0.32 -24.08 13.15
C LEU C 361 -0.89 -23.62 13.99
N GLN C 362 -1.10 -22.30 14.06
CA GLN C 362 -2.20 -21.64 14.73
C GLN C 362 -3.56 -22.11 14.15
N GLU C 363 -3.70 -22.13 12.80
CA GLU C 363 -4.89 -22.61 12.09
C GLU C 363 -5.21 -24.06 12.36
N ILE C 364 -4.17 -24.92 12.41
CA ILE C 364 -4.32 -26.36 12.62
C ILE C 364 -4.78 -26.62 14.03
N VAL C 365 -4.13 -26.06 15.04
CA VAL C 365 -4.48 -26.27 16.45
C VAL C 365 -5.88 -25.72 16.76
N GLU C 366 -6.27 -24.59 16.13
CA GLU C 366 -7.57 -23.97 16.29
C GLU C 366 -8.67 -24.86 15.64
N GLY C 367 -8.43 -25.31 14.40
CA GLY C 367 -9.32 -26.21 13.67
C GLY C 367 -9.52 -27.57 14.34
N MET C 368 -8.52 -28.06 15.07
CA MET C 368 -8.62 -29.31 15.82
C MET C 368 -9.42 -29.06 17.09
N LYS C 369 -9.30 -27.84 17.67
CA LYS C 369 -10.01 -27.47 18.89
C LYS C 369 -11.52 -27.39 18.59
N GLN C 370 -11.92 -26.74 17.47
CA GLN C 370 -13.31 -26.64 17.01
C GLN C 370 -13.94 -28.02 16.77
N LYS C 371 -13.11 -29.01 16.35
CA LYS C 371 -13.52 -30.39 16.10
C LYS C 371 -13.39 -31.28 17.36
N MET C 372 -13.13 -30.68 18.52
CA MET C 372 -13.01 -31.31 19.84
C MET C 372 -11.92 -32.39 19.95
N TRP C 373 -10.81 -32.22 19.19
CA TRP C 373 -9.64 -33.08 19.25
C TRP C 373 -8.61 -32.45 20.18
N SER C 374 -8.04 -33.23 21.10
CA SER C 374 -7.04 -32.71 22.01
C SER C 374 -5.72 -32.56 21.22
N ILE C 375 -4.88 -31.62 21.65
CA ILE C 375 -3.58 -31.37 21.00
C ILE C 375 -2.57 -32.42 21.46
N GLU C 376 -2.95 -33.24 22.46
CA GLU C 376 -2.17 -34.38 22.92
C GLU C 376 -1.99 -35.39 21.77
N ASN C 377 -2.89 -35.34 20.77
CA ASN C 377 -2.93 -36.24 19.62
C ASN C 377 -1.90 -36.02 18.56
N ILE C 378 -1.36 -34.81 18.47
CA ILE C 378 -0.50 -34.39 17.38
C ILE C 378 0.84 -33.70 17.81
N ALA C 379 1.80 -33.76 16.90
CA ALA C 379 3.07 -33.11 17.01
C ALA C 379 3.30 -32.48 15.67
N PHE C 380 4.14 -31.45 15.64
CA PHE C 380 4.39 -30.74 14.41
C PHE C 380 5.84 -30.78 14.09
N GLY C 381 6.13 -30.83 12.80
CA GLY C 381 7.48 -30.76 12.31
C GLY C 381 7.59 -29.60 11.36
N SER C 382 8.57 -28.73 11.55
CA SER C 382 8.72 -27.59 10.63
C SER C 382 10.09 -27.59 9.98
N GLY C 383 10.14 -27.34 8.69
CA GLY C 383 11.42 -27.32 7.99
C GLY C 383 11.94 -25.93 7.73
N GLY C 384 11.82 -25.53 6.48
CA GLY C 384 12.14 -24.20 5.98
C GLY C 384 11.42 -23.11 6.74
N GLY C 385 10.13 -23.31 7.09
CA GLY C 385 9.37 -22.35 7.87
C GLY C 385 10.00 -22.05 9.23
N LEU C 386 10.68 -23.05 9.80
CA LEU C 386 11.33 -22.93 11.09
C LEU C 386 12.73 -22.27 11.03
N LEU C 387 13.57 -22.65 10.04
CA LEU C 387 14.96 -22.16 10.00
C LEU C 387 15.39 -21.37 8.75
N GLN C 388 14.55 -21.26 7.73
CA GLN C 388 14.94 -20.55 6.52
C GLN C 388 14.06 -19.37 6.13
N LYS C 389 12.74 -19.44 6.40
CA LYS C 389 11.83 -18.38 5.95
C LYS C 389 11.79 -17.22 6.94
N LEU C 390 12.97 -16.69 7.24
CA LEU C 390 13.19 -15.61 8.20
C LEU C 390 14.21 -14.65 7.61
N THR C 391 14.12 -13.36 8.03
CA THR C 391 14.98 -12.25 7.57
C THR C 391 15.31 -11.27 8.71
N ARG C 392 16.29 -10.39 8.45
CA ARG C 392 16.74 -9.35 9.37
C ARG C 392 15.62 -8.33 9.65
N ASP C 393 14.68 -8.11 8.67
CA ASP C 393 13.52 -7.18 8.76
C ASP C 393 12.54 -7.53 9.87
N LEU C 394 12.06 -8.79 9.89
CA LEU C 394 11.10 -9.38 10.80
C LEU C 394 11.17 -8.85 12.22
N LEU C 395 12.37 -8.87 12.84
CA LEU C 395 12.55 -8.33 14.19
C LEU C 395 13.21 -6.92 14.18
N ASN C 396 13.58 -6.42 12.99
CA ASN C 396 14.27 -5.14 12.73
C ASN C 396 15.60 -5.09 13.49
N CYS C 397 16.40 -6.14 13.28
CA CYS C 397 17.72 -6.30 13.88
C CYS C 397 18.67 -5.29 13.26
N SER C 398 19.13 -4.35 14.09
CA SER C 398 20.04 -3.28 13.65
C SER C 398 21.11 -2.95 14.70
N PHE C 399 22.30 -2.63 14.19
CA PHE C 399 23.50 -2.22 14.94
C PHE C 399 23.77 -0.77 14.51
N LYS C 400 23.83 0.15 15.49
CA LYS C 400 24.03 1.57 15.15
C LYS C 400 25.00 2.27 16.08
N CYS C 401 25.64 3.37 15.63
CA CYS C 401 26.53 4.14 16.52
C CYS C 401 25.72 5.22 17.23
N SER C 402 25.70 5.18 18.58
CA SER C 402 24.96 6.12 19.43
C SER C 402 25.82 7.18 20.16
N TYR C 403 27.11 6.88 20.45
CA TYR C 403 28.06 7.76 21.16
C TYR C 403 29.49 7.77 20.53
N VAL C 404 30.09 8.98 20.39
CA VAL C 404 31.45 9.18 19.82
C VAL C 404 32.29 10.17 20.68
N VAL C 405 33.63 9.91 20.81
CA VAL C 405 34.63 10.77 21.50
C VAL C 405 35.62 11.32 20.45
N THR C 406 35.50 12.61 20.13
CA THR C 406 36.36 13.31 19.17
C THR C 406 36.96 14.57 19.83
N ASN C 407 38.30 14.72 19.72
CA ASN C 407 39.10 15.83 20.25
C ASN C 407 38.98 15.96 21.80
N GLY C 408 38.73 14.82 22.46
CA GLY C 408 38.60 14.71 23.90
C GLY C 408 37.21 15.01 24.46
N LEU C 409 36.20 15.20 23.58
CA LEU C 409 34.83 15.51 24.04
C LEU C 409 33.79 14.51 23.54
N GLY C 410 33.07 13.91 24.49
CA GLY C 410 31.99 12.96 24.24
C GLY C 410 30.70 13.57 23.71
N ILE C 411 30.18 13.00 22.61
CA ILE C 411 28.95 13.46 21.95
C ILE C 411 27.96 12.30 21.65
N ASN C 412 26.65 12.64 21.55
CA ASN C 412 25.56 11.71 21.25
C ASN C 412 25.22 11.81 19.77
N VAL C 413 25.42 10.69 19.04
CA VAL C 413 25.22 10.60 17.59
C VAL C 413 23.99 9.70 17.22
N PHE C 414 23.33 9.95 16.05
CA PHE C 414 22.14 9.22 15.59
C PHE C 414 21.66 9.55 14.16
N LYS C 415 20.89 8.62 13.54
CA LYS C 415 20.31 8.76 12.20
C LYS C 415 18.78 9.00 12.28
N ASP C 416 18.28 10.03 11.58
CA ASP C 416 16.86 10.40 11.58
C ASP C 416 16.41 10.78 10.15
N PRO C 417 16.23 9.80 9.21
CA PRO C 417 15.83 10.18 7.84
C PRO C 417 14.43 10.81 7.75
N VAL C 418 14.24 11.69 6.77
CA VAL C 418 12.99 12.44 6.61
C VAL C 418 11.83 11.58 6.08
N ALA C 419 11.98 10.92 4.91
CA ALA C 419 10.90 10.12 4.33
C ALA C 419 10.68 8.75 4.99
N ASP C 420 11.35 8.45 6.13
CA ASP C 420 11.21 7.18 6.88
C ASP C 420 11.54 7.36 8.37
N PRO C 421 10.64 7.96 9.17
CA PRO C 421 10.94 8.19 10.60
C PRO C 421 10.99 6.94 11.49
N ASN C 422 10.84 5.74 10.91
CA ASN C 422 10.89 4.45 11.60
C ASN C 422 12.32 4.05 11.98
N LYS C 423 13.28 4.46 11.12
CA LYS C 423 14.72 4.19 11.22
C LYS C 423 15.51 5.14 12.19
N ARG C 424 14.80 5.81 13.13
CA ARG C 424 15.39 6.70 14.15
C ARG C 424 16.16 5.86 15.20
N SER C 425 17.46 6.17 15.39
CA SER C 425 18.32 5.44 16.33
C SER C 425 18.55 6.18 17.65
N LYS C 426 19.00 5.43 18.67
CA LYS C 426 19.28 5.93 20.03
C LYS C 426 20.53 6.85 20.12
N LYS C 427 20.82 7.40 21.34
CA LYS C 427 21.93 8.33 21.58
C LYS C 427 22.60 8.11 22.92
N GLY C 428 23.94 8.16 22.90
CA GLY C 428 24.78 8.09 24.08
C GLY C 428 25.07 6.72 24.68
N ARG C 429 25.59 6.75 25.92
CA ARG C 429 25.93 5.53 26.66
C ARG C 429 24.64 4.93 27.20
N LEU C 430 24.18 3.84 26.55
CA LEU C 430 22.91 3.15 26.83
C LEU C 430 22.98 2.12 27.95
N SER C 431 21.83 1.89 28.58
CA SER C 431 21.67 0.91 29.67
C SER C 431 20.26 0.26 29.58
N LEU C 432 20.09 -0.91 30.20
CA LEU C 432 18.82 -1.62 30.20
C LEU C 432 18.35 -1.81 31.61
N HIS C 433 17.10 -1.43 31.85
CA HIS C 433 16.57 -1.56 33.20
C HIS C 433 15.20 -2.19 33.27
N ARG C 434 14.98 -2.93 34.36
CA ARG C 434 13.68 -3.54 34.68
C ARG C 434 13.06 -2.71 35.80
N THR C 435 11.91 -2.10 35.50
CA THR C 435 11.16 -1.24 36.39
C THR C 435 10.57 -2.05 37.57
N PRO C 436 10.03 -1.39 38.64
CA PRO C 436 9.37 -2.15 39.72
C PRO C 436 8.15 -2.95 39.24
N ALA C 437 7.39 -2.40 38.25
CA ALA C 437 6.22 -3.07 37.69
C ALA C 437 6.58 -4.21 36.72
N GLY C 438 7.87 -4.34 36.38
CA GLY C 438 8.39 -5.41 35.54
C GLY C 438 8.55 -5.08 34.06
N ASN C 439 8.46 -3.78 33.71
CA ASN C 439 8.63 -3.32 32.33
C ASN C 439 10.13 -3.14 32.03
N PHE C 440 10.48 -2.87 30.76
CA PHE C 440 11.88 -2.69 30.36
C PHE C 440 12.05 -1.34 29.73
N VAL C 441 13.08 -0.62 30.19
CA VAL C 441 13.40 0.71 29.67
C VAL C 441 14.86 0.78 29.22
N THR C 442 15.08 1.42 28.06
CA THR C 442 16.43 1.63 27.53
C THR C 442 16.81 3.10 27.78
N LEU C 443 17.57 3.30 28.87
CA LEU C 443 18.05 4.63 29.30
C LEU C 443 19.18 5.16 28.41
N GLU C 444 18.87 6.24 27.66
CA GLU C 444 19.78 6.95 26.74
C GLU C 444 20.68 8.02 27.48
N GLU C 445 21.72 8.52 26.79
CA GLU C 445 22.67 9.59 27.19
C GLU C 445 23.27 9.45 28.61
N GLY C 446 23.73 8.26 28.94
CA GLY C 446 24.37 7.94 30.23
C GLY C 446 23.51 7.98 31.47
N LYS C 447 22.19 8.21 31.33
CA LYS C 447 21.21 8.34 32.43
C LYS C 447 21.09 7.09 33.34
N GLY C 448 21.69 5.99 32.93
CA GLY C 448 21.73 4.76 33.72
C GLY C 448 22.71 4.85 34.88
N ASP C 449 23.72 5.76 34.77
CA ASP C 449 24.77 6.00 35.76
C ASP C 449 24.23 6.53 37.10
N LEU C 450 22.97 7.03 37.09
CA LEU C 450 22.24 7.58 38.23
C LEU C 450 21.90 6.51 39.27
N GLU C 451 21.81 5.22 38.85
CA GLU C 451 21.51 4.05 39.70
C GLU C 451 20.19 4.23 40.47
N GLU C 452 19.13 4.61 39.73
CA GLU C 452 17.76 4.84 40.20
C GLU C 452 16.87 3.65 39.86
N TYR C 453 16.96 3.18 38.59
CA TYR C 453 16.21 2.04 38.05
C TYR C 453 16.89 0.70 38.35
N GLY C 454 17.89 0.73 39.23
CA GLY C 454 18.68 -0.43 39.61
C GLY C 454 19.89 -0.64 38.73
N GLN C 455 20.53 -1.81 38.84
CA GLN C 455 21.72 -2.24 38.07
C GLN C 455 21.38 -2.37 36.56
N ASP C 456 22.35 -2.05 35.66
CA ASP C 456 22.19 -2.22 34.19
C ASP C 456 22.10 -3.72 33.94
N LEU C 457 21.13 -4.12 33.10
CA LEU C 457 20.90 -5.54 32.79
C LEU C 457 22.04 -6.15 31.95
N LEU C 458 22.77 -5.31 31.18
CA LEU C 458 23.93 -5.73 30.38
C LEU C 458 25.13 -6.03 31.27
N HIS C 459 25.86 -7.11 30.94
CA HIS C 459 27.08 -7.53 31.62
C HIS C 459 28.24 -7.56 30.62
N THR C 460 29.50 -7.40 31.09
CA THR C 460 30.67 -7.46 30.23
C THR C 460 30.89 -8.95 29.87
N VAL C 461 30.72 -9.26 28.56
CA VAL C 461 30.84 -10.62 28.00
C VAL C 461 32.15 -10.80 27.21
N PHE C 462 32.69 -9.71 26.68
CA PHE C 462 33.92 -9.72 25.91
C PHE C 462 34.81 -8.50 26.27
N LYS C 463 36.09 -8.75 26.57
CA LYS C 463 37.06 -7.70 26.92
C LYS C 463 38.48 -8.04 26.48
N ASN C 464 38.96 -7.39 25.39
CA ASN C 464 40.33 -7.55 24.85
C ASN C 464 40.72 -9.01 24.47
N GLY C 465 39.89 -9.64 23.62
CA GLY C 465 40.11 -11.00 23.17
C GLY C 465 39.81 -12.10 24.16
N LYS C 466 39.05 -11.77 25.23
CA LYS C 466 38.66 -12.74 26.24
C LYS C 466 37.16 -12.72 26.42
N VAL C 467 36.54 -13.91 26.48
CA VAL C 467 35.10 -14.01 26.76
C VAL C 467 35.01 -14.01 28.30
N THR C 468 34.49 -12.92 28.88
CA THR C 468 34.47 -12.69 30.33
C THR C 468 33.27 -13.30 31.09
N LYS C 469 32.17 -13.60 30.38
CA LYS C 469 30.97 -14.21 30.96
C LYS C 469 30.31 -15.21 30.00
N SER C 470 30.29 -16.49 30.40
CA SER C 470 29.66 -17.56 29.63
C SER C 470 28.52 -18.20 30.40
N TYR C 471 27.47 -18.55 29.69
CA TYR C 471 26.26 -19.17 30.20
C TYR C 471 26.16 -20.55 29.54
N SER C 472 25.74 -21.55 30.34
CA SER C 472 25.52 -22.92 29.88
C SER C 472 24.19 -22.92 29.16
N PHE C 473 23.94 -23.91 28.29
CA PHE C 473 22.68 -23.98 27.56
C PHE C 473 21.49 -24.13 28.49
N ASP C 474 21.70 -24.77 29.64
CA ASP C 474 20.69 -24.99 30.67
C ASP C 474 20.19 -23.67 31.29
N GLU C 475 21.07 -22.63 31.35
CA GLU C 475 20.74 -21.30 31.88
C GLU C 475 19.89 -20.57 30.85
N ILE C 476 20.31 -20.60 29.56
CA ILE C 476 19.63 -19.97 28.42
C ILE C 476 18.16 -20.45 28.40
N ARG C 477 17.96 -21.79 28.45
CA ARG C 477 16.64 -22.43 28.46
C ARG C 477 15.81 -21.88 29.59
N LYS C 478 16.38 -21.80 30.82
CA LYS C 478 15.70 -21.27 32.01
C LYS C 478 15.24 -19.83 31.80
N ASN C 479 16.07 -18.98 31.17
CA ASN C 479 15.74 -17.58 30.90
C ASN C 479 14.67 -17.42 29.84
N ALA C 480 14.63 -18.36 28.86
CA ALA C 480 13.66 -18.35 27.75
C ALA C 480 12.31 -18.97 28.13
N GLN C 481 12.23 -19.68 29.29
CA GLN C 481 11.01 -20.32 29.83
C GLN C 481 9.78 -19.43 29.74
N LEU C 482 8.65 -20.00 29.28
CA LEU C 482 7.41 -19.22 29.14
C LEU C 482 6.84 -18.96 30.52
N ASN C 483 6.05 -17.88 30.66
CA ASN C 483 5.38 -17.51 31.92
C ASN C 483 4.57 -18.70 32.47
N ILE C 484 3.75 -19.32 31.57
CA ILE C 484 2.88 -20.49 31.75
C ILE C 484 3.62 -21.70 32.40
N GLU C 485 4.97 -21.74 32.29
CA GLU C 485 5.85 -22.77 32.82
C GLU C 485 6.50 -22.30 34.12
N ALA D 7 40.05 -33.79 10.58
CA ALA D 7 38.83 -33.06 10.20
C ALA D 7 37.87 -32.84 11.41
N GLU D 8 37.15 -31.71 11.40
CA GLU D 8 36.17 -31.30 12.41
C GLU D 8 34.76 -31.68 11.94
N PHE D 9 34.52 -31.55 10.63
CA PHE D 9 33.27 -31.94 10.00
C PHE D 9 33.21 -33.46 9.94
N ASN D 10 32.07 -34.01 10.35
CA ASN D 10 31.81 -35.45 10.33
C ASN D 10 30.55 -35.71 9.47
N ILE D 11 30.71 -36.39 8.31
CA ILE D 11 29.61 -36.71 7.36
C ILE D 11 28.53 -37.63 7.98
N LEU D 12 28.91 -38.41 9.00
CA LEU D 12 28.06 -39.35 9.74
C LEU D 12 27.08 -38.60 10.67
N LEU D 13 27.39 -37.33 10.94
CA LEU D 13 26.61 -36.44 11.79
C LEU D 13 26.03 -35.28 10.93
N ALA D 14 26.17 -35.40 9.60
CA ALA D 14 25.72 -34.40 8.61
C ALA D 14 24.49 -34.84 7.80
N THR D 15 23.57 -35.55 8.44
CA THR D 15 22.32 -35.98 7.79
C THR D 15 21.14 -35.65 8.70
N ASP D 16 19.91 -35.82 8.18
CA ASP D 16 18.67 -35.74 8.97
C ASP D 16 18.68 -36.98 9.89
N SER D 17 18.35 -36.85 11.19
CA SER D 17 18.37 -37.93 12.19
C SER D 17 17.70 -39.24 11.80
N TYR D 18 16.55 -39.18 11.11
CA TYR D 18 15.81 -40.38 10.77
C TYR D 18 16.52 -41.23 9.73
N LYS D 19 17.39 -40.61 8.90
CA LYS D 19 18.17 -41.23 7.83
C LYS D 19 19.18 -42.23 8.35
N VAL D 20 19.53 -42.09 9.63
CA VAL D 20 20.43 -42.94 10.41
C VAL D 20 19.74 -44.32 10.64
N THR D 21 18.39 -44.36 10.52
CA THR D 21 17.56 -45.55 10.76
C THR D 21 17.02 -46.19 9.47
N HIS D 22 17.33 -45.64 8.29
CA HIS D 22 16.79 -46.15 7.01
C HIS D 22 17.43 -47.44 6.49
N TYR D 23 18.68 -47.75 6.92
CA TYR D 23 19.38 -48.98 6.52
C TYR D 23 18.60 -50.25 6.91
N LYS D 24 17.73 -50.16 7.95
CA LYS D 24 16.85 -51.21 8.45
C LYS D 24 15.42 -51.17 7.80
N GLN D 25 15.16 -50.25 6.84
CA GLN D 25 13.81 -50.05 6.31
C GLN D 25 13.60 -50.40 4.85
N TYR D 26 14.68 -50.49 4.11
CA TYR D 26 14.64 -50.84 2.71
C TYR D 26 14.23 -52.30 2.52
N PRO D 27 13.73 -52.68 1.33
CA PRO D 27 13.36 -54.08 1.15
C PRO D 27 14.57 -55.00 1.32
N PRO D 28 14.43 -56.16 1.98
CA PRO D 28 15.59 -57.07 2.09
C PRO D 28 16.14 -57.37 0.70
N ASN D 29 17.48 -57.38 0.59
CA ASN D 29 18.25 -57.68 -0.62
C ASN D 29 18.20 -56.58 -1.67
N THR D 30 18.29 -55.30 -1.21
CA THR D 30 18.37 -54.13 -2.07
C THR D 30 19.85 -53.91 -2.28
N SER D 31 20.27 -53.84 -3.55
CA SER D 31 21.66 -53.66 -3.95
C SER D 31 21.93 -52.29 -4.61
N LYS D 32 20.85 -51.63 -5.06
CA LYS D 32 20.93 -50.31 -5.68
C LYS D 32 19.77 -49.42 -5.26
N VAL D 33 20.11 -48.21 -4.83
CA VAL D 33 19.20 -47.12 -4.49
C VAL D 33 19.66 -45.97 -5.41
N TYR D 34 18.81 -45.64 -6.39
CA TYR D 34 19.07 -44.60 -7.37
C TYR D 34 18.12 -43.39 -7.18
N SER D 35 18.70 -42.24 -6.87
CA SER D 35 17.97 -41.01 -6.61
C SER D 35 18.38 -39.80 -7.52
N TYR D 36 17.45 -38.85 -7.72
CA TYR D 36 17.66 -37.67 -8.55
C TYR D 36 17.24 -36.38 -7.86
N PHE D 37 17.77 -35.25 -8.37
CA PHE D 37 17.45 -33.91 -7.94
C PHE D 37 16.82 -33.16 -9.11
N GLU D 38 15.77 -32.39 -8.83
CA GLU D 38 15.08 -31.52 -9.81
C GLU D 38 14.45 -30.31 -9.13
N CYS D 39 14.23 -29.26 -9.92
CA CYS D 39 13.51 -28.05 -9.55
C CYS D 39 12.16 -28.31 -10.12
N ARG D 40 11.34 -28.98 -9.34
CA ARG D 40 10.04 -29.48 -9.73
C ARG D 40 9.12 -28.43 -10.37
N GLU D 41 8.32 -28.87 -11.36
CA GLU D 41 7.39 -28.03 -12.09
C GLU D 41 6.29 -27.46 -11.19
N LYS D 42 5.87 -26.21 -11.48
CA LYS D 42 4.88 -25.39 -10.77
C LYS D 42 3.42 -25.79 -11.01
N LYS D 43 2.54 -25.32 -10.09
CA LYS D 43 1.08 -25.50 -10.07
C LYS D 43 0.45 -25.02 -11.39
N THR D 44 -0.36 -25.90 -12.00
CA THR D 44 -1.06 -25.66 -13.27
C THR D 44 -2.21 -24.61 -13.14
N GLU D 45 -2.73 -24.38 -11.90
CA GLU D 45 -3.81 -23.43 -11.56
C GLU D 45 -5.14 -23.76 -12.27
N LYS D 53 7.05 -17.28 -13.91
CA LYS D 53 7.94 -17.02 -12.78
C LYS D 53 8.87 -18.22 -12.55
N TYR D 54 10.17 -18.01 -12.87
CA TYR D 54 11.25 -18.99 -12.79
C TYR D 54 10.91 -20.28 -13.59
N GLU D 55 10.84 -20.14 -14.94
CA GLU D 55 10.57 -21.24 -15.86
C GLU D 55 11.86 -22.06 -16.12
N GLU D 56 13.04 -21.47 -15.82
CA GLU D 56 14.38 -22.01 -15.99
C GLU D 56 15.30 -21.68 -14.82
N THR D 57 16.16 -22.65 -14.46
CA THR D 57 17.10 -22.58 -13.34
C THR D 57 18.55 -22.59 -13.77
N VAL D 58 19.40 -22.09 -12.89
CA VAL D 58 20.83 -22.01 -13.08
C VAL D 58 21.48 -23.02 -12.15
N PHE D 59 22.01 -24.10 -12.72
CA PHE D 59 22.66 -25.11 -11.91
C PHE D 59 24.02 -24.64 -11.45
N TYR D 60 24.16 -24.40 -10.15
CA TYR D 60 25.42 -23.95 -9.60
C TYR D 60 25.55 -24.33 -8.13
N GLY D 61 26.79 -24.66 -7.73
CA GLY D 61 27.14 -24.94 -6.34
C GLY D 61 27.39 -26.38 -5.92
N LEU D 62 27.11 -27.38 -6.79
CA LEU D 62 27.33 -28.79 -6.45
C LEU D 62 28.80 -29.08 -6.13
N GLN D 63 29.70 -28.51 -6.94
CA GLN D 63 31.15 -28.64 -6.87
C GLN D 63 31.73 -28.20 -5.51
N TYR D 64 31.11 -27.19 -4.89
CA TYR D 64 31.49 -26.68 -3.57
C TYR D 64 31.21 -27.77 -2.49
N ILE D 65 30.01 -28.38 -2.56
CA ILE D 65 29.56 -29.47 -1.67
C ILE D 65 30.47 -30.72 -1.89
N LEU D 66 30.66 -31.15 -3.16
CA LEU D 66 31.54 -32.26 -3.54
C LEU D 66 32.93 -32.17 -2.89
N ASN D 67 33.59 -31.03 -3.05
CA ASN D 67 34.94 -30.81 -2.57
C ASN D 67 35.08 -30.53 -1.08
N LYS D 68 34.23 -29.67 -0.49
CA LYS D 68 34.33 -29.35 0.92
C LYS D 68 33.88 -30.53 1.84
N TYR D 69 32.96 -31.36 1.34
CA TYR D 69 32.34 -32.37 2.18
C TYR D 69 32.36 -33.83 1.71
N LEU D 70 32.24 -34.09 0.40
CA LEU D 70 32.11 -35.47 -0.06
C LEU D 70 33.43 -36.20 -0.51
N LYS D 71 34.45 -35.48 -1.04
CA LYS D 71 35.65 -36.14 -1.54
C LYS D 71 36.63 -36.63 -0.44
N GLY D 72 37.42 -37.65 -0.80
CA GLY D 72 38.49 -38.23 0.00
C GLY D 72 38.09 -39.11 1.16
N LYS D 73 38.97 -39.20 2.17
CA LYS D 73 38.78 -40.00 3.37
C LYS D 73 37.81 -39.21 4.26
N VAL D 74 36.52 -39.51 4.09
CA VAL D 74 35.44 -38.86 4.83
C VAL D 74 35.04 -39.65 6.08
N VAL D 75 35.44 -40.92 6.14
CA VAL D 75 35.16 -41.83 7.27
C VAL D 75 36.48 -42.17 8.01
N THR D 76 36.42 -42.25 9.35
CA THR D 76 37.55 -42.59 10.23
C THR D 76 37.01 -43.30 11.46
N LYS D 77 37.87 -44.11 12.10
CA LYS D 77 37.60 -44.83 13.33
C LYS D 77 37.01 -43.85 14.39
N GLU D 78 37.61 -42.66 14.52
CA GLU D 78 37.23 -41.58 15.45
C GLU D 78 35.89 -40.94 15.10
N LYS D 79 35.57 -40.78 13.79
CA LYS D 79 34.30 -40.19 13.35
C LYS D 79 33.13 -41.15 13.63
N ILE D 80 33.38 -42.47 13.44
CA ILE D 80 32.44 -43.54 13.70
C ILE D 80 32.16 -43.59 15.19
N GLN D 81 33.19 -43.55 16.05
CA GLN D 81 32.98 -43.60 17.50
C GLN D 81 32.17 -42.38 18.02
N GLU D 82 32.43 -41.19 17.42
CA GLU D 82 31.76 -39.91 17.67
C GLU D 82 30.26 -40.00 17.27
N ALA D 83 29.97 -40.46 16.02
CA ALA D 83 28.59 -40.62 15.55
C ALA D 83 27.85 -41.62 16.44
N LYS D 84 28.47 -42.77 16.74
CA LYS D 84 27.92 -43.83 17.58
C LYS D 84 27.52 -43.32 18.99
N ASP D 85 28.43 -42.56 19.65
CA ASP D 85 28.19 -42.02 20.99
C ASP D 85 27.02 -41.04 21.05
N VAL D 86 26.93 -40.13 20.04
CA VAL D 86 25.88 -39.11 19.89
C VAL D 86 24.52 -39.78 19.68
N TYR D 87 24.47 -40.71 18.69
CA TYR D 87 23.24 -41.41 18.27
C TYR D 87 22.66 -42.29 19.35
N LYS D 88 23.51 -42.90 20.20
CA LYS D 88 23.05 -43.70 21.34
C LYS D 88 22.23 -42.80 22.31
N GLU D 89 22.66 -41.55 22.53
CA GLU D 89 21.95 -40.60 23.40
C GLU D 89 20.79 -39.87 22.69
N HIS D 90 20.95 -39.54 21.40
CA HIS D 90 19.97 -38.87 20.56
C HIS D 90 18.69 -39.70 20.38
N PHE D 91 18.84 -41.03 20.17
CA PHE D 91 17.71 -41.95 19.98
C PHE D 91 17.31 -42.66 21.22
N GLN D 92 18.19 -42.67 22.24
CA GLN D 92 17.99 -43.39 23.50
C GLN D 92 17.86 -44.89 23.15
N ASP D 93 18.64 -45.29 22.12
CA ASP D 93 18.67 -46.62 21.53
C ASP D 93 19.83 -46.72 20.54
N ASP D 94 20.39 -47.93 20.39
CA ASP D 94 21.45 -48.16 19.42
C ASP D 94 20.73 -48.53 18.15
N VAL D 95 20.95 -47.75 17.12
CA VAL D 95 20.28 -47.91 15.84
C VAL D 95 21.23 -47.41 14.73
N PHE D 96 22.41 -46.99 15.14
CA PHE D 96 23.46 -46.53 14.25
C PHE D 96 24.15 -47.71 13.53
N ASN D 97 24.30 -47.59 12.19
CA ASN D 97 24.92 -48.61 11.32
C ASN D 97 26.44 -48.52 11.36
N GLU D 98 27.03 -48.99 12.48
CA GLU D 98 28.49 -49.01 12.71
C GLU D 98 29.16 -49.92 11.71
N LYS D 99 28.53 -51.07 11.37
CA LYS D 99 29.04 -52.05 10.43
C LYS D 99 29.18 -51.47 9.04
N GLY D 100 28.11 -50.85 8.54
CA GLY D 100 28.06 -50.22 7.22
C GLY D 100 29.08 -49.12 7.04
N TRP D 101 29.27 -48.30 8.09
CA TRP D 101 30.27 -47.24 8.07
C TRP D 101 31.68 -47.83 8.21
N ASN D 102 31.81 -48.94 8.99
CA ASN D 102 33.05 -49.68 9.19
C ASN D 102 33.51 -50.32 7.89
N TYR D 103 32.56 -50.83 7.08
CA TYR D 103 32.79 -51.40 5.77
C TYR D 103 33.42 -50.37 4.83
N ILE D 104 32.88 -49.13 4.79
CA ILE D 104 33.39 -48.07 3.91
C ILE D 104 34.82 -47.73 4.31
N LEU D 105 35.09 -47.70 5.65
CA LEU D 105 36.41 -47.43 6.21
C LEU D 105 37.44 -48.50 5.78
N GLU D 106 37.14 -49.79 6.08
CA GLU D 106 37.98 -50.98 5.80
C GLU D 106 38.17 -51.28 4.32
N LYS D 107 37.08 -51.28 3.52
CA LYS D 107 37.09 -51.64 2.11
C LYS D 107 37.48 -50.55 1.13
N TYR D 108 37.24 -49.28 1.48
CA TYR D 108 37.49 -48.16 0.58
C TYR D 108 38.36 -47.06 1.15
N ASP D 109 38.97 -47.30 2.33
CA ASP D 109 39.85 -46.32 2.99
C ASP D 109 39.07 -44.99 3.29
N GLY D 110 37.84 -45.14 3.78
CA GLY D 110 36.93 -44.05 4.11
C GLY D 110 36.42 -43.20 2.95
N HIS D 111 36.42 -43.73 1.70
CA HIS D 111 35.96 -43.02 0.51
C HIS D 111 34.58 -43.54 0.17
N LEU D 112 33.63 -42.62 -0.10
CA LEU D 112 32.23 -42.95 -0.42
C LEU D 112 32.03 -43.69 -1.73
N PRO D 113 31.55 -44.98 -1.71
CA PRO D 113 31.28 -45.68 -2.97
C PRO D 113 29.98 -45.17 -3.59
N ILE D 114 30.05 -43.96 -4.14
CA ILE D 114 28.92 -43.24 -4.72
C ILE D 114 29.31 -42.72 -6.08
N GLU D 115 28.36 -42.73 -7.03
CA GLU D 115 28.53 -42.13 -8.34
C GLU D 115 27.49 -40.99 -8.49
N ILE D 116 27.98 -39.74 -8.60
CA ILE D 116 27.16 -38.54 -8.85
C ILE D 116 27.44 -38.08 -10.27
N LYS D 117 26.36 -38.02 -11.09
CA LYS D 117 26.30 -37.57 -12.48
C LYS D 117 25.46 -36.27 -12.46
N ALA D 118 25.93 -35.19 -13.07
CA ALA D 118 25.22 -33.91 -13.05
C ALA D 118 25.31 -33.15 -14.34
N VAL D 119 24.38 -32.20 -14.54
CA VAL D 119 24.37 -31.29 -15.68
C VAL D 119 25.56 -30.31 -15.47
N PRO D 120 26.27 -29.75 -16.51
CA PRO D 120 27.44 -28.88 -16.22
C PRO D 120 27.07 -27.63 -15.42
N GLU D 121 27.96 -27.23 -14.49
CA GLU D 121 27.68 -26.05 -13.67
C GLU D 121 27.66 -24.77 -14.49
N GLY D 122 26.54 -24.09 -14.38
CA GLY D 122 26.21 -22.85 -15.08
C GLY D 122 25.05 -23.03 -16.04
N PHE D 123 24.76 -24.28 -16.44
CA PHE D 123 23.68 -24.60 -17.37
C PHE D 123 22.33 -24.02 -16.98
N VAL D 124 21.58 -23.56 -18.00
CA VAL D 124 20.25 -22.96 -17.78
C VAL D 124 19.22 -23.93 -18.32
N ILE D 125 18.55 -24.60 -17.39
CA ILE D 125 17.61 -25.69 -17.65
C ILE D 125 16.19 -25.33 -17.23
N PRO D 126 15.16 -25.67 -18.04
CA PRO D 126 13.78 -25.48 -17.59
C PRO D 126 13.42 -26.40 -16.41
N ARG D 127 12.45 -25.96 -15.58
CA ARG D 127 11.86 -26.67 -14.45
C ARG D 127 11.35 -28.05 -14.89
N GLY D 128 11.36 -29.00 -13.95
CA GLY D 128 10.90 -30.37 -14.20
C GLY D 128 11.82 -31.25 -15.02
N ASN D 129 13.15 -31.12 -14.78
CA ASN D 129 14.18 -31.90 -15.45
C ASN D 129 15.20 -32.40 -14.45
N VAL D 130 15.78 -33.62 -14.69
CA VAL D 130 16.89 -34.13 -13.85
C VAL D 130 18.10 -33.18 -13.97
N LEU D 131 18.65 -32.74 -12.83
CA LEU D 131 19.81 -31.85 -12.79
C LEU D 131 21.06 -32.63 -12.32
N PHE D 132 20.87 -33.60 -11.42
CA PHE D 132 21.89 -34.51 -10.91
C PHE D 132 21.29 -35.79 -10.33
N THR D 133 22.04 -36.91 -10.45
CA THR D 133 21.66 -38.24 -9.94
C THR D 133 22.71 -38.79 -8.97
N VAL D 134 22.27 -39.68 -8.07
CA VAL D 134 23.10 -40.32 -7.05
C VAL D 134 22.75 -41.83 -6.98
N GLU D 135 23.79 -42.67 -6.95
CA GLU D 135 23.70 -44.13 -6.83
C GLU D 135 24.97 -44.69 -6.18
N ASN D 136 24.81 -45.83 -5.50
CA ASN D 136 25.91 -46.53 -4.85
C ASN D 136 26.62 -47.39 -5.90
N THR D 137 27.95 -47.57 -5.75
CA THR D 137 28.80 -48.36 -6.67
C THR D 137 29.14 -49.75 -6.07
N ASP D 138 28.62 -50.02 -4.87
CA ASP D 138 28.79 -51.25 -4.09
C ASP D 138 27.41 -51.63 -3.51
N PRO D 139 26.96 -52.91 -3.71
CA PRO D 139 25.63 -53.31 -3.22
C PRO D 139 25.43 -53.27 -1.71
N GLU D 140 26.52 -53.29 -0.96
CA GLU D 140 26.54 -53.20 0.50
C GLU D 140 26.13 -51.78 0.96
N CYS D 141 26.29 -50.79 0.07
CA CYS D 141 26.07 -49.38 0.34
C CYS D 141 24.77 -48.78 -0.29
N TYR D 142 23.72 -49.62 -0.45
CA TYR D 142 22.39 -49.22 -0.93
C TYR D 142 21.85 -48.01 -0.08
N TRP D 143 22.06 -48.08 1.24
CA TRP D 143 21.67 -47.12 2.26
C TRP D 143 22.38 -45.74 2.20
N LEU D 144 23.51 -45.64 1.47
CA LEU D 144 24.35 -44.43 1.37
C LEU D 144 23.78 -43.34 0.47
N THR D 145 23.21 -43.71 -0.69
CA THR D 145 22.60 -42.77 -1.65
C THR D 145 21.72 -41.71 -0.95
N ASN D 146 20.67 -42.16 -0.20
CA ASN D 146 19.77 -41.23 0.46
C ASN D 146 20.29 -40.74 1.82
N TRP D 147 21.44 -41.28 2.31
CA TRP D 147 22.07 -40.76 3.54
C TRP D 147 22.54 -39.34 3.24
N ILE D 148 23.13 -39.16 2.05
CA ILE D 148 23.72 -37.89 1.65
C ILE D 148 22.71 -36.94 0.97
N GLU D 149 21.39 -37.23 1.03
CA GLU D 149 20.33 -36.34 0.51
C GLU D 149 20.37 -34.95 1.20
N THR D 150 20.44 -34.94 2.53
CA THR D 150 20.47 -33.70 3.32
C THR D 150 21.59 -32.72 2.87
N ILE D 151 22.82 -33.22 2.64
CA ILE D 151 23.97 -32.40 2.23
C ILE D 151 23.83 -31.89 0.78
N LEU D 152 23.41 -32.76 -0.13
CA LEU D 152 23.25 -32.44 -1.56
C LEU D 152 22.08 -31.51 -1.85
N VAL D 153 20.94 -31.66 -1.14
CA VAL D 153 19.75 -30.83 -1.28
C VAL D 153 20.03 -29.37 -0.87
N GLN D 154 21.04 -29.09 -0.01
CA GLN D 154 21.46 -27.74 0.35
C GLN D 154 21.95 -26.95 -0.88
N SER D 155 22.12 -27.64 -2.03
CA SER D 155 22.50 -27.03 -3.30
C SER D 155 21.35 -26.18 -3.80
N TRP D 156 20.18 -26.28 -3.15
CA TRP D 156 19.01 -25.48 -3.49
C TRP D 156 19.39 -24.02 -3.39
N TYR D 157 20.11 -23.64 -2.29
CA TYR D 157 20.57 -22.31 -1.96
C TYR D 157 21.44 -21.70 -3.04
N PRO D 158 22.61 -22.28 -3.48
CA PRO D 158 23.35 -21.65 -4.60
C PRO D 158 22.61 -21.72 -5.95
N ILE D 159 21.67 -22.66 -6.18
CA ILE D 159 20.87 -22.69 -7.42
C ILE D 159 19.83 -21.54 -7.39
N THR D 160 19.13 -21.37 -6.25
CA THR D 160 18.09 -20.35 -6.05
C THR D 160 18.70 -18.95 -6.11
N VAL D 161 19.75 -18.68 -5.31
CA VAL D 161 20.45 -17.37 -5.31
C VAL D 161 20.88 -17.03 -6.73
N ALA D 162 21.42 -18.00 -7.50
CA ALA D 162 21.86 -17.77 -8.88
C ALA D 162 20.68 -17.63 -9.87
N THR D 163 19.56 -18.32 -9.63
CA THR D 163 18.40 -18.23 -10.53
C THR D 163 17.69 -16.87 -10.34
N ASN D 164 17.53 -16.42 -9.09
CA ASN D 164 16.89 -15.15 -8.76
C ASN D 164 17.75 -13.95 -9.17
N SER D 165 19.10 -14.06 -8.99
CA SER D 165 20.07 -13.02 -9.38
C SER D 165 20.02 -12.83 -10.91
N ARG D 166 19.96 -13.94 -11.67
CA ARG D 166 19.85 -13.97 -13.12
C ARG D 166 18.52 -13.41 -13.64
N GLU D 167 17.41 -13.63 -12.92
CA GLU D 167 16.11 -13.12 -13.35
C GLU D 167 16.05 -11.61 -13.19
N GLN D 168 16.69 -11.10 -12.11
CA GLN D 168 16.84 -9.66 -11.83
C GLN D 168 17.76 -9.05 -12.89
N LYS D 169 18.69 -9.85 -13.47
CA LYS D 169 19.63 -9.41 -14.52
C LYS D 169 18.89 -9.25 -15.87
N LYS D 170 17.92 -10.14 -16.17
CA LYS D 170 17.07 -10.11 -17.38
C LYS D 170 16.20 -8.81 -17.36
N ILE D 171 15.82 -8.35 -16.15
CA ILE D 171 15.04 -7.13 -15.92
C ILE D 171 15.93 -5.94 -16.32
N LEU D 172 17.07 -5.76 -15.62
CA LEU D 172 18.08 -4.73 -15.83
C LEU D 172 18.55 -4.65 -17.29
N ALA D 173 18.73 -5.80 -17.96
CA ALA D 173 19.16 -5.88 -19.35
C ALA D 173 18.08 -5.39 -20.31
N LYS D 174 16.79 -5.62 -20.01
CA LYS D 174 15.68 -5.18 -20.85
C LYS D 174 15.55 -3.64 -20.80
N TYR D 175 15.61 -3.07 -19.58
CA TYR D 175 15.45 -1.65 -19.31
C TYR D 175 16.71 -0.83 -19.61
N LEU D 176 17.90 -1.44 -19.63
CA LEU D 176 19.13 -0.75 -19.99
C LEU D 176 19.15 -0.65 -21.54
N LEU D 177 18.84 -1.75 -22.23
CA LEU D 177 18.79 -1.84 -23.70
C LEU D 177 17.62 -1.07 -24.35
N GLU D 178 16.66 -0.62 -23.53
CA GLU D 178 15.48 0.11 -24.02
C GLU D 178 15.71 1.62 -23.93
N THR D 179 16.29 2.06 -22.80
CA THR D 179 16.53 3.46 -22.48
C THR D 179 17.95 3.94 -22.81
N SER D 180 18.78 3.06 -23.44
CA SER D 180 20.16 3.40 -23.82
C SER D 180 20.69 2.65 -25.05
N GLY D 181 20.05 1.53 -25.41
CA GLY D 181 20.41 0.72 -26.59
C GLY D 181 21.69 -0.07 -26.46
N ASN D 182 22.53 0.25 -25.46
CA ASN D 182 23.77 -0.44 -25.12
C ASN D 182 23.47 -1.35 -23.91
N LEU D 183 24.45 -2.17 -23.50
CA LEU D 183 24.29 -3.04 -22.34
C LEU D 183 25.46 -2.88 -21.38
N ASP D 184 26.20 -1.76 -21.52
CA ASP D 184 27.40 -1.40 -20.76
C ASP D 184 27.20 -1.23 -19.25
N GLY D 185 28.11 -1.84 -18.49
CA GLY D 185 28.15 -1.82 -17.02
C GLY D 185 27.09 -2.66 -16.34
N LEU D 186 26.44 -3.55 -17.11
CA LEU D 186 25.38 -4.46 -16.67
C LEU D 186 25.76 -5.31 -15.46
N GLU D 187 26.99 -5.83 -15.41
CA GLU D 187 27.48 -6.68 -14.31
C GLU D 187 27.71 -5.91 -12.99
N TYR D 188 27.72 -4.57 -13.04
CA TYR D 188 27.91 -3.74 -11.85
C TYR D 188 26.59 -3.06 -11.43
N LYS D 189 25.51 -3.29 -12.22
CA LYS D 189 24.16 -2.76 -11.99
C LYS D 189 23.46 -3.34 -10.72
N LEU D 190 23.85 -4.56 -10.26
CA LEU D 190 23.28 -5.15 -9.05
C LEU D 190 24.39 -5.58 -8.05
N HIS D 191 24.47 -4.87 -6.92
CA HIS D 191 25.49 -5.05 -5.90
C HIS D 191 24.98 -5.79 -4.66
N ASP D 192 25.80 -6.71 -4.15
CA ASP D 192 25.55 -7.56 -3.02
C ASP D 192 25.81 -6.81 -1.69
N PHE D 193 24.72 -6.43 -0.97
CA PHE D 193 24.86 -5.79 0.33
C PHE D 193 24.48 -6.74 1.47
N GLY D 194 24.27 -8.02 1.12
CA GLY D 194 23.79 -9.09 1.99
C GLY D 194 24.61 -9.70 3.11
N TYR D 195 25.93 -9.41 3.22
CA TYR D 195 26.77 -10.05 4.27
C TYR D 195 26.10 -10.09 5.66
N ARG D 196 25.59 -8.94 6.16
CA ARG D 196 24.95 -8.83 7.48
C ARG D 196 23.52 -9.41 7.55
N GLY D 197 22.85 -9.49 6.39
CA GLY D 197 21.48 -9.98 6.27
C GLY D 197 21.33 -11.49 6.21
N VAL D 198 22.44 -12.23 6.04
CA VAL D 198 22.39 -13.69 5.95
C VAL D 198 22.60 -14.36 7.33
N SER D 199 22.17 -15.63 7.38
CA SER D 199 22.17 -16.52 8.54
C SER D 199 23.54 -16.87 9.07
N SER D 200 24.56 -16.96 8.19
CA SER D 200 25.90 -17.37 8.63
C SER D 200 27.04 -16.98 7.69
N GLN D 201 28.28 -17.03 8.22
CA GLN D 201 29.53 -16.79 7.49
C GLN D 201 29.63 -17.71 6.28
N GLU D 202 29.25 -19.00 6.44
CA GLU D 202 29.27 -19.95 5.34
C GLU D 202 28.21 -19.63 4.26
N THR D 203 26.97 -19.28 4.70
CA THR D 203 25.87 -18.92 3.80
C THR D 203 26.30 -17.69 2.98
N ALA D 204 26.92 -16.70 3.68
CA ALA D 204 27.45 -15.47 3.07
C ALA D 204 28.31 -15.81 1.85
N GLY D 205 29.32 -16.66 2.06
CA GLY D 205 30.28 -17.12 1.05
C GLY D 205 29.63 -17.77 -0.14
N ILE D 206 28.81 -18.82 0.13
CA ILE D 206 28.05 -19.60 -0.87
C ILE D 206 27.13 -18.68 -1.67
N GLY D 207 26.35 -17.88 -0.92
CA GLY D 207 25.39 -16.94 -1.46
C GLY D 207 26.04 -15.95 -2.40
N ALA D 208 27.07 -15.25 -1.89
CA ALA D 208 27.78 -14.23 -2.66
C ALA D 208 28.38 -14.80 -3.94
N SER D 209 28.93 -16.03 -3.88
CA SER D 209 29.53 -16.69 -5.04
C SER D 209 28.51 -16.99 -6.15
N ALA D 210 27.27 -17.36 -5.77
CA ALA D 210 26.18 -17.66 -6.67
C ALA D 210 25.69 -16.40 -7.40
N HIS D 211 25.68 -15.26 -6.68
CA HIS D 211 25.32 -13.97 -7.25
C HIS D 211 26.38 -13.53 -8.28
N LEU D 212 27.67 -13.74 -7.92
CA LEU D 212 28.83 -13.39 -8.76
C LEU D 212 28.93 -14.18 -10.06
N VAL D 213 27.99 -15.11 -10.28
CA VAL D 213 27.89 -15.90 -11.52
C VAL D 213 27.26 -14.94 -12.54
N ASN D 214 26.37 -14.05 -12.06
CA ASN D 214 25.65 -13.12 -12.90
C ASN D 214 26.25 -11.72 -12.90
N PHE D 215 26.77 -11.30 -11.74
CA PHE D 215 27.30 -9.96 -11.52
C PHE D 215 28.75 -9.93 -11.07
N LYS D 216 29.39 -8.75 -11.23
CA LYS D 216 30.80 -8.55 -10.90
C LYS D 216 31.06 -7.66 -9.67
N GLY D 217 29.99 -7.19 -9.02
CA GLY D 217 30.07 -6.34 -7.83
C GLY D 217 29.51 -6.92 -6.54
N THR D 218 30.31 -6.86 -5.46
CA THR D 218 29.90 -7.39 -4.14
C THR D 218 30.60 -6.70 -2.98
N ASP D 219 29.94 -6.67 -1.83
CA ASP D 219 30.50 -6.14 -0.58
C ASP D 219 30.67 -7.27 0.46
N THR D 220 30.18 -8.49 0.12
CA THR D 220 30.29 -9.71 0.93
C THR D 220 31.62 -10.35 0.55
N VAL D 221 32.71 -9.97 1.27
CA VAL D 221 34.09 -10.42 1.03
C VAL D 221 34.19 -11.94 0.87
N ALA D 222 33.61 -12.70 1.83
CA ALA D 222 33.55 -14.17 1.93
C ALA D 222 33.36 -14.95 0.59
N GLY D 223 32.66 -14.35 -0.37
CA GLY D 223 32.38 -14.97 -1.66
C GLY D 223 33.60 -15.12 -2.55
N LEU D 224 34.55 -14.20 -2.39
CA LEU D 224 35.81 -14.15 -3.16
C LEU D 224 36.70 -15.36 -2.92
N ALA D 225 36.99 -15.68 -1.63
CA ALA D 225 37.84 -16.82 -1.23
C ALA D 225 37.23 -18.19 -1.62
N LEU D 226 35.88 -18.30 -1.57
CA LEU D 226 35.16 -19.52 -1.95
C LEU D 226 35.34 -19.78 -3.45
N ILE D 227 35.27 -18.75 -4.29
CA ILE D 227 35.45 -18.95 -5.72
C ILE D 227 36.93 -19.33 -6.03
N LYS D 228 37.88 -18.73 -5.28
CA LYS D 228 39.32 -18.99 -5.46
C LYS D 228 39.71 -20.45 -5.13
N LYS D 229 39.04 -21.06 -4.14
CA LYS D 229 39.33 -22.41 -3.65
C LYS D 229 38.58 -23.55 -4.37
N TYR D 230 37.34 -23.32 -4.81
CA TYR D 230 36.52 -24.37 -5.39
C TYR D 230 36.27 -24.25 -6.89
N TYR D 231 36.58 -23.09 -7.46
CA TYR D 231 36.29 -22.89 -8.89
C TYR D 231 37.49 -22.32 -9.65
N GLY D 232 37.98 -21.15 -9.24
CA GLY D 232 39.09 -20.48 -9.87
C GLY D 232 38.67 -19.59 -11.03
N THR D 233 39.39 -18.46 -11.16
CA THR D 233 39.24 -17.44 -12.21
C THR D 233 40.63 -17.04 -12.78
N LYS D 234 40.67 -16.68 -14.08
CA LYS D 234 41.87 -16.17 -14.76
C LYS D 234 42.16 -14.76 -14.21
N ASP D 235 41.09 -14.06 -13.78
CA ASP D 235 41.11 -12.74 -13.15
C ASP D 235 41.46 -12.88 -11.67
N PRO D 236 42.23 -11.94 -11.07
CA PRO D 236 42.66 -12.11 -9.66
C PRO D 236 41.53 -12.28 -8.64
N VAL D 237 40.47 -11.45 -8.76
CA VAL D 237 39.26 -11.47 -7.91
C VAL D 237 37.99 -11.52 -8.78
N PRO D 238 36.97 -12.35 -8.42
CA PRO D 238 35.72 -12.35 -9.21
C PRO D 238 34.74 -11.19 -8.87
N GLY D 239 35.01 -10.48 -7.79
CA GLY D 239 34.17 -9.38 -7.34
C GLY D 239 34.92 -8.08 -7.08
N TYR D 240 34.22 -6.95 -7.33
CA TYR D 240 34.75 -5.59 -7.17
C TYR D 240 33.81 -4.69 -6.39
N SER D 241 34.38 -3.72 -5.69
CA SER D 241 33.60 -2.76 -4.90
C SER D 241 34.32 -1.41 -4.93
N VAL D 242 33.64 -0.35 -4.46
CA VAL D 242 34.21 1.00 -4.40
C VAL D 242 34.18 1.48 -2.95
N PRO D 243 35.03 2.45 -2.51
CA PRO D 243 34.90 2.95 -1.12
C PRO D 243 33.52 3.59 -0.96
N ALA D 244 32.94 3.42 0.22
CA ALA D 244 31.60 3.90 0.49
C ALA D 244 31.38 4.23 1.95
N ALA D 245 30.51 5.22 2.18
CA ALA D 245 30.16 5.71 3.51
C ALA D 245 28.95 4.98 4.10
N GLU D 246 28.92 4.94 5.43
CA GLU D 246 27.83 4.42 6.24
C GLU D 246 27.35 5.53 7.18
N HIS D 247 26.21 5.30 7.84
CA HIS D 247 25.63 6.26 8.77
C HIS D 247 26.58 6.61 9.93
N SER D 248 27.35 5.62 10.45
CA SER D 248 28.29 5.86 11.57
C SER D 248 29.47 6.79 11.23
N THR D 249 29.93 6.84 9.95
CA THR D 249 31.05 7.70 9.58
C THR D 249 30.56 9.13 9.27
N ILE D 250 29.24 9.30 9.00
CA ILE D 250 28.65 10.60 8.72
C ILE D 250 28.22 11.28 10.04
N THR D 251 27.41 10.57 10.86
CA THR D 251 26.86 11.06 12.11
C THR D 251 27.90 11.36 13.21
N ALA D 252 29.07 10.67 13.21
CA ALA D 252 30.16 10.87 14.19
C ALA D 252 30.71 12.33 14.17
N TRP D 253 30.51 13.04 13.03
CA TRP D 253 30.88 14.42 12.75
C TRP D 253 29.90 15.44 13.33
N GLY D 254 28.67 14.99 13.61
CA GLY D 254 27.59 15.80 14.12
C GLY D 254 26.61 16.19 13.04
N LYS D 255 25.33 16.41 13.44
CA LYS D 255 24.22 16.80 12.56
C LYS D 255 24.51 18.02 11.69
N ASP D 256 25.18 19.03 12.30
CA ASP D 256 25.57 20.30 11.70
C ASP D 256 26.70 20.12 10.68
N HIS D 257 27.74 19.36 11.07
CA HIS D 257 28.94 19.10 10.29
C HIS D 257 28.78 17.94 9.29
N GLU D 258 27.56 17.79 8.74
CA GLU D 258 27.23 16.76 7.74
C GLU D 258 27.89 17.12 6.40
N LYS D 259 28.04 18.42 6.11
CA LYS D 259 28.68 18.96 4.90
C LYS D 259 30.19 18.68 4.93
N ASP D 260 30.80 18.76 6.14
CA ASP D 260 32.23 18.53 6.39
C ASP D 260 32.61 17.05 6.21
N ALA D 261 31.75 16.12 6.70
CA ALA D 261 31.93 14.68 6.57
C ALA D 261 31.84 14.35 5.08
N PHE D 262 30.81 14.91 4.39
CA PHE D 262 30.55 14.77 2.96
C PHE D 262 31.73 15.24 2.13
N GLU D 263 32.39 16.34 2.58
CA GLU D 263 33.54 16.96 1.94
C GLU D 263 34.77 16.03 2.04
N HIS D 264 35.19 15.74 3.29
CA HIS D 264 36.32 14.89 3.69
C HIS D 264 36.33 13.56 2.97
N ILE D 265 35.16 12.90 2.85
CA ILE D 265 34.97 11.59 2.24
C ILE D 265 35.14 11.62 0.68
N VAL D 266 34.54 12.61 -0.03
CA VAL D 266 34.67 12.71 -1.51
C VAL D 266 36.09 13.14 -1.95
N THR D 267 36.81 13.81 -1.04
CA THR D 267 38.18 14.30 -1.21
C THR D 267 39.19 13.16 -1.07
N GLN D 268 38.97 12.27 -0.05
CA GLN D 268 39.80 11.10 0.25
C GLN D 268 39.82 10.07 -0.90
N PHE D 269 38.66 9.84 -1.55
CA PHE D 269 38.52 8.87 -2.65
C PHE D 269 38.12 9.58 -3.94
N SER D 270 39.01 10.44 -4.43
CA SER D 270 38.80 11.24 -5.65
C SER D 270 39.17 10.44 -6.89
N SER D 271 40.23 9.62 -6.79
CA SER D 271 40.77 8.76 -7.84
C SER D 271 39.77 7.69 -8.33
N VAL D 272 39.00 7.13 -7.39
CA VAL D 272 38.03 6.03 -7.54
C VAL D 272 36.57 6.47 -7.24
N PRO D 273 35.49 5.77 -7.75
CA PRO D 273 34.11 6.20 -7.41
C PRO D 273 33.84 6.12 -5.91
N VAL D 274 33.01 7.05 -5.37
CA VAL D 274 32.69 7.06 -3.93
C VAL D 274 31.18 7.11 -3.72
N SER D 275 30.65 6.15 -2.94
CA SER D 275 29.23 6.07 -2.60
C SER D 275 29.00 6.75 -1.25
N VAL D 276 28.06 7.72 -1.24
CA VAL D 276 27.75 8.49 -0.03
C VAL D 276 26.24 8.39 0.33
N VAL D 277 25.98 7.90 1.56
CA VAL D 277 24.63 7.77 2.13
C VAL D 277 24.18 9.20 2.53
N SER D 278 23.31 9.80 1.67
CA SER D 278 22.85 11.19 1.76
C SER D 278 21.55 11.44 2.57
N ASP D 279 21.01 10.41 3.23
CA ASP D 279 19.75 10.54 3.96
C ASP D 279 19.85 10.42 5.46
N SER D 280 21.05 10.59 6.01
CA SER D 280 21.26 10.43 7.46
C SER D 280 20.30 11.28 8.34
N TYR D 281 19.95 12.51 7.89
CA TYR D 281 19.07 13.45 8.58
C TYR D 281 17.97 14.02 7.63
N ASP D 282 18.35 14.31 6.38
CA ASP D 282 17.48 14.87 5.36
C ASP D 282 18.12 14.61 4.02
N ILE D 283 17.47 13.77 3.21
CA ILE D 283 17.94 13.41 1.88
C ILE D 283 17.70 14.55 0.89
N TYR D 284 16.60 15.28 1.06
CA TYR D 284 16.18 16.36 0.18
C TYR D 284 17.10 17.58 0.27
N ASN D 285 17.47 17.98 1.50
CA ASN D 285 18.40 19.09 1.76
C ASN D 285 19.80 18.72 1.28
N ALA D 286 20.33 17.53 1.69
CA ALA D 286 21.66 17.07 1.30
C ALA D 286 21.86 17.06 -0.23
N CYS D 287 20.85 16.60 -1.00
CA CYS D 287 20.90 16.58 -2.47
C CYS D 287 20.69 17.95 -3.09
N GLU D 288 20.02 18.88 -2.35
CA GLU D 288 19.68 20.25 -2.79
C GLU D 288 20.76 21.31 -2.47
N LYS D 289 21.02 21.54 -1.18
CA LYS D 289 21.96 22.54 -0.68
C LYS D 289 23.43 22.06 -0.65
N ILE D 290 23.68 20.79 -0.24
CA ILE D 290 25.06 20.29 -0.14
C ILE D 290 25.60 19.76 -1.50
N TRP D 291 25.01 18.71 -2.10
CA TRP D 291 25.51 18.20 -3.39
C TRP D 291 25.17 19.14 -4.58
N GLY D 292 24.13 19.94 -4.44
CA GLY D 292 23.68 20.87 -5.47
C GLY D 292 24.36 22.23 -5.51
N GLU D 293 24.75 22.75 -4.33
CA GLU D 293 25.41 24.04 -4.19
C GLU D 293 26.78 23.99 -3.49
N ASP D 294 26.76 23.83 -2.14
CA ASP D 294 27.90 23.80 -1.20
C ASP D 294 29.14 23.01 -1.62
N LEU D 295 28.94 21.83 -2.25
CA LEU D 295 30.04 20.97 -2.70
C LEU D 295 29.91 20.61 -4.19
N ARG D 296 29.12 21.42 -4.96
CA ARG D 296 28.88 21.24 -6.40
C ARG D 296 30.17 21.30 -7.23
N HIS D 297 31.13 22.16 -6.80
CA HIS D 297 32.45 22.36 -7.45
C HIS D 297 33.34 21.10 -7.30
N LEU D 298 33.15 20.34 -6.20
CA LEU D 298 33.86 19.09 -5.89
C LEU D 298 33.22 17.90 -6.65
N ILE D 299 32.06 18.12 -7.32
CA ILE D 299 31.33 17.10 -8.12
C ILE D 299 31.74 17.21 -9.59
N VAL D 300 31.65 18.42 -10.15
CA VAL D 300 31.95 18.75 -11.56
C VAL D 300 33.41 18.45 -11.97
N SER D 301 34.33 18.42 -10.98
CA SER D 301 35.76 18.14 -11.17
C SER D 301 36.09 16.64 -11.23
N ARG D 302 35.09 15.78 -10.92
CA ARG D 302 35.23 14.32 -10.88
C ARG D 302 35.22 13.68 -12.26
N SER D 303 36.00 12.59 -12.38
CA SER D 303 36.15 11.82 -13.61
C SER D 303 34.94 10.91 -13.92
N THR D 304 34.72 10.64 -15.22
CA THR D 304 33.70 9.76 -15.81
C THR D 304 33.83 8.31 -15.23
N GLN D 305 35.05 7.92 -14.87
CA GLN D 305 35.40 6.61 -14.33
C GLN D 305 35.46 6.58 -12.78
N ALA D 306 35.44 7.77 -12.14
CA ALA D 306 35.43 7.94 -10.68
C ALA D 306 34.24 8.86 -10.25
N PRO D 307 32.95 8.50 -10.56
CA PRO D 307 31.85 9.41 -10.19
C PRO D 307 31.43 9.41 -8.72
N LEU D 308 30.60 10.40 -8.37
CA LEU D 308 29.96 10.46 -7.07
C LEU D 308 28.66 9.67 -7.28
N ILE D 309 28.38 8.75 -6.34
CA ILE D 309 27.18 7.92 -6.32
C ILE D 309 26.43 8.22 -5.02
N ILE D 310 25.25 8.88 -5.19
CA ILE D 310 24.36 9.30 -4.11
C ILE D 310 23.51 8.11 -3.65
N ARG D 311 23.48 7.87 -2.33
CA ARG D 311 22.76 6.72 -1.80
C ARG D 311 21.52 7.08 -0.95
N PRO D 312 20.32 7.02 -1.56
CA PRO D 312 19.08 7.20 -0.77
C PRO D 312 18.69 5.87 -0.09
N ASP D 313 19.00 5.77 1.22
CA ASP D 313 18.76 4.57 2.04
C ASP D 313 17.54 4.75 2.97
N SER D 314 16.37 5.15 2.39
CA SER D 314 15.12 5.37 3.14
C SER D 314 13.94 5.75 2.27
N GLY D 315 12.73 5.45 2.75
CA GLY D 315 11.46 5.78 2.12
C GLY D 315 10.89 4.77 1.13
N ASN D 316 10.40 5.28 -0.03
CA ASN D 316 9.77 4.49 -1.08
C ASN D 316 10.71 4.33 -2.28
N PRO D 317 11.27 3.11 -2.49
CA PRO D 317 12.19 2.87 -3.61
C PRO D 317 11.99 3.67 -4.90
N LEU D 318 10.82 3.58 -5.56
CA LEU D 318 10.60 4.30 -6.83
C LEU D 318 10.50 5.82 -6.68
N ASP D 319 9.70 6.28 -5.72
CA ASP D 319 9.49 7.69 -5.49
C ASP D 319 10.74 8.40 -4.99
N THR D 320 11.49 7.76 -4.06
CA THR D 320 12.76 8.31 -3.55
C THR D 320 13.78 8.47 -4.69
N VAL D 321 13.76 7.56 -5.69
CA VAL D 321 14.63 7.60 -6.87
C VAL D 321 14.26 8.78 -7.77
N LEU D 322 12.97 8.90 -8.14
CA LEU D 322 12.48 9.96 -9.03
C LEU D 322 12.59 11.37 -8.41
N LYS D 323 12.53 11.47 -7.06
CA LYS D 323 12.69 12.71 -6.28
C LYS D 323 14.16 13.13 -6.34
N VAL D 324 15.09 12.22 -5.94
CA VAL D 324 16.55 12.44 -5.94
C VAL D 324 16.99 12.82 -7.37
N LEU D 325 16.56 12.04 -8.37
CA LEU D 325 16.88 12.27 -9.79
C LEU D 325 16.47 13.67 -10.29
N GLU D 326 15.22 14.09 -10.05
CA GLU D 326 14.72 15.41 -10.50
C GLU D 326 15.40 16.60 -9.80
N ILE D 327 15.83 16.45 -8.52
CA ILE D 327 16.56 17.46 -7.74
C ILE D 327 17.92 17.71 -8.41
N LEU D 328 18.53 16.66 -8.94
CA LEU D 328 19.83 16.72 -9.59
C LEU D 328 19.74 17.04 -11.12
N GLY D 329 18.52 17.02 -11.67
CA GLY D 329 18.26 17.38 -13.07
C GLY D 329 18.20 18.89 -13.22
N LYS D 330 17.84 19.58 -12.11
CA LYS D 330 17.74 21.04 -11.99
C LYS D 330 19.11 21.63 -11.59
N LYS D 331 19.72 21.11 -10.50
CA LYS D 331 21.01 21.54 -9.95
C LYS D 331 22.26 21.04 -10.74
N PHE D 332 22.06 20.30 -11.88
CA PHE D 332 23.14 19.74 -12.74
C PHE D 332 22.65 19.54 -14.21
N PRO D 333 23.58 19.52 -15.21
CA PRO D 333 23.13 19.36 -16.61
C PRO D 333 22.66 17.96 -17.01
N VAL D 334 21.40 17.86 -17.49
CA VAL D 334 20.80 16.61 -17.96
C VAL D 334 20.66 16.61 -19.48
N THR D 335 21.17 15.56 -20.11
CA THR D 335 21.18 15.35 -21.57
C THR D 335 19.94 14.56 -22.04
N GLU D 336 19.92 14.14 -23.33
CA GLU D 336 18.87 13.35 -23.94
C GLU D 336 19.45 12.57 -25.13
N ASN D 337 19.83 11.30 -24.89
CA ASN D 337 20.46 10.38 -25.83
C ASN D 337 19.62 10.00 -27.06
N SER D 338 20.12 9.03 -27.85
CA SER D 338 19.52 8.50 -29.09
C SER D 338 18.08 8.05 -28.93
N LYS D 339 17.75 7.38 -27.80
CA LYS D 339 16.41 6.88 -27.50
C LYS D 339 15.48 8.05 -27.09
N GLY D 340 16.00 8.92 -26.22
CA GLY D 340 15.32 10.09 -25.70
C GLY D 340 15.07 10.02 -24.22
N TYR D 341 16.13 9.75 -23.43
CA TYR D 341 16.03 9.60 -21.97
C TYR D 341 16.99 10.50 -21.20
N LYS D 342 16.51 11.08 -20.09
CA LYS D 342 17.26 11.96 -19.17
C LYS D 342 18.52 11.26 -18.67
N LEU D 343 19.69 11.84 -18.97
CA LEU D 343 20.99 11.29 -18.57
C LEU D 343 21.82 12.30 -17.81
N LEU D 344 22.10 11.99 -16.54
CA LEU D 344 22.92 12.76 -15.60
C LEU D 344 24.38 12.92 -16.10
N PRO D 345 25.19 13.86 -15.53
CA PRO D 345 26.59 13.99 -15.99
C PRO D 345 27.45 12.75 -15.68
N PRO D 346 28.55 12.51 -16.44
CA PRO D 346 29.39 11.33 -16.18
C PRO D 346 29.92 11.23 -14.76
N TYR D 347 30.04 12.39 -14.09
CA TYR D 347 30.55 12.51 -12.72
C TYR D 347 29.47 12.25 -11.66
N LEU D 348 28.18 12.15 -12.07
CA LEU D 348 27.06 11.93 -11.14
C LEU D 348 26.19 10.70 -11.41
N ARG D 349 26.03 9.85 -10.37
CA ARG D 349 25.21 8.63 -10.39
C ARG D 349 24.40 8.38 -9.09
N VAL D 350 23.42 7.43 -9.18
CA VAL D 350 22.53 7.03 -8.08
C VAL D 350 22.64 5.55 -7.74
N ILE D 351 22.54 5.22 -6.43
CA ILE D 351 22.54 3.84 -5.93
C ILE D 351 21.34 3.63 -4.97
N GLN D 352 20.31 2.91 -5.46
CA GLN D 352 19.14 2.54 -4.65
C GLN D 352 19.39 1.14 -4.05
N GLY D 353 19.69 1.10 -2.76
CA GLY D 353 19.96 -0.15 -2.05
C GLY D 353 19.02 -0.47 -0.90
N ASP D 354 17.86 0.19 -0.85
CA ASP D 354 16.85 -0.02 0.19
C ASP D 354 15.63 -0.68 -0.45
N GLY D 355 15.14 -1.76 0.18
CA GLY D 355 13.98 -2.53 -0.28
C GLY D 355 14.06 -3.04 -1.72
N VAL D 356 15.23 -3.56 -2.11
CA VAL D 356 15.44 -4.11 -3.45
C VAL D 356 15.29 -5.63 -3.44
N ASP D 357 14.47 -6.12 -4.39
CA ASP D 357 14.16 -7.51 -4.68
C ASP D 357 13.65 -7.58 -6.13
N ILE D 358 13.52 -8.78 -6.68
CA ILE D 358 13.05 -9.03 -8.05
C ILE D 358 11.72 -8.29 -8.43
N ASN D 359 10.86 -8.02 -7.45
CA ASN D 359 9.56 -7.37 -7.71
C ASN D 359 9.67 -5.86 -7.71
N THR D 360 10.32 -5.29 -6.66
CA THR D 360 10.52 -3.84 -6.52
C THR D 360 11.49 -3.35 -7.62
N LEU D 361 12.53 -4.14 -7.97
CA LEU D 361 13.50 -3.81 -9.04
C LEU D 361 12.75 -3.53 -10.34
N GLN D 362 11.77 -4.36 -10.67
CA GLN D 362 10.91 -4.23 -11.83
C GLN D 362 10.04 -2.95 -11.69
N GLU D 363 9.59 -2.61 -10.46
CA GLU D 363 8.79 -1.39 -10.18
C GLU D 363 9.61 -0.14 -10.54
N ILE D 364 10.82 -0.03 -9.94
CA ILE D 364 11.73 1.11 -10.11
C ILE D 364 12.15 1.32 -11.57
N VAL D 365 12.47 0.24 -12.30
CA VAL D 365 12.88 0.37 -13.71
C VAL D 365 11.72 0.72 -14.65
N GLU D 366 10.47 0.30 -14.34
CA GLU D 366 9.31 0.66 -15.17
C GLU D 366 8.89 2.11 -14.89
N GLY D 367 8.91 2.50 -13.62
CA GLY D 367 8.60 3.86 -13.19
C GLY D 367 9.58 4.86 -13.77
N MET D 368 10.89 4.47 -13.80
CA MET D 368 11.98 5.26 -14.37
C MET D 368 11.83 5.44 -15.88
N LYS D 369 11.34 4.40 -16.59
CA LYS D 369 11.15 4.44 -18.04
C LYS D 369 10.02 5.39 -18.42
N GLN D 370 8.89 5.30 -17.70
CA GLN D 370 7.67 6.11 -17.88
C GLN D 370 7.96 7.59 -17.61
N LYS D 371 8.81 7.87 -16.58
CA LYS D 371 9.23 9.23 -16.19
C LYS D 371 10.58 9.61 -16.86
N MET D 372 10.82 9.01 -18.04
CA MET D 372 11.92 9.15 -19.01
C MET D 372 13.34 9.30 -18.41
N TRP D 373 13.62 8.61 -17.31
CA TRP D 373 14.92 8.57 -16.65
C TRP D 373 15.63 7.27 -17.11
N SER D 374 16.81 7.41 -17.79
CA SER D 374 17.62 6.29 -18.31
C SER D 374 18.19 5.43 -17.20
N ILE D 375 18.33 4.11 -17.46
CA ILE D 375 18.85 3.13 -16.48
C ILE D 375 20.39 3.29 -16.27
N GLU D 376 21.05 4.06 -17.16
CA GLU D 376 22.48 4.41 -17.08
C GLU D 376 22.78 5.22 -15.80
N ASN D 377 21.77 5.93 -15.26
CA ASN D 377 21.85 6.78 -14.06
C ASN D 377 21.85 6.03 -12.74
N ILE D 378 21.20 4.85 -12.73
CA ILE D 378 21.01 4.06 -11.51
C ILE D 378 21.79 2.72 -11.49
N ALA D 379 22.09 2.29 -10.25
CA ALA D 379 22.71 1.03 -9.87
C ALA D 379 21.95 0.59 -8.62
N PHE D 380 21.70 -0.72 -8.45
CA PHE D 380 20.94 -1.22 -7.31
C PHE D 380 21.75 -2.07 -6.33
N GLY D 381 21.43 -1.95 -5.06
CA GLY D 381 22.03 -2.71 -3.97
C GLY D 381 20.98 -3.61 -3.32
N SER D 382 21.30 -4.90 -3.14
CA SER D 382 20.36 -5.86 -2.56
C SER D 382 21.04 -6.69 -1.49
N GLY D 383 20.41 -6.70 -0.32
CA GLY D 383 20.91 -7.42 0.84
C GLY D 383 20.21 -8.73 1.09
N GLY D 384 19.40 -8.75 2.16
CA GLY D 384 18.57 -9.88 2.54
C GLY D 384 17.64 -10.32 1.42
N GLY D 385 17.30 -9.41 0.50
CA GLY D 385 16.44 -9.72 -0.64
C GLY D 385 17.13 -10.52 -1.74
N LEU D 386 18.47 -10.52 -1.75
CA LEU D 386 19.25 -11.22 -2.77
C LEU D 386 19.86 -12.54 -2.25
N LEU D 387 20.17 -12.59 -0.96
CA LEU D 387 20.86 -13.70 -0.32
C LEU D 387 20.08 -14.41 0.79
N GLN D 388 19.02 -13.79 1.38
CA GLN D 388 18.32 -14.42 2.51
C GLN D 388 16.83 -14.75 2.27
N LYS D 389 16.07 -13.88 1.57
CA LYS D 389 14.62 -14.05 1.35
C LYS D 389 14.35 -14.98 0.17
N LEU D 390 14.76 -16.26 0.33
CA LEU D 390 14.60 -17.36 -0.64
C LEU D 390 14.43 -18.68 0.11
N THR D 391 13.64 -19.60 -0.47
CA THR D 391 13.38 -20.91 0.13
C THR D 391 13.50 -21.98 -0.90
N ARG D 392 13.69 -23.23 -0.41
CA ARG D 392 13.79 -24.45 -1.23
C ARG D 392 12.48 -24.68 -2.03
N ASP D 393 11.38 -24.06 -1.59
CA ASP D 393 10.03 -24.10 -2.17
C ASP D 393 9.82 -23.23 -3.39
N LEU D 394 10.67 -22.19 -3.57
CA LEU D 394 10.56 -21.23 -4.68
C LEU D 394 10.66 -21.94 -6.01
N LEU D 395 11.73 -22.74 -6.16
CA LEU D 395 12.02 -23.55 -7.33
C LEU D 395 11.55 -25.00 -7.16
N ASN D 396 11.10 -25.39 -5.95
CA ASN D 396 10.68 -26.75 -5.60
C ASN D 396 11.79 -27.78 -5.80
N CYS D 397 12.98 -27.47 -5.24
CA CYS D 397 14.17 -28.30 -5.24
C CYS D 397 13.88 -29.56 -4.46
N SER D 398 13.89 -30.74 -5.14
CA SER D 398 13.57 -32.02 -4.50
C SER D 398 14.50 -33.17 -4.93
N PHE D 399 14.89 -33.98 -3.94
CA PHE D 399 15.70 -35.18 -4.09
C PHE D 399 14.81 -36.40 -3.81
N LYS D 400 14.65 -37.26 -4.82
CA LYS D 400 13.79 -38.45 -4.74
C LYS D 400 14.41 -39.71 -5.32
N CYS D 401 13.91 -40.86 -4.86
CA CYS D 401 14.28 -42.18 -5.36
C CYS D 401 13.38 -42.51 -6.53
N SER D 402 13.99 -42.81 -7.68
CA SER D 402 13.27 -43.18 -8.89
C SER D 402 13.51 -44.67 -9.33
N TYR D 403 14.59 -45.31 -8.83
CA TYR D 403 14.99 -46.67 -9.21
C TYR D 403 15.65 -47.46 -8.08
N VAL D 404 15.30 -48.75 -7.96
CA VAL D 404 15.83 -49.65 -6.93
C VAL D 404 16.13 -51.05 -7.53
N VAL D 405 17.18 -51.72 -7.03
CA VAL D 405 17.49 -53.09 -7.46
C VAL D 405 17.32 -53.99 -6.23
N THR D 406 16.26 -54.81 -6.24
CA THR D 406 15.94 -55.75 -5.16
C THR D 406 15.86 -57.16 -5.77
N ASN D 407 16.62 -58.11 -5.15
CA ASN D 407 16.76 -59.52 -5.54
C ASN D 407 17.22 -59.60 -7.00
N GLY D 408 18.25 -58.82 -7.30
CA GLY D 408 18.83 -58.69 -8.62
C GLY D 408 17.96 -57.98 -9.66
N LEU D 409 16.66 -57.76 -9.36
CA LEU D 409 15.70 -57.12 -10.27
C LEU D 409 15.42 -55.64 -10.01
N GLY D 410 15.61 -54.84 -11.05
CA GLY D 410 15.38 -53.40 -11.03
C GLY D 410 13.92 -53.02 -11.18
N ILE D 411 13.43 -52.09 -10.32
CA ILE D 411 12.05 -51.54 -10.36
C ILE D 411 12.05 -50.02 -10.38
N ASN D 412 11.09 -49.46 -11.14
CA ASN D 412 10.91 -48.00 -11.17
C ASN D 412 10.05 -47.63 -9.97
N VAL D 413 10.58 -46.79 -9.09
CA VAL D 413 9.91 -46.32 -7.87
C VAL D 413 9.56 -44.81 -7.95
N PHE D 414 8.40 -44.41 -7.38
CA PHE D 414 7.89 -43.03 -7.41
C PHE D 414 6.82 -42.81 -6.32
N LYS D 415 6.56 -41.53 -5.98
CA LYS D 415 5.49 -41.10 -5.09
C LYS D 415 4.45 -40.36 -5.97
N ASP D 416 3.17 -40.48 -5.60
CA ASP D 416 2.05 -39.87 -6.31
C ASP D 416 0.94 -39.57 -5.27
N PRO D 417 1.13 -38.57 -4.37
CA PRO D 417 0.11 -38.33 -3.32
C PRO D 417 -1.25 -37.93 -3.87
N VAL D 418 -2.31 -38.65 -3.49
CA VAL D 418 -3.70 -38.41 -3.95
C VAL D 418 -4.07 -36.90 -3.96
N ALA D 419 -3.81 -36.19 -2.85
CA ALA D 419 -4.12 -34.78 -2.64
C ALA D 419 -3.18 -33.79 -3.32
N ASP D 420 -2.00 -34.24 -3.76
CA ASP D 420 -1.03 -33.35 -4.37
C ASP D 420 -0.30 -33.95 -5.61
N PRO D 421 -0.94 -33.87 -6.81
CA PRO D 421 -0.28 -34.34 -8.05
C PRO D 421 1.03 -33.62 -8.43
N ASN D 422 1.23 -32.39 -7.92
CA ASN D 422 2.43 -31.59 -8.11
C ASN D 422 3.63 -32.27 -7.44
N LYS D 423 3.38 -33.09 -6.39
CA LYS D 423 4.42 -33.81 -5.67
C LYS D 423 4.77 -35.19 -6.32
N ARG D 424 4.15 -35.54 -7.47
CA ARG D 424 4.45 -36.76 -8.21
C ARG D 424 5.90 -36.73 -8.73
N SER D 425 6.69 -37.78 -8.36
CA SER D 425 8.09 -37.92 -8.76
C SER D 425 8.24 -38.78 -10.04
N LYS D 426 9.43 -38.70 -10.69
CA LYS D 426 9.77 -39.41 -11.94
C LYS D 426 10.05 -40.93 -11.71
N LYS D 427 9.82 -41.77 -12.74
CA LYS D 427 10.00 -43.23 -12.68
C LYS D 427 11.31 -43.69 -13.35
N GLY D 428 12.02 -44.61 -12.70
CA GLY D 428 13.22 -45.26 -13.22
C GLY D 428 14.47 -44.45 -13.45
N ARG D 429 15.36 -45.00 -14.28
CA ARG D 429 16.64 -44.39 -14.61
C ARG D 429 16.45 -43.22 -15.55
N LEU D 430 17.13 -42.10 -15.22
CA LEU D 430 16.96 -40.85 -15.95
C LEU D 430 18.18 -40.35 -16.69
N SER D 431 17.90 -39.58 -17.75
CA SER D 431 18.90 -38.94 -18.61
C SER D 431 18.39 -37.58 -19.12
N LEU D 432 19.26 -36.56 -19.10
CA LEU D 432 18.92 -35.23 -19.61
C LEU D 432 19.40 -35.10 -21.07
N HIS D 433 18.49 -34.72 -21.96
CA HIS D 433 18.76 -34.60 -23.39
C HIS D 433 18.37 -33.26 -24.01
N ARG D 434 18.99 -32.96 -25.17
CA ARG D 434 18.72 -31.80 -26.01
C ARG D 434 18.06 -32.37 -27.29
N THR D 435 16.75 -32.06 -27.50
CA THR D 435 15.96 -32.51 -28.65
C THR D 435 16.44 -31.82 -29.94
N PRO D 436 16.13 -32.33 -31.18
CA PRO D 436 16.60 -31.63 -32.40
C PRO D 436 16.34 -30.12 -32.43
N ALA D 437 15.14 -29.69 -31.95
CA ALA D 437 14.72 -28.29 -31.87
C ALA D 437 15.38 -27.49 -30.71
N GLY D 438 16.44 -28.05 -30.13
CA GLY D 438 17.21 -27.43 -29.05
C GLY D 438 16.53 -27.31 -27.70
N ASN D 439 15.46 -28.12 -27.44
CA ASN D 439 14.71 -28.11 -26.16
C ASN D 439 15.24 -29.20 -25.20
N PHE D 440 15.10 -28.97 -23.88
CA PHE D 440 15.53 -29.96 -22.90
C PHE D 440 14.46 -30.99 -22.60
N VAL D 441 14.86 -32.26 -22.44
CA VAL D 441 13.96 -33.37 -22.12
C VAL D 441 14.61 -34.37 -21.15
N THR D 442 13.83 -34.82 -20.14
CA THR D 442 14.26 -35.85 -19.20
C THR D 442 13.47 -37.09 -19.56
N LEU D 443 14.18 -38.10 -20.07
CA LEU D 443 13.60 -39.40 -20.40
C LEU D 443 13.64 -40.27 -19.14
N GLU D 444 12.60 -41.06 -18.94
CA GLU D 444 12.42 -41.90 -17.77
C GLU D 444 12.35 -43.38 -18.15
N GLU D 445 12.25 -44.28 -17.15
CA GLU D 445 12.15 -45.73 -17.32
C GLU D 445 13.28 -46.33 -18.18
N GLY D 446 14.46 -45.71 -18.08
CA GLY D 446 15.69 -46.09 -18.77
C GLY D 446 15.69 -45.91 -20.27
N LYS D 447 14.70 -45.15 -20.81
CA LYS D 447 14.53 -44.88 -22.26
C LYS D 447 15.69 -44.06 -22.92
N GLY D 448 16.62 -43.53 -22.11
CA GLY D 448 17.80 -42.81 -22.57
C GLY D 448 18.86 -43.71 -23.18
N ASP D 449 18.73 -45.03 -22.95
CA ASP D 449 19.57 -46.11 -23.47
C ASP D 449 19.40 -46.26 -25.00
N LEU D 450 18.17 -46.02 -25.52
CA LEU D 450 17.85 -46.11 -26.96
C LEU D 450 18.61 -45.10 -27.82
N GLU D 451 18.99 -43.95 -27.21
CA GLU D 451 19.72 -42.83 -27.82
C GLU D 451 18.96 -42.24 -29.01
N GLU D 452 17.73 -41.79 -28.76
CA GLU D 452 16.86 -41.14 -29.76
C GLU D 452 17.20 -39.66 -29.77
N TYR D 453 17.68 -39.14 -28.62
CA TYR D 453 18.01 -37.73 -28.45
C TYR D 453 19.52 -37.49 -28.25
N GLY D 454 20.31 -38.55 -28.48
CA GLY D 454 21.77 -38.50 -28.43
C GLY D 454 22.40 -38.55 -27.06
N GLN D 455 23.43 -37.71 -26.85
CA GLN D 455 24.24 -37.62 -25.64
C GLN D 455 23.52 -37.17 -24.37
N ASP D 456 23.64 -37.97 -23.32
CA ASP D 456 23.11 -37.71 -22.00
C ASP D 456 24.01 -36.62 -21.40
N LEU D 457 23.39 -35.49 -21.04
CA LEU D 457 24.02 -34.29 -20.51
C LEU D 457 24.52 -34.41 -19.06
N LEU D 458 24.19 -35.52 -18.36
CA LEU D 458 24.71 -35.71 -17.02
C LEU D 458 26.12 -36.36 -17.11
N HIS D 459 27.12 -35.68 -16.58
CA HIS D 459 28.51 -36.16 -16.58
C HIS D 459 28.91 -36.55 -15.17
N THR D 460 29.61 -37.68 -15.02
CA THR D 460 30.09 -38.14 -13.72
C THR D 460 31.03 -37.05 -13.11
N VAL D 461 30.54 -36.42 -12.05
CA VAL D 461 31.25 -35.35 -11.36
C VAL D 461 31.89 -35.89 -10.08
N PHE D 462 31.37 -37.03 -9.62
CA PHE D 462 31.87 -37.71 -8.43
C PHE D 462 31.78 -39.22 -8.60
N LYS D 463 32.86 -39.92 -8.22
CA LYS D 463 32.94 -41.39 -8.24
C LYS D 463 34.00 -41.90 -7.26
N ASN D 464 33.53 -42.61 -6.24
CA ASN D 464 34.31 -43.30 -5.21
C ASN D 464 35.31 -42.40 -4.38
N GLY D 465 34.83 -41.23 -3.95
CA GLY D 465 35.61 -40.29 -3.15
C GLY D 465 36.43 -39.33 -3.98
N LYS D 466 36.39 -39.47 -5.31
CA LYS D 466 37.13 -38.62 -6.24
C LYS D 466 36.20 -37.66 -6.97
N VAL D 467 36.64 -36.40 -7.09
CA VAL D 467 35.97 -35.37 -7.88
C VAL D 467 36.45 -35.69 -9.32
N THR D 468 35.58 -36.30 -10.13
CA THR D 468 35.94 -36.74 -11.48
C THR D 468 35.79 -35.65 -12.57
N LYS D 469 35.02 -34.59 -12.29
CA LYS D 469 34.81 -33.50 -13.26
C LYS D 469 34.65 -32.16 -12.58
N SER D 470 35.48 -31.20 -12.97
CA SER D 470 35.46 -29.85 -12.42
C SER D 470 35.28 -28.77 -13.52
N TYR D 471 34.72 -27.63 -13.10
CA TYR D 471 34.49 -26.46 -13.92
C TYR D 471 35.04 -25.26 -13.22
N SER D 472 35.66 -24.35 -14.00
CA SER D 472 36.16 -23.09 -13.45
C SER D 472 34.98 -22.13 -13.35
N PHE D 473 35.12 -21.11 -12.51
CA PHE D 473 34.10 -20.06 -12.35
C PHE D 473 33.81 -19.33 -13.68
N ASP D 474 34.83 -19.22 -14.57
CA ASP D 474 34.76 -18.61 -15.92
C ASP D 474 33.89 -19.43 -16.88
N GLU D 475 33.96 -20.77 -16.80
CA GLU D 475 33.15 -21.71 -17.59
C GLU D 475 31.68 -21.53 -17.18
N ILE D 476 31.45 -21.47 -15.84
CA ILE D 476 30.13 -21.30 -15.23
C ILE D 476 29.49 -19.97 -15.67
N ARG D 477 30.26 -18.86 -15.62
CA ARG D 477 29.80 -17.53 -16.03
C ARG D 477 29.34 -17.54 -17.49
N LYS D 478 30.14 -18.18 -18.38
CA LYS D 478 29.79 -18.30 -19.79
C LYS D 478 28.49 -19.08 -19.95
N ASN D 479 28.40 -20.28 -19.32
CA ASN D 479 27.22 -21.15 -19.38
C ASN D 479 25.90 -20.46 -18.94
N ALA D 480 26.00 -19.63 -17.90
CA ALA D 480 24.89 -18.90 -17.28
C ALA D 480 24.56 -17.56 -17.92
N GLN D 481 25.25 -17.20 -19.03
CA GLN D 481 25.00 -15.91 -19.70
C GLN D 481 23.56 -15.78 -20.24
N LEU D 482 23.11 -14.52 -20.39
CA LEU D 482 21.79 -14.18 -20.89
C LEU D 482 21.65 -14.54 -22.38
N ASN D 483 20.50 -15.15 -22.76
CA ASN D 483 20.15 -15.62 -24.11
C ASN D 483 20.22 -14.52 -25.17
N ILE D 484 19.54 -13.38 -24.91
CA ILE D 484 19.50 -12.25 -25.84
C ILE D 484 20.08 -11.01 -25.16
C1 CVJ E . -35.51 2.05 -2.95
C2 CVJ E . -35.99 2.11 -4.26
C3 CVJ E . -37.40 2.20 -4.44
C11 CVJ E . -38.19 0.67 1.27
C12 CVJ E . -37.36 0.62 2.53
C14 CVJ E . -35.83 0.62 2.28
C15 CVJ E . -35.21 2.55 -6.63
C16 CVJ E . -33.96 2.48 -7.45
C18 CVJ E . -33.74 3.65 -8.46
C19 CVJ E . -32.35 4.28 -8.56
C20 CVJ E . -31.34 4.08 -7.59
C21 CVJ E . -30.10 4.75 -7.70
C22 CVJ E . -29.92 5.66 -8.76
C24 CVJ E . -32.11 5.24 -9.56
C25 CVJ E . -34.02 2.22 -8.96
C4 CVJ E . -38.27 2.19 -3.32
C5 CVJ E . -37.79 2.11 -2.01
C6 CVJ E . -36.38 2.01 -1.84
C7 CVJ E . -38.76 2.04 -0.79
N8 CVJ E . -35.05 2.13 -5.33
N9 CVJ E . -38.07 1.79 0.49
C10 CVJ E . -39.69 3.27 -0.70
O13 CVJ E . -38.92 -0.30 1.05
O17 CVJ E . -36.23 3.06 -7.11
N23 CVJ E . -30.93 5.88 -9.65
P PO4 F . -18.61 35.11 1.90
O1 PO4 F . -19.68 36.10 1.26
O2 PO4 F . -19.41 34.11 2.86
O3 PO4 F . -17.60 35.95 2.66
O4 PO4 F . -17.85 34.28 0.76
P PO4 G . -31.67 3.99 -14.30
O1 PO4 G . -32.54 5.31 -14.62
O2 PO4 G . -31.33 3.25 -15.67
O3 PO4 G . -32.43 3.10 -13.29
O4 PO4 G . -30.32 4.46 -13.59
P PO4 H . -31.62 13.02 -11.12
O1 PO4 H . -32.90 13.98 -11.17
O2 PO4 H . -31.77 11.98 -9.92
O3 PO4 H . -30.35 13.88 -10.92
O4 PO4 H . -31.51 12.23 -12.51
C1 CVJ I . -4.48 35.85 -7.95
C2 CVJ I . -5.19 36.84 -7.24
C3 CVJ I . -5.36 38.11 -7.85
C11 CVJ I . -1.28 36.72 -11.78
C12 CVJ I . -0.56 35.52 -12.34
C14 CVJ I . -0.76 34.19 -11.58
C15 CVJ I . -6.77 37.13 -5.29
C16 CVJ I . -7.23 36.43 -4.03
C18 CVJ I . -8.75 36.44 -3.71
C19 CVJ I . -9.29 35.09 -3.25
C20 CVJ I . -8.54 33.89 -3.36
C21 CVJ I . -9.07 32.67 -2.94
C22 CVJ I . -10.40 32.65 -2.46
C24 CVJ I . -10.61 35.01 -2.77
C25 CVJ I . -7.76 37.26 -2.85
C4 CVJ I . -4.79 38.39 -9.10
C5 CVJ I . -4.08 37.40 -9.81
C6 CVJ I . -3.93 36.12 -9.22
C7 CVJ I . -3.46 37.75 -11.19
N8 CVJ I . -5.80 36.47 -5.99
N9 CVJ I . -2.64 36.67 -11.73
C10 CVJ I . -4.57 38.09 -12.21
O13 CVJ I . -0.62 37.71 -11.45
O17 CVJ I . -7.29 38.19 -5.60
N23 CVJ I . -11.13 33.82 -2.39
P PO4 J . -11.82 37.07 1.50
O1 PO4 J . -11.83 37.81 2.93
O2 PO4 J . -10.40 36.93 0.94
O3 PO4 J . -12.70 37.87 0.43
O4 PO4 J . -12.44 35.61 1.71
P PO4 K . -18.15 32.87 -4.49
O1 PO4 K . -18.33 33.26 -2.98
O2 PO4 K . -18.44 31.30 -4.63
O3 PO4 K . -19.20 33.72 -5.36
O4 PO4 K . -16.67 33.21 -4.97
P PO4 L . -30.13 10.11 -17.19
O1 PO4 L . -30.30 10.26 -15.60
O2 PO4 L . -29.70 11.45 -17.85
O3 PO4 L . -31.55 9.64 -17.78
O4 PO4 L . -29.04 8.98 -17.51
C1 CVJ M . 10.46 -37.07 15.32
C2 CVJ M . 9.63 -37.45 14.23
C3 CVJ M . 8.29 -37.80 14.48
C11 CVJ M . 9.49 -37.84 20.27
C12 CVJ M . 10.54 -37.29 21.19
C14 CVJ M . 11.98 -37.33 20.60
C15 CVJ M . 9.60 -37.61 11.73
C16 CVJ M . 10.54 -37.54 10.57
C18 CVJ M . 10.11 -36.69 9.37
C19 CVJ M . 11.21 -35.86 8.72
C20 CVJ M . 12.45 -35.65 9.32
C21 CVJ M . 13.39 -34.78 8.71
C22 CVJ M . 13.04 -34.18 7.50
C24 CVJ M . 10.91 -35.21 7.52
C25 CVJ M . 10.11 -38.22 9.26
C4 CVJ M . 7.78 -37.75 15.79
C5 CVJ M . 8.59 -37.37 16.88
C6 CVJ M . 9.94 -37.03 16.63
C7 CVJ M . 8.01 -37.36 18.32
N8 CVJ M . 10.22 -37.46 12.93
N9 CVJ M . 9.02 -37.00 19.32
C10 CVJ M . 6.79 -36.39 18.42
O13 CVJ M . 9.11 -39.00 20.44
O17 CVJ M . 8.41 -37.76 11.54
N23 CVJ M . 11.84 -34.39 6.94
P PO4 N . 10.23 -37.57 3.24
O1 PO4 N . 9.62 -36.09 3.10
O2 PO4 N . 11.02 -37.67 4.55
O3 PO4 N . 11.09 -37.94 1.94
O4 PO4 N . 9.06 -38.64 3.35
P PO4 O . 9.22 -28.13 4.59
O1 PO4 O . 7.84 -27.34 4.71
O2 PO4 O . 10.42 -27.18 4.75
O3 PO4 O . 9.32 -28.85 3.15
O4 PO4 O . 9.25 -29.23 5.75
P PO4 P . 19.17 -1.06 7.74
O1 PO4 P . 18.83 -1.32 9.28
O2 PO4 P . 18.98 0.44 7.38
O3 PO4 P . 18.21 -1.93 6.78
O4 PO4 P . 20.68 -1.50 7.44
C1 CVJ Q . 29.38 -0.24 -4.50
C2 CVJ Q . 28.56 0.68 -3.83
C3 CVJ Q . 27.85 1.63 -4.60
C11 CVJ Q . 31.22 -0.14 -9.08
C12 CVJ Q . 32.03 -1.37 -9.46
C14 CVJ Q . 33.27 -1.67 -8.57
C15 CVJ Q . 27.57 0.99 -1.55
C16 CVJ Q . 27.80 0.53 -0.11
C18 CVJ Q . 26.53 0.31 0.75
C19 CVJ Q . 26.44 -0.89 1.71
C20 CVJ Q . 27.36 -1.96 1.69
C21 CVJ Q . 27.21 -3.04 2.57
C22 CVJ Q . 26.12 -3.05 3.46
C24 CVJ Q . 25.35 -0.97 2.59
C25 CVJ Q . 27.48 1.47 1.07
C4 CVJ Q . 27.99 1.65 -6.00
C5 CVJ Q . 28.79 0.71 -6.68
C6 CVJ Q . 29.49 -0.23 -5.89
C7 CVJ Q . 29.02 0.72 -8.22
N8 CVJ Q . 28.50 0.54 -2.42
N9 CVJ Q . 29.94 -0.36 -8.65
C10 CVJ Q . 27.72 0.69 -9.06
O13 CVJ Q . 31.73 0.97 -9.18
O17 CVJ Q . 26.59 1.66 -1.85
N23 CVJ Q . 25.23 -2.02 3.45
P PO4 R . 9.85 -32.07 -0.73
O1 PO4 R . 8.75 -31.84 0.33
O2 PO4 R . 9.65 -33.47 -1.45
O3 PO4 R . 9.72 -30.93 -1.85
O4 PO4 R . 11.28 -32.10 -0.02
P PO4 S . 18.29 -5.35 2.57
O1 PO4 S . 17.28 -4.37 3.36
O2 PO4 S . 19.33 -4.50 1.79
O3 PO4 S . 17.48 -6.24 1.51
O4 PO4 S . 19.04 -6.26 3.65
#